data_9BAC
# 
_entry.id   9BAC 
# 
_audit_conform.dict_name       mmcif_pdbx.dic 
_audit_conform.dict_version    5.406 
_audit_conform.dict_location   http://mmcif.pdb.org/dictionaries/ascii/mmcif_pdbx.dic 
# 
loop_
_database_2.database_id 
_database_2.database_code 
_database_2.pdbx_database_accession 
_database_2.pdbx_DOI 
PDB   9BAC         pdb_00009bac 10.2210/pdb9bac/pdb 
WWPDB D_1000282965 ?            ?                   
EMDB  EMD-44404    ?            ?                   
# 
loop_
_pdbx_audit_revision_history.ordinal 
_pdbx_audit_revision_history.data_content_type 
_pdbx_audit_revision_history.major_revision 
_pdbx_audit_revision_history.minor_revision 
_pdbx_audit_revision_history.revision_date 
_pdbx_audit_revision_history.part_number 
1 'Structure model' 1 0 2025-04-09 ? 
2 'EM metadata'     1 0 2025-04-09 ? 
3 'Additional map'  1 0 2025-04-09 1 
4 FSC               1 0 2025-04-09 ? 
5 'Half map'        1 0 2025-04-09 1 
6 'Half map'        1 0 2025-04-09 2 
7 Image             1 0 2025-04-09 ? 
8 'Primary map'     1 0 2025-04-09 ? 
9 'Structure model' 1 1 2025-10-29 ? 
# 
loop_
_pdbx_audit_revision_details.ordinal 
_pdbx_audit_revision_details.revision_ordinal 
_pdbx_audit_revision_details.data_content_type 
_pdbx_audit_revision_details.provider 
_pdbx_audit_revision_details.type 
_pdbx_audit_revision_details.description 
_pdbx_audit_revision_details.details 
1 1 'Structure model' repository 'Initial release' ? ? 
2 2 'EM metadata'     repository 'Initial release' ? ? 
3 3 'Additional map'  repository 'Initial release' ? ? 
4 4 FSC               repository 'Initial release' ? ? 
5 5 'Half map'        repository 'Initial release' ? ? 
6 6 'Half map'        repository 'Initial release' ? ? 
7 7 Image             repository 'Initial release' ? ? 
8 8 'Primary map'     repository 'Initial release' ? ? 
# 
loop_
_pdbx_audit_revision_group.ordinal 
_pdbx_audit_revision_group.revision_ordinal 
_pdbx_audit_revision_group.data_content_type 
_pdbx_audit_revision_group.group 
1 9 'Structure model' 'Data collection'     
2 9 'Structure model' 'Database references' 
# 
loop_
_pdbx_audit_revision_category.ordinal 
_pdbx_audit_revision_category.revision_ordinal 
_pdbx_audit_revision_category.data_content_type 
_pdbx_audit_revision_category.category 
1 9 'Structure model' citation        
2 9 'Structure model' citation_author 
3 9 'Structure model' em_admin        
# 
loop_
_pdbx_audit_revision_item.ordinal 
_pdbx_audit_revision_item.revision_ordinal 
_pdbx_audit_revision_item.data_content_type 
_pdbx_audit_revision_item.item 
1  9 'Structure model' '_citation.country'                 
2  9 'Structure model' '_citation.journal_abbrev'          
3  9 'Structure model' '_citation.journal_id_CSD'          
4  9 'Structure model' '_citation.journal_id_ISSN'         
5  9 'Structure model' '_citation.journal_volume'          
6  9 'Structure model' '_citation.page_first'              
7  9 'Structure model' '_citation.page_last'               
8  9 'Structure model' '_citation.pdbx_database_id_DOI'    
9  9 'Structure model' '_citation.pdbx_database_id_PubMed' 
10 9 'Structure model' '_citation.title'                   
11 9 'Structure model' '_citation.year'                    
12 9 'Structure model' '_em_admin.last_update'             
# 
_pdbx_database_status.status_code                     REL 
_pdbx_database_status.status_code_sf                  ? 
_pdbx_database_status.status_code_mr                  ? 
_pdbx_database_status.entry_id                        9BAC 
_pdbx_database_status.recvd_initial_deposition_date   2024-04-03 
_pdbx_database_status.SG_entry                        N 
_pdbx_database_status.deposit_site                    RCSB 
_pdbx_database_status.process_site                    RCSB 
_pdbx_database_status.status_code_cs                  ? 
_pdbx_database_status.status_code_nmr_data            ? 
_pdbx_database_status.methods_development_category    ? 
_pdbx_database_status.pdb_format_compatible           Y 
# 
loop_
_pdbx_database_related.db_name 
_pdbx_database_related.details 
_pdbx_database_related.db_id 
_pdbx_database_related.content_type 
EMDB . EMD-44403 'other EM volume'      
EMDB . EMD-44404 'associated EM volume' 
# 
_pdbx_contact_author.id                 2 
_pdbx_contact_author.email              ehe2n@virginia.edu 
_pdbx_contact_author.name_first         Edward 
_pdbx_contact_author.name_last          Egelman 
_pdbx_contact_author.name_mi            H. 
_pdbx_contact_author.role               'principal investigator/group leader' 
_pdbx_contact_author.identifier_ORCID   0000-0003-4844-5212 
# 
loop_
_audit_author.name 
_audit_author.pdbx_ordinal 
_audit_author.identifier_ORCID 
'Sonani, R.R.'   1 ? 
'Miller, J.G.'   2 ? 
'Conticello, V.' 3 ? 
'Egelman, E.H.'  4 ? 
# 
_citation.abstract                  ? 
_citation.abstract_id_CAS           ? 
_citation.book_id_ISBN              ? 
_citation.book_publisher            ? 
_citation.book_publisher_city       ? 
_citation.book_title                ? 
_citation.coordinate_linkage        ? 
_citation.country                   UK 
_citation.database_id_Medline       ? 
_citation.details                   ? 
_citation.id                        primary 
_citation.journal_abbrev            'Nat Commun' 
_citation.journal_id_ASTM           ? 
_citation.journal_id_CSD            ? 
_citation.journal_id_ISSN           2041-1723 
_citation.journal_full              ? 
_citation.journal_issue             ? 
_citation.journal_volume            16 
_citation.language                  ? 
_citation.page_first                9082 
_citation.page_last                 9082 
_citation.title                     
'Donor strand complementation and calcium ion coordination drive the chaperone-free polymerization of archaeal cannulae.' 
_citation.year                      2025 
_citation.database_id_CSD           ? 
_citation.pdbx_database_id_DOI      10.1038/s41467-025-64120-8 
_citation.pdbx_database_id_PubMed   41083437 
_citation.pdbx_database_id_patent   ? 
_citation.unpublished_flag          ? 
# 
loop_
_citation_author.citation_id 
_citation_author.name 
_citation_author.ordinal 
_citation_author.identifier_ORCID 
primary 'Sleutel, M.'          1  0000-0003-3247-2187 
primary 'Sonani, R.R.'         2  0000-0002-6212-2869 
primary 'Miller, J.G.'         3  ?                   
primary 'Wang, F.'             4  0000-0003-1008-663X 
primary 'Gonzalez Socorro, A.' 5  0009-0003-3121-2209 
primary 'Chen, Y.'             6  0009-0008-6401-1266 
primary 'Martin, R.'           7  0009-0007-0244-8633 
primary 'Demeler, B.'          8  0000-0002-2414-9518 
primary 'Rudolph, M.J.'        9  0000-0002-5893-9817 
primary 'Alva, V.'             10 0000-0003-1188-473X 
primary 'Remaut, H.'           11 0000-0002-9775-4102 
primary 'Egelman, E.H.'        12 0000-0003-4844-5212 
primary 'Conticello, V.P.'     13 0000-0001-6940-6947 
# 
loop_
_entity.id 
_entity.type 
_entity.src_method 
_entity.pdbx_description 
_entity.formula_weight 
_entity.pdbx_number_of_molecules 
_entity.pdbx_ec 
_entity.pdbx_mutation 
_entity.pdbx_fragment 
_entity.details 
1 polymer     man 'DUF1102 domain-containing protein' 16234.279 1 ? ? ? ? 
2 non-polymer syn 'CALCIUM ION'                       40.078    3 ? ? ? ? 
# 
_entity_name_com.entity_id   1 
_entity_name_com.name        Hyper2 
# 
_entity_poly.entity_id                      1 
_entity_poly.type                           'polypeptide(L)' 
_entity_poly.nstd_linkage                   no 
_entity_poly.nstd_monomer                   no 
_entity_poly.pdbx_seq_one_letter_code       
;MSVTSDRTYYGYGDVSVKNEPVNVVVSPFSFPGANASLSSGGQGVFKKPDWIRVVNQSDVENVKLEIDWVNANQAANYFD
YARILVTGPNGQVKGYLSLQHGKAWITLDAEELREGAVLGAVMYYEVKEGVLASRLPLVFKVRVVETG
;
_entity_poly.pdbx_seq_one_letter_code_can   
;MSVTSDRTYYGYGDVSVKNEPVNVVVSPFSFPGANASLSSGGQGVFKKPDWIRVVNQSDVENVKLEIDWVNANQAANYFD
YARILVTGPNGQVKGYLSLQHGKAWITLDAEELREGAVLGAVMYYEVKEGVLASRLPLVFKVRVVETG
;
_entity_poly.pdbx_strand_id                 z 
_entity_poly.pdbx_target_identifier         ? 
# 
_pdbx_entity_nonpoly.entity_id   2 
_pdbx_entity_nonpoly.name        'CALCIUM ION' 
_pdbx_entity_nonpoly.comp_id     CA 
# 
loop_
_entity_poly_seq.entity_id 
_entity_poly_seq.num 
_entity_poly_seq.mon_id 
_entity_poly_seq.hetero 
1 1   MET n 
1 2   SER n 
1 3   VAL n 
1 4   THR n 
1 5   SER n 
1 6   ASP n 
1 7   ARG n 
1 8   THR n 
1 9   TYR n 
1 10  TYR n 
1 11  GLY n 
1 12  TYR n 
1 13  GLY n 
1 14  ASP n 
1 15  VAL n 
1 16  SER n 
1 17  VAL n 
1 18  LYS n 
1 19  ASN n 
1 20  GLU n 
1 21  PRO n 
1 22  VAL n 
1 23  ASN n 
1 24  VAL n 
1 25  VAL n 
1 26  VAL n 
1 27  SER n 
1 28  PRO n 
1 29  PHE n 
1 30  SER n 
1 31  PHE n 
1 32  PRO n 
1 33  GLY n 
1 34  ALA n 
1 35  ASN n 
1 36  ALA n 
1 37  SER n 
1 38  LEU n 
1 39  SER n 
1 40  SER n 
1 41  GLY n 
1 42  GLY n 
1 43  GLN n 
1 44  GLY n 
1 45  VAL n 
1 46  PHE n 
1 47  LYS n 
1 48  LYS n 
1 49  PRO n 
1 50  ASP n 
1 51  TRP n 
1 52  ILE n 
1 53  ARG n 
1 54  VAL n 
1 55  VAL n 
1 56  ASN n 
1 57  GLN n 
1 58  SER n 
1 59  ASP n 
1 60  VAL n 
1 61  GLU n 
1 62  ASN n 
1 63  VAL n 
1 64  LYS n 
1 65  LEU n 
1 66  GLU n 
1 67  ILE n 
1 68  ASP n 
1 69  TRP n 
1 70  VAL n 
1 71  ASN n 
1 72  ALA n 
1 73  ASN n 
1 74  GLN n 
1 75  ALA n 
1 76  ALA n 
1 77  ASN n 
1 78  TYR n 
1 79  PHE n 
1 80  ASP n 
1 81  TYR n 
1 82  ALA n 
1 83  ARG n 
1 84  ILE n 
1 85  LEU n 
1 86  VAL n 
1 87  THR n 
1 88  GLY n 
1 89  PRO n 
1 90  ASN n 
1 91  GLY n 
1 92  GLN n 
1 93  VAL n 
1 94  LYS n 
1 95  GLY n 
1 96  TYR n 
1 97  LEU n 
1 98  SER n 
1 99  LEU n 
1 100 GLN n 
1 101 HIS n 
1 102 GLY n 
1 103 LYS n 
1 104 ALA n 
1 105 TRP n 
1 106 ILE n 
1 107 THR n 
1 108 LEU n 
1 109 ASP n 
1 110 ALA n 
1 111 GLU n 
1 112 GLU n 
1 113 LEU n 
1 114 ARG n 
1 115 GLU n 
1 116 GLY n 
1 117 ALA n 
1 118 VAL n 
1 119 LEU n 
1 120 GLY n 
1 121 ALA n 
1 122 VAL n 
1 123 MET n 
1 124 TYR n 
1 125 TYR n 
1 126 GLU n 
1 127 VAL n 
1 128 LYS n 
1 129 GLU n 
1 130 GLY n 
1 131 VAL n 
1 132 LEU n 
1 133 ALA n 
1 134 SER n 
1 135 ARG n 
1 136 LEU n 
1 137 PRO n 
1 138 LEU n 
1 139 VAL n 
1 140 PHE n 
1 141 LYS n 
1 142 VAL n 
1 143 ARG n 
1 144 VAL n 
1 145 VAL n 
1 146 GLU n 
1 147 THR n 
1 148 GLY n 
# 
_entity_src_gen.entity_id                          1 
_entity_src_gen.pdbx_src_id                        1 
_entity_src_gen.pdbx_alt_source_flag               sample 
_entity_src_gen.pdbx_seq_type                      'Biological sequence' 
_entity_src_gen.pdbx_beg_seq_num                   1 
_entity_src_gen.pdbx_end_seq_num                   148 
_entity_src_gen.gene_src_common_name               ? 
_entity_src_gen.gene_src_genus                     ? 
_entity_src_gen.pdbx_gene_src_gene                 DSY37_03180 
_entity_src_gen.gene_src_species                   ? 
_entity_src_gen.gene_src_strain                    ? 
_entity_src_gen.gene_src_tissue                    ? 
_entity_src_gen.gene_src_tissue_fraction           ? 
_entity_src_gen.gene_src_details                   ? 
_entity_src_gen.pdbx_gene_src_fragment             ? 
_entity_src_gen.pdbx_gene_src_scientific_name      'Hyperthermus sp.' 
_entity_src_gen.pdbx_gene_src_ncbi_taxonomy_id     1970083 
_entity_src_gen.pdbx_gene_src_variant              ? 
_entity_src_gen.pdbx_gene_src_cell_line            ? 
_entity_src_gen.pdbx_gene_src_atcc                 ? 
_entity_src_gen.pdbx_gene_src_organ                ? 
_entity_src_gen.pdbx_gene_src_organelle            ? 
_entity_src_gen.pdbx_gene_src_cell                 ? 
_entity_src_gen.pdbx_gene_src_cellular_location    ? 
_entity_src_gen.host_org_common_name               ? 
_entity_src_gen.pdbx_host_org_scientific_name      'Escherichia coli BL21' 
_entity_src_gen.pdbx_host_org_ncbi_taxonomy_id     511693 
_entity_src_gen.host_org_genus                     ? 
_entity_src_gen.pdbx_host_org_gene                 ? 
_entity_src_gen.pdbx_host_org_organ                ? 
_entity_src_gen.host_org_species                   ? 
_entity_src_gen.pdbx_host_org_tissue               ? 
_entity_src_gen.pdbx_host_org_tissue_fraction      ? 
_entity_src_gen.pdbx_host_org_strain               ? 
_entity_src_gen.pdbx_host_org_variant              ? 
_entity_src_gen.pdbx_host_org_cell_line            ? 
_entity_src_gen.pdbx_host_org_atcc                 ? 
_entity_src_gen.pdbx_host_org_culture_collection   ? 
_entity_src_gen.pdbx_host_org_cell                 ? 
_entity_src_gen.pdbx_host_org_organelle            ? 
_entity_src_gen.pdbx_host_org_cellular_location    ? 
_entity_src_gen.pdbx_host_org_vector_type          ? 
_entity_src_gen.pdbx_host_org_vector               ? 
_entity_src_gen.host_org_details                   ? 
_entity_src_gen.expression_system_id               ? 
_entity_src_gen.plasmid_name                       ? 
_entity_src_gen.plasmid_details                    ? 
_entity_src_gen.pdbx_description                   ? 
# 
loop_
_chem_comp.id 
_chem_comp.type 
_chem_comp.mon_nstd_flag 
_chem_comp.name 
_chem_comp.pdbx_synonyms 
_chem_comp.formula 
_chem_comp.formula_weight 
ALA 'L-peptide linking' y ALANINE         ? 'C3 H7 N O2'     89.093  
ARG 'L-peptide linking' y ARGININE        ? 'C6 H15 N4 O2 1' 175.209 
ASN 'L-peptide linking' y ASPARAGINE      ? 'C4 H8 N2 O3'    132.118 
ASP 'L-peptide linking' y 'ASPARTIC ACID' ? 'C4 H7 N O4'     133.103 
CA  non-polymer         . 'CALCIUM ION'   ? 'Ca 2'           40.078  
GLN 'L-peptide linking' y GLUTAMINE       ? 'C5 H10 N2 O3'   146.144 
GLU 'L-peptide linking' y 'GLUTAMIC ACID' ? 'C5 H9 N O4'     147.129 
GLY 'peptide linking'   y GLYCINE         ? 'C2 H5 N O2'     75.067  
HIS 'L-peptide linking' y HISTIDINE       ? 'C6 H10 N3 O2 1' 156.162 
ILE 'L-peptide linking' y ISOLEUCINE      ? 'C6 H13 N O2'    131.173 
LEU 'L-peptide linking' y LEUCINE         ? 'C6 H13 N O2'    131.173 
LYS 'L-peptide linking' y LYSINE          ? 'C6 H15 N2 O2 1' 147.195 
MET 'L-peptide linking' y METHIONINE      ? 'C5 H11 N O2 S'  149.211 
PHE 'L-peptide linking' y PHENYLALANINE   ? 'C9 H11 N O2'    165.189 
PRO 'L-peptide linking' y PROLINE         ? 'C5 H9 N O2'     115.130 
SER 'L-peptide linking' y SERINE          ? 'C3 H7 N O3'     105.093 
THR 'L-peptide linking' y THREONINE       ? 'C4 H9 N O3'     119.119 
TRP 'L-peptide linking' y TRYPTOPHAN      ? 'C11 H12 N2 O2'  204.225 
TYR 'L-peptide linking' y TYROSINE        ? 'C9 H11 N O3'    181.189 
VAL 'L-peptide linking' y VALINE          ? 'C5 H11 N O2'    117.146 
# 
loop_
_pdbx_poly_seq_scheme.asym_id 
_pdbx_poly_seq_scheme.entity_id 
_pdbx_poly_seq_scheme.seq_id 
_pdbx_poly_seq_scheme.mon_id 
_pdbx_poly_seq_scheme.ndb_seq_num 
_pdbx_poly_seq_scheme.pdb_seq_num 
_pdbx_poly_seq_scheme.auth_seq_num 
_pdbx_poly_seq_scheme.pdb_mon_id 
_pdbx_poly_seq_scheme.auth_mon_id 
_pdbx_poly_seq_scheme.pdb_strand_id 
_pdbx_poly_seq_scheme.pdb_ins_code 
_pdbx_poly_seq_scheme.hetero 
A 1 1   MET 1   0   ?   ?   ?   z . n 
A 1 2   SER 2   1   1   SER SER z . n 
A 1 3   VAL 3   2   2   VAL VAL z . n 
A 1 4   THR 4   3   3   THR THR z . n 
A 1 5   SER 5   4   4   SER SER z . n 
A 1 6   ASP 6   5   5   ASP ASP z . n 
A 1 7   ARG 7   6   6   ARG ARG z . n 
A 1 8   THR 8   7   7   THR THR z . n 
A 1 9   TYR 9   8   8   TYR TYR z . n 
A 1 10  TYR 10  9   9   TYR TYR z . n 
A 1 11  GLY 11  10  10  GLY GLY z . n 
A 1 12  TYR 12  11  11  TYR TYR z . n 
A 1 13  GLY 13  12  12  GLY GLY z . n 
A 1 14  ASP 14  13  13  ASP ASP z . n 
A 1 15  VAL 15  14  14  VAL VAL z . n 
A 1 16  SER 16  15  15  SER SER z . n 
A 1 17  VAL 17  16  16  VAL VAL z . n 
A 1 18  LYS 18  17  17  LYS LYS z . n 
A 1 19  ASN 19  18  18  ASN ASN z . n 
A 1 20  GLU 20  19  19  GLU GLU z . n 
A 1 21  PRO 21  20  20  PRO PRO z . n 
A 1 22  VAL 22  21  21  VAL VAL z . n 
A 1 23  ASN 23  22  22  ASN ASN z . n 
A 1 24  VAL 24  23  23  VAL VAL z . n 
A 1 25  VAL 25  24  24  VAL VAL z . n 
A 1 26  VAL 26  25  25  VAL VAL z . n 
A 1 27  SER 27  26  26  SER SER z . n 
A 1 28  PRO 28  27  27  PRO PRO z . n 
A 1 29  PHE 29  28  28  PHE PHE z . n 
A 1 30  SER 30  29  29  SER SER z . n 
A 1 31  PHE 31  30  30  PHE PHE z . n 
A 1 32  PRO 32  31  31  PRO PRO z . n 
A 1 33  GLY 33  32  32  GLY GLY z . n 
A 1 34  ALA 34  33  33  ALA ALA z . n 
A 1 35  ASN 35  34  34  ASN ASN z . n 
A 1 36  ALA 36  35  35  ALA ALA z . n 
A 1 37  SER 37  36  36  SER SER z . n 
A 1 38  LEU 38  37  37  LEU LEU z . n 
A 1 39  SER 39  38  38  SER SER z . n 
A 1 40  SER 40  39  39  SER SER z . n 
A 1 41  GLY 41  40  40  GLY GLY z . n 
A 1 42  GLY 42  41  41  GLY GLY z . n 
A 1 43  GLN 43  42  42  GLN GLN z . n 
A 1 44  GLY 44  43  43  GLY GLY z . n 
A 1 45  VAL 45  44  44  VAL VAL z . n 
A 1 46  PHE 46  45  45  PHE PHE z . n 
A 1 47  LYS 47  46  46  LYS LYS z . n 
A 1 48  LYS 48  47  47  LYS LYS z . n 
A 1 49  PRO 49  48  48  PRO PRO z . n 
A 1 50  ASP 50  49  49  ASP ASP z . n 
A 1 51  TRP 51  50  50  TRP TRP z . n 
A 1 52  ILE 52  51  51  ILE ILE z . n 
A 1 53  ARG 53  52  52  ARG ARG z . n 
A 1 54  VAL 54  53  53  VAL VAL z . n 
A 1 55  VAL 55  54  54  VAL VAL z . n 
A 1 56  ASN 56  55  55  ASN ASN z . n 
A 1 57  GLN 57  56  56  GLN GLN z . n 
A 1 58  SER 58  57  57  SER SER z . n 
A 1 59  ASP 59  58  58  ASP ASP z . n 
A 1 60  VAL 60  59  59  VAL VAL z . n 
A 1 61  GLU 61  60  60  GLU GLU z . n 
A 1 62  ASN 62  61  61  ASN ASN z . n 
A 1 63  VAL 63  62  62  VAL VAL z . n 
A 1 64  LYS 64  63  63  LYS LYS z . n 
A 1 65  LEU 65  64  64  LEU LEU z . n 
A 1 66  GLU 66  65  65  GLU GLU z . n 
A 1 67  ILE 67  66  66  ILE ILE z . n 
A 1 68  ASP 68  67  67  ASP ASP z . n 
A 1 69  TRP 69  68  68  TRP TRP z . n 
A 1 70  VAL 70  69  69  VAL VAL z . n 
A 1 71  ASN 71  70  70  ASN ASN z . n 
A 1 72  ALA 72  71  71  ALA ALA z . n 
A 1 73  ASN 73  72  72  ASN ASN z . n 
A 1 74  GLN 74  73  73  GLN GLN z . n 
A 1 75  ALA 75  74  74  ALA ALA z . n 
A 1 76  ALA 76  75  75  ALA ALA z . n 
A 1 77  ASN 77  76  76  ASN ASN z . n 
A 1 78  TYR 78  77  77  TYR TYR z . n 
A 1 79  PHE 79  78  78  PHE PHE z . n 
A 1 80  ASP 80  79  79  ASP ASP z . n 
A 1 81  TYR 81  80  80  TYR TYR z . n 
A 1 82  ALA 82  81  81  ALA ALA z . n 
A 1 83  ARG 83  82  82  ARG ARG z . n 
A 1 84  ILE 84  83  83  ILE ILE z . n 
A 1 85  LEU 85  84  84  LEU LEU z . n 
A 1 86  VAL 86  85  85  VAL VAL z . n 
A 1 87  THR 87  86  86  THR THR z . n 
A 1 88  GLY 88  87  87  GLY GLY z . n 
A 1 89  PRO 89  88  88  PRO PRO z . n 
A 1 90  ASN 90  89  89  ASN ASN z . n 
A 1 91  GLY 91  90  90  GLY GLY z . n 
A 1 92  GLN 92  91  91  GLN GLN z . n 
A 1 93  VAL 93  92  92  VAL VAL z . n 
A 1 94  LYS 94  93  93  LYS LYS z . n 
A 1 95  GLY 95  94  94  GLY GLY z . n 
A 1 96  TYR 96  95  95  TYR TYR z . n 
A 1 97  LEU 97  96  96  LEU LEU z . n 
A 1 98  SER 98  97  97  SER SER z . n 
A 1 99  LEU 99  98  98  LEU LEU z . n 
A 1 100 GLN 100 99  99  GLN GLN z . n 
A 1 101 HIS 101 100 100 HIS HIS z . n 
A 1 102 GLY 102 101 101 GLY GLY z . n 
A 1 103 LYS 103 102 102 LYS LYS z . n 
A 1 104 ALA 104 103 103 ALA ALA z . n 
A 1 105 TRP 105 104 104 TRP TRP z . n 
A 1 106 ILE 106 105 105 ILE ILE z . n 
A 1 107 THR 107 106 106 THR THR z . n 
A 1 108 LEU 108 107 107 LEU LEU z . n 
A 1 109 ASP 109 108 108 ASP ASP z . n 
A 1 110 ALA 110 109 109 ALA ALA z . n 
A 1 111 GLU 111 110 110 GLU GLU z . n 
A 1 112 GLU 112 111 111 GLU GLU z . n 
A 1 113 LEU 113 112 112 LEU LEU z . n 
A 1 114 ARG 114 113 113 ARG ARG z . n 
A 1 115 GLU 115 114 114 GLU GLU z . n 
A 1 116 GLY 116 115 115 GLY GLY z . n 
A 1 117 ALA 117 116 116 ALA ALA z . n 
A 1 118 VAL 118 117 117 VAL VAL z . n 
A 1 119 LEU 119 118 118 LEU LEU z . n 
A 1 120 GLY 120 119 119 GLY GLY z . n 
A 1 121 ALA 121 120 120 ALA ALA z . n 
A 1 122 VAL 122 121 121 VAL VAL z . n 
A 1 123 MET 123 122 122 MET MET z . n 
A 1 124 TYR 124 123 123 TYR TYR z . n 
A 1 125 TYR 125 124 124 TYR TYR z . n 
A 1 126 GLU 126 125 125 GLU GLU z . n 
A 1 127 VAL 127 126 126 VAL VAL z . n 
A 1 128 LYS 128 127 127 LYS LYS z . n 
A 1 129 GLU 129 128 128 GLU GLU z . n 
A 1 130 GLY 130 129 129 GLY GLY z . n 
A 1 131 VAL 131 130 130 VAL VAL z . n 
A 1 132 LEU 132 131 131 LEU LEU z . n 
A 1 133 ALA 133 132 132 ALA ALA z . n 
A 1 134 SER 134 133 133 SER SER z . n 
A 1 135 ARG 135 134 134 ARG ARG z . n 
A 1 136 LEU 136 135 135 LEU LEU z . n 
A 1 137 PRO 137 136 136 PRO PRO z . n 
A 1 138 LEU 138 137 137 LEU LEU z . n 
A 1 139 VAL 139 138 138 VAL VAL z . n 
A 1 140 PHE 140 139 139 PHE PHE z . n 
A 1 141 LYS 141 140 140 LYS LYS z . n 
A 1 142 VAL 142 141 141 VAL VAL z . n 
A 1 143 ARG 143 142 142 ARG ARG z . n 
A 1 144 VAL 144 143 143 VAL VAL z . n 
A 1 145 VAL 145 144 144 VAL VAL z . n 
A 1 146 GLU 146 145 145 GLU GLU z . n 
A 1 147 THR 147 146 146 THR THR z . n 
A 1 148 GLY 148 147 147 GLY GLY z . n 
# 
_pdbx_entity_instance_feature.ordinal        1 
_pdbx_entity_instance_feature.comp_id        CA 
_pdbx_entity_instance_feature.asym_id        ? 
_pdbx_entity_instance_feature.seq_num        ? 
_pdbx_entity_instance_feature.auth_comp_id   CA 
_pdbx_entity_instance_feature.auth_asym_id   ? 
_pdbx_entity_instance_feature.auth_seq_num   ? 
_pdbx_entity_instance_feature.feature_type   'SUBJECT OF INVESTIGATION' 
_pdbx_entity_instance_feature.details        ? 
# 
loop_
_pdbx_nonpoly_scheme.asym_id 
_pdbx_nonpoly_scheme.entity_id 
_pdbx_nonpoly_scheme.mon_id 
_pdbx_nonpoly_scheme.ndb_seq_num 
_pdbx_nonpoly_scheme.pdb_seq_num 
_pdbx_nonpoly_scheme.auth_seq_num 
_pdbx_nonpoly_scheme.pdb_mon_id 
_pdbx_nonpoly_scheme.auth_mon_id 
_pdbx_nonpoly_scheme.pdb_strand_id 
_pdbx_nonpoly_scheme.pdb_ins_code 
B 2 CA 1 201 201 CA CA z . 
C 2 CA 1 202 202 CA CA z . 
D 2 CA 1 203 203 CA CA z . 
# 
_cell.angle_alpha                  90.00 
_cell.angle_alpha_esd              ? 
_cell.angle_beta                   90.00 
_cell.angle_beta_esd               ? 
_cell.angle_gamma                  90.00 
_cell.angle_gamma_esd              ? 
_cell.entry_id                     9BAC 
_cell.details                      ? 
_cell.formula_units_Z              ? 
_cell.length_a                     1.00 
_cell.length_a_esd                 ? 
_cell.length_b                     1.00 
_cell.length_b_esd                 ? 
_cell.length_c                     1.00 
_cell.length_c_esd                 ? 
_cell.volume                       ? 
_cell.volume_esd                   ? 
_cell.Z_PDB                        ? 
_cell.reciprocal_angle_alpha       ? 
_cell.reciprocal_angle_beta        ? 
_cell.reciprocal_angle_gamma       ? 
_cell.reciprocal_angle_alpha_esd   ? 
_cell.reciprocal_angle_beta_esd    ? 
_cell.reciprocal_angle_gamma_esd   ? 
_cell.reciprocal_length_a          ? 
_cell.reciprocal_length_b          ? 
_cell.reciprocal_length_c          ? 
_cell.reciprocal_length_a_esd      ? 
_cell.reciprocal_length_b_esd      ? 
_cell.reciprocal_length_c_esd      ? 
_cell.pdbx_unique_axis             ? 
_cell.pdbx_esd_method              ? 
# 
_symmetry.entry_id                         9BAC 
_symmetry.cell_setting                     ? 
_symmetry.Int_Tables_number                1 
_symmetry.space_group_name_Hall            ? 
_symmetry.space_group_name_H-M             'P 1' 
_symmetry.pdbx_full_space_group_name_H-M   ? 
# 
_exptl.absorpt_coefficient_mu     ? 
_exptl.absorpt_correction_T_max   ? 
_exptl.absorpt_correction_T_min   ? 
_exptl.absorpt_correction_type    ? 
_exptl.absorpt_process_details    ? 
_exptl.entry_id                   9BAC 
_exptl.crystals_number            ? 
_exptl.details                    ? 
_exptl.method                     'ELECTRON MICROSCOPY' 
_exptl.method_details             ? 
# 
_refine.pdbx_refine_id                           'ELECTRON MICROSCOPY' 
_refine.entry_id                                 9BAC 
_refine.pdbx_diffrn_id                           ? 
_refine.pdbx_TLS_residual_ADP_flag               ? 
_refine.ls_number_reflns_obs                     ? 
_refine.ls_number_reflns_all                     ? 
_refine.pdbx_ls_sigma_I                          ? 
_refine.pdbx_ls_sigma_F                          ? 
_refine.pdbx_data_cutoff_high_absF               ? 
_refine.pdbx_data_cutoff_low_absF                ? 
_refine.pdbx_data_cutoff_high_rms_absF           ? 
_refine.ls_d_res_low                             ? 
_refine.ls_d_res_high                            . 
_refine.ls_percent_reflns_obs                    ? 
_refine.ls_R_factor_obs                          ? 
_refine.ls_R_factor_all                          ? 
_refine.ls_R_factor_R_work                       ? 
_refine.ls_R_factor_R_free                       ? 
_refine.ls_R_factor_R_free_error                 ? 
_refine.ls_R_factor_R_free_error_details         ? 
_refine.ls_percent_reflns_R_free                 ? 
_refine.ls_number_reflns_R_free                  ? 
_refine.ls_number_parameters                     ? 
_refine.ls_number_restraints                     ? 
_refine.occupancy_min                            ? 
_refine.occupancy_max                            ? 
_refine.correlation_coeff_Fo_to_Fc               ? 
_refine.correlation_coeff_Fo_to_Fc_free          ? 
_refine.B_iso_mean                               ? 
_refine.aniso_B[1][1]                            ? 
_refine.aniso_B[2][2]                            ? 
_refine.aniso_B[3][3]                            ? 
_refine.aniso_B[1][2]                            ? 
_refine.aniso_B[1][3]                            ? 
_refine.aniso_B[2][3]                            ? 
_refine.solvent_model_details                    ? 
_refine.solvent_model_param_ksol                 ? 
_refine.solvent_model_param_bsol                 ? 
_refine.pdbx_solvent_vdw_probe_radii             ? 
_refine.pdbx_solvent_ion_probe_radii             ? 
_refine.pdbx_solvent_shrinkage_radii             ? 
_refine.pdbx_ls_cross_valid_method               ? 
_refine.details                                  ? 
_refine.pdbx_starting_model                      ? 
_refine.pdbx_method_to_determine_struct          ? 
_refine.pdbx_isotropic_thermal_model             ? 
_refine.pdbx_stereochemistry_target_values       ? 
_refine.pdbx_stereochem_target_val_spec_case     ? 
_refine.pdbx_R_Free_selection_details            ? 
_refine.pdbx_overall_ESU_R                       ? 
_refine.pdbx_overall_ESU_R_Free                  ? 
_refine.overall_SU_ML                            ? 
_refine.pdbx_overall_phase_error                 ? 
_refine.overall_SU_B                             ? 
_refine.overall_SU_R_Cruickshank_DPI             ? 
_refine.pdbx_overall_SU_R_free_Cruickshank_DPI   ? 
_refine.pdbx_overall_SU_R_Blow_DPI               ? 
_refine.pdbx_overall_SU_R_free_Blow_DPI          ? 
# 
loop_
_refine_ls_restr.pdbx_refine_id 
_refine_ls_restr.criterion 
_refine_ls_restr.dev_ideal 
_refine_ls_restr.dev_ideal_target 
_refine_ls_restr.number 
_refine_ls_restr.rejects 
_refine_ls_restr.type 
_refine_ls_restr.weight 
_refine_ls_restr.pdbx_restraint_function 
'ELECTRON MICROSCOPY' ? 0.008  ? 1164 ? f_bond_d           ? ? 
'ELECTRON MICROSCOPY' ? 0.783  ? 1585 ? f_angle_d          ? ? 
'ELECTRON MICROSCOPY' ? 20.223 ? 681  ? f_dihedral_angle_d ? ? 
'ELECTRON MICROSCOPY' ? 0.057  ? 176  ? f_chiral_restr     ? ? 
'ELECTRON MICROSCOPY' ? 0.005  ? 206  ? f_plane_restr      ? ? 
# 
_struct.entry_id                     9BAC 
_struct.title                        'Cryo-EM of Hyper2 tube, ~24 nm diameter' 
_struct.pdbx_model_details           ? 
_struct.pdbx_formula_weight          ? 
_struct.pdbx_formula_weight_method   ? 
_struct.pdbx_model_type_details      ? 
_struct.pdbx_CASP_flag               N 
# 
_struct_keywords.entry_id        9BAC 
_struct_keywords.text            'Hyper2, Protein tube, Helical tube, Strand donation, PROTEIN FIBRIL' 
_struct_keywords.pdbx_keywords   'PROTEIN FIBRIL' 
# 
loop_
_struct_asym.id 
_struct_asym.pdbx_blank_PDB_chainid_flag 
_struct_asym.pdbx_modified 
_struct_asym.entity_id 
_struct_asym.details 
A N N 1 ? 
B N N 2 ? 
C N N 2 ? 
D N N 2 ? 
# 
_struct_ref.id                         1 
_struct_ref.db_name                    UNP 
_struct_ref.db_code                    A0A432R7L7_9CREN 
_struct_ref.pdbx_db_accession          A0A432R7L7 
_struct_ref.pdbx_db_isoform            ? 
_struct_ref.entity_id                  1 
_struct_ref.pdbx_seq_one_letter_code   
;SVTSDRTYYGYGDVSVKNEPVNVVVSPFSFPGANASLSSGGQGVFKKPDWIRVVNQSDVENVKLEIDWVNANQAANYFDY
ARILVTGPNGQVKGYLSLQHGKAWITLDAEELREGAVLGAVMYYEVKEGVLASRLPLVFKVRVVETG
;
_struct_ref.pdbx_align_begin           32 
# 
_struct_ref_seq.align_id                      1 
_struct_ref_seq.ref_id                        1 
_struct_ref_seq.pdbx_PDB_id_code              9BAC 
_struct_ref_seq.pdbx_strand_id                z 
_struct_ref_seq.seq_align_beg                 2 
_struct_ref_seq.pdbx_seq_align_beg_ins_code   ? 
_struct_ref_seq.seq_align_end                 148 
_struct_ref_seq.pdbx_seq_align_end_ins_code   ? 
_struct_ref_seq.pdbx_db_accession             A0A432R7L7 
_struct_ref_seq.db_align_beg                  32 
_struct_ref_seq.pdbx_db_align_beg_ins_code    ? 
_struct_ref_seq.db_align_end                  178 
_struct_ref_seq.pdbx_db_align_end_ins_code    ? 
_struct_ref_seq.pdbx_auth_seq_align_beg       1 
_struct_ref_seq.pdbx_auth_seq_align_end       147 
# 
_struct_ref_seq_dif.align_id                     1 
_struct_ref_seq_dif.pdbx_pdb_id_code             9BAC 
_struct_ref_seq_dif.mon_id                       MET 
_struct_ref_seq_dif.pdbx_pdb_strand_id           z 
_struct_ref_seq_dif.seq_num                      1 
_struct_ref_seq_dif.pdbx_pdb_ins_code            ? 
_struct_ref_seq_dif.pdbx_seq_db_name             UNP 
_struct_ref_seq_dif.pdbx_seq_db_accession_code   A0A432R7L7 
_struct_ref_seq_dif.db_mon_id                    ? 
_struct_ref_seq_dif.pdbx_seq_db_seq_num          ? 
_struct_ref_seq_dif.details                      'initiating methionine' 
_struct_ref_seq_dif.pdbx_auth_seq_num            0 
_struct_ref_seq_dif.pdbx_ordinal                 1 
# 
loop_
_pdbx_struct_assembly.id 
_pdbx_struct_assembly.details 
_pdbx_struct_assembly.method_details 
_pdbx_struct_assembly.oligomeric_details 
_pdbx_struct_assembly.oligomeric_count 
1 'representative helical assembly' ? 66-meric  66 
2 'helical asymmetric unit'         ? monomeric 1  
# 
loop_
_pdbx_struct_assembly_gen.assembly_id 
_pdbx_struct_assembly_gen.oper_expression 
_pdbx_struct_assembly_gen.asym_id_list 
1 '(1-66)' A,B,C,D 
2 1        A,B,C,D 
# 
_pdbx_struct_assembly_auth_evidence.id                     1 
_pdbx_struct_assembly_auth_evidence.assembly_id            1 
_pdbx_struct_assembly_auth_evidence.experimental_support   'electron microscopy' 
_pdbx_struct_assembly_auth_evidence.details                'not applicable' 
# 
loop_
_pdbx_struct_oper_list.id 
_pdbx_struct_oper_list.type 
_pdbx_struct_oper_list.name 
_pdbx_struct_oper_list.symmetry_operation 
_pdbx_struct_oper_list.matrix[1][1] 
_pdbx_struct_oper_list.matrix[1][2] 
_pdbx_struct_oper_list.matrix[1][3] 
_pdbx_struct_oper_list.vector[1] 
_pdbx_struct_oper_list.matrix[2][1] 
_pdbx_struct_oper_list.matrix[2][2] 
_pdbx_struct_oper_list.matrix[2][3] 
_pdbx_struct_oper_list.vector[2] 
_pdbx_struct_oper_list.matrix[3][1] 
_pdbx_struct_oper_list.matrix[3][2] 
_pdbx_struct_oper_list.matrix[3][3] 
_pdbx_struct_oper_list.vector[3] 
1  'identity operation'         1_555 x,y,z 1.00000000 0.00000000  0.00000000  0.00000   0.00000000  1.00000000  0.00000000  0.00000   0.00000000  0.00000000  1.00000000  0.00000    
2  'helical symmetry operation' ?     ?     0.14556416 -0.59391030 -0.79125298 -15.81804 -0.82438386 -0.51499190 0.23489142  164.26765 -0.54699358 0.61810459  -0.56457426 -162.61538 
3  'helical symmetry operation' ?     ?     0.19512185 -0.90414823 -0.38005749 43.58338  -0.43188419 -0.42712164 0.79438253  196.15424 -0.88057014 0.00913930  -0.47382821 -100.78955 
4  'helical symmetry operation' ?     ?     0.47307790 -0.87925666 0.05572533  74.01888  0.00460873  0.06571953  0.99782775  165.02367 -0.88100871 -0.47179357 0.03514258  -20.33940  
5  'helical symmetry operation' ?     ?     0.80807999 -0.53458073 0.24744746  57.38582  0.21600910  0.65970850  0.71980894  89.64499  -0.54803912 -0.52821234 0.64857150  28.74370   
6  'helical symmetry operation' ?     ?     0.99360976 -0.08260294 0.07691867  4.59840   0.07199566  0.98866953  0.13171688  16.06671  -0.08692728 -0.12533741 0.98829871  15.80409   
7  'helical symmetry operation' ?     ?     0.91529361 0.19804575  -0.35073499 -51.14152 -0.33865149 0.84980792  -0.40390699 -10.77356 0.21806495  0.48847064  0.84489247  -51.57834  
8  'helical symmetry operation' ?     ?     0.62141127 0.13435487  -0.77187868 -74.81183 -0.76278144 0.32872800  -0.55686820 25.24988  0.17892010  0.93481896  0.30675873  -132.26190 
9  'helical symmetry operation' ?     ?     0.29313215 -0.23441268 -0.92688970 -51.15964 -0.93893059 -0.25334053 -0.23286993 101.50910 -0.18023085 0.93854662  -0.29435962 -176.90385 
10 'helical symmetry operation' ?     ?     0.13283060 -0.68092275 -0.72020822 5.89347   -0.75850809 -0.53756966 0.36835268  170.57092 -0.63798209 0.49735544  -0.58789094 -158.38148 
11 'helical symmetry operation' ?     ?     0.23932705 -0.92991584 -0.27924769 61.83662  -0.33273954 -0.34874184 0.87616427  189.44078 -0.91214425 -0.11677315 -0.39288320 -88.51046  
12 'helical symmetry operation' ?     ?     0.54697031 -0.82789436 0.12415324  82.84322  0.07590184  0.19673745  0.97751349  146.06517 -0.83370379 -0.52524721 0.17044843  -10.76046  
13 'helical symmetry operation' ?     ?     0.86610732 -0.43775265 0.24131082  56.62250  0.21550167  0.76259619  0.60992329  66.76201  -0.45101810 -0.47625624 0.75482649  26.54025   
14 'helical symmetry operation' ?     ?     0.86610732 0.21550167  -0.45101810 -51.45871 -0.43775265 0.76259619  -0.47625624 -13.48610 0.24131082  0.60992329  0.75482649  -74.41693  
15 'helical symmetry operation' ?     ?     0.54697031 0.07590184  -0.83370379 -65.37023 -0.82789436 0.19673745  -0.52524721 34.19692  0.12415324  0.97751349  0.17044843  -151.23135 
16 'helical symmetry operation' ?     ?     0.23932705 -0.33273954 -0.91214425 -32.49878 -0.92991584 -0.34874184 -0.11677315 113.23364 -0.27924769 0.87616427  -0.39288320 -183.48788 
17 'helical symmetry operation' ?     ?     0.13283060 -0.75850809 -0.63798209 27.55232  -0.68092275 -0.53756966 0.49735544  174.47874 -0.72020822 0.36835268  -0.58789094 -151.69640 
18 'helical symmetry operation' ?     ?     0.29313215 -0.93893059 -0.18023085 78.42232  -0.23441268 -0.25334053 0.93854662  179.75574 -0.92688970 -0.23286993 -0.29435962 -75.85470  
19 'helical symmetry operation' ?     ?     0.62141127 -0.76278144 0.17892010  89.41342  0.13435487  0.32872800  0.93481896  125.39183 -0.77187868 -0.55686820 0.30675873  -3.11211   
20 'helical symmetry operation' ?     ?     0.91529361 -0.33865149 0.21806495  54.40852  0.19804575  0.84980792  0.48847064  44.47818  -0.35073499 -0.40390699 0.84489247  21.28978   
21 'helical symmetry operation' ?     ?     0.99360976 0.07199566  -0.08692728 -4.35192  -0.08260294 0.98866953  -0.12533741 -13.52395 0.07691867  0.13171688  0.98829871  -18.08912  
22 'helical symmetry operation' ?     ?     0.80807999 0.21600910  -0.54803912 -49.98395 -0.53458073 0.65970850  -0.52821234 -13.27926 0.24744746  0.71980894  0.64857150  -97.37003  
23 'helical symmetry operation' ?     ?     0.47307790 0.00460873  -0.88100871 -53.69610 -0.87925666 0.06571953  -0.47179357 44.64052  0.05572533  0.99782775  0.03514258  -168.07480 
24 'helical symmetry operation' ?     ?     0.19512185 -0.43188419 -0.88057014 -12.54038 -0.90414823 -0.42712164 0.00913930  124.10880 -0.38005749 0.79438253  -0.47382821 -187.01428 
25 'helical symmetry operation' ?     ?     0.14556416 -0.82438386 -0.54699358 48.77221  -0.59391030 -0.51499190 0.61810459  175.71486 -0.79125298 0.23489142  -0.56457426 -142.90970 
26 'helical symmetry operation' ?     ?     0.35495470 -0.93092685 -0.08591970 93.10567  -0.13979601 -0.14372357 0.97969399  167.22534 -0.92437226 -0.33573567 -0.18115513 -63.34646  
27 'helical symmetry operation' ?     ?     0.69421073 -0.68583280 0.21841392  93.78823  0.17824743  0.45780801  0.87099904  103.45112 -0.69735151 -0.56572507 0.44006326  2.22909    
28 'helical symmetry operation' ?     ?     0.95419192 -0.24019421 0.17839546  51.06045  0.16415652  0.91877814  0.35902662  23.28758  -0.25014163 -0.31329574 0.91611993  12.99502   
29 'helical symmetry operation' ?     ?     0.97462670 0.13126600  -0.18130643 -8.07704  -0.17338362 0.95501085  -0.24060835 -24.26776 0.14156590  0.26593890  0.95353845  -38.08248  
30 'helical symmetry operation' ?     ?     0.74291833 0.19955339  -0.63894477 -46.50806 -0.62628811 0.54417098  -0.55824767 -10.31994 0.23629468  0.81489613  0.52925269  -119.91290 
31 'helical symmetry operation' ?     ?     0.40190781 -0.07742811 -0.91240079 -39.88066 -0.91535638 -0.06047145 -0.39807819 56.11245  -0.02435160 0.99516252  -0.09517836 -182.44768 
32 'helical symmetry operation' ?     ?     0.16181755 -0.52892909 -0.83309622 8.37984   -0.86238576 -0.48617318 0.14116234  133.65424 -0.47969374 0.69560767  -0.53481237 -187.53216 
33 'helical symmetry operation' ?     ?     0.17065641 -0.87661172 -0.44992028 69.18275  -0.50003133 -0.47050107 0.72704704  174.08392 -0.84902594 0.10089900  -0.51862735 -132.43014 
34 'helical symmetry operation' ?     ?     0.42297506 -0.90614065 0.00091036  105.70468 -0.05167393 -0.02311733 0.99839606  152.05562 -0.90466652 -0.42234348 -0.05660172 -51.50670  
35 'helical symmetry operation' ?     ?     0.76322670 -0.59931289 0.24147307  96.09123  0.20628842  0.58017955  0.78793216  80.72837  -0.61231550 -0.55155784 0.56643975  4.95428    
36 'helical symmetry operation' ?     ?     0.98165679 -0.14527739 0.12346756  46.92942  0.11482915  0.96747583  0.22539842  3.65346   -0.15219732 -0.20708611 0.96641138  1.74883    
37 'helical symmetry operation' ?     ?     0.94360987 0.17606636  -0.28035886 -10.81432 -0.26966940 0.90001521  -0.34241950 -32.07637 0.19203871  0.39871460  0.89674292  -59.54410  
38 'helical symmetry operation' ?     ?     0.67254013 0.16661945  -0.72106016 -40.88183 -0.71017626 0.41938408  -0.56547918 -4.85545  0.20818133  0.89238724  0.40038179  -141.53537 
39 'helical symmetry operation' ?     ?     0.33555463 -0.16779407 -0.92695638 -24.07819 -0.93513133 -0.17812164 -0.30627093 68.11440  -0.11372063 0.96959663  -0.21667898 -194.07842 
40 'helical symmetry operation' ?     ?     0.14039411 -0.62101872 -0.77111941 29.89852  -0.80585730 -0.52415887 0.27541120  141.42911 -0.57522466 0.58274615  -0.57404125 -185.17853 
41 'helical symmetry operation' ?     ?     0.20736934 -0.91365495 -0.34961797 88.43385  -0.40204763 -0.40540574 0.82097754  169.47140 -0.89182722 -0.02968256 -0.45140159 -120.71852 
42 'helical symmetry operation' ?     ?     0.49519201 -0.86530162 0.07770515  116.10186 0.02736131  0.10492984  0.99410324  134.53267 -0.86835266 -0.49014591 0.07563615  -40.83398  
43 'helical symmetry operation' ?     ?     0.82642842 -0.50576700 0.24741853  96.50704  0.21765226  0.69224191  0.68806165  57.73190  -0.51927226 -0.51478256 0.68216967  4.83168    
44 'helical symmetry operation' ?     ?     0.99688112 -0.05669313 0.05489841  42.38876  0.05151603  0.99446994  0.09151762  -14.00744 -0.05978331 -0.08840399 0.99428895  -12.26969  
45 'helical symmetry operation' ?     ?     0.90147148 0.20507951  -0.38117182 -12.23010 -0.36862886 0.82530003  -0.42777717 -36.88041 0.22685309  0.52613966  0.81958249  -81.99274  
46 'helical symmetry operation' ?     ?     0.59901611 0.11817548  -0.79196840 -33.01894 -0.78377619 0.28901936  -0.54969278 2.79241   0.16393376  0.95000096  0.26575052  -161.75288 
47 'helical symmetry operation' ?     ?     0.27597003 -0.26383081 -0.92424773 -6.50139  -0.93800019 -0.28377052 -0.19907276 80.13340  -0.20975272 0.92188265  -0.32578551 -202.77701 
48 'helical symmetry operation' ?     ?     0.13148140 -0.70544409 -0.69646347 51.63530  -0.73622631 -0.53996191 0.40793641  147.04282 -0.66384000 0.45911863  -0.59036149 -180.17182 
49 'helical symmetry operation' ?     ?     0.25462305 -0.93442323 -0.24903771 106.21166 -0.30284203 -0.32162065 0.89713203  161.85227 -0.91839711 -0.15301113 -0.36487440 -108.27008 
50 'helical symmetry operation' ?     ?     0.56948143 -0.80960999 0.14220488  124.24341 0.09498410  0.23665170  0.96694023  115.01205 -0.81649776 -0.53714713 0.21166899  -31.79459  
51 'helical symmetry operation' ?     ?     0.88195630 -0.40794757 0.23607535  95.27467  0.21200460  0.79069785  0.57432606  34.97607  -0.42095943 -0.45648128 0.78384785  1.71360    
52 'helical symmetry operation' ?     ?     0.99941662 0.02295167  -0.02529453 37.82409  -0.02392003 0.99896562  -0.03867608 -29.33618 0.02438082  0.03925847  0.99893176  -28.79982  
53 'helical symmetry operation' ?     ?     0.84945126 0.21745095  -0.48077835 -12.03169 -0.46734964 0.73306349  -0.49416856 -38.69930 0.24498378  0.64446360  0.72432725  -104.92113 
54 'helical symmetry operation' ?     ?     0.52450926 0.05564758  -0.84958447 -22.89792 -0.84492362 0.15691198  -0.51135447 12.23816  0.10485465  0.98604395  0.12931956  -180.12117 
55 'helical symmetry operation' ?     ?     0.22490807 -0.36271156 -0.90435418 12.58428  -0.92387815 -0.37430799 -0.07963876 91.65399  -0.30962126 0.85342456  -0.41928608 -208.43856 
56 'helical symmetry operation' ?     ?     0.13534221 -0.77972109 -0.61132412 73.20151  -0.65554068 -0.53311634 0.53483904  150.16967 -0.74293241 0.32836170  -0.58329188 -172.81309 
57 'helical symmetry operation' ?     ?     0.31102621 -0.93830683 -0.15113911 122.24550 -0.20533376 -0.22161275 0.95327115  151.29172 -0.92795516 -0.26545836 -0.26159346 -95.60403  
58 'helical symmetry operation' ?     ?     0.64365700 -0.74070575 0.19251237  130.14171 0.14920528  0.36817168  0.91770803  93.90712  -0.75062894 -0.56196551 0.34749332  -24.80601  
59 'helical symmetry operation' ?     ?     0.92817704 -0.30873266 0.20777806  92.68311  0.18951237  0.87265140  0.45007214  12.97105  -0.32026963 -0.37837020 0.86848356  -4.46017   
60 'helical symmetry operation' ?     ?     0.98918859 0.09131383  -0.11475215 33.62198  -0.10925989 0.98083039  -0.16135245 -42.04230 0.09781895  0.17214564  0.98020302  -47.50660  
61 'helical symmetry operation' ?     ?     0.78907999 0.21281739  -0.57624820 -9.97215  -0.56292749 0.62601978  -0.53964127 -37.64025 0.24589809  0.75020585  0.61378023  -127.80507 
62 'helical symmetry operation' ?     ?     0.45121182 -0.01912577 -0.89221170 -10.56477 -0.89181807 0.02694900  -0.45159010 23.04290  0.03268093  0.99945350  -0.00489682 -196.25161 
63 'helical symmetry operation' ?     ?     0.18386997 -0.46152857 -0.86786129 32.86975  -0.89318105 -0.44707224 0.04851861  102.17707 -0.41038940 0.76623614  -0.49443174 -211.04798 
64 'helical symmetry operation' ?     ?     0.15186231 -0.84166430 -0.51820744 94.21576  -0.56617544 -0.50382471 0.65238476  150.55745 -0.81017475 0.19432371  -0.55304160 -163.46921 
65 'helical symmetry operation' ?     ?     0.37492034 -0.92519048 -0.05880191 136.31541 -0.11239103 -0.10832268 0.98774241  137.93874 -0.92021918 -0.36371609 -0.14459566 -83.24399  
66 'helical symmetry operation' ?     ?     0.71553600 -0.66061531 0.22714600  133.87574 0.18842815  0.49561963  0.84785341  71.67859  -0.67268323 -0.56386876 0.47911237  -20.22521  
# 
loop_
_struct_conf.conf_type_id 
_struct_conf.id 
_struct_conf.pdbx_PDB_helix_id 
_struct_conf.beg_label_comp_id 
_struct_conf.beg_label_asym_id 
_struct_conf.beg_label_seq_id 
_struct_conf.pdbx_beg_PDB_ins_code 
_struct_conf.end_label_comp_id 
_struct_conf.end_label_asym_id 
_struct_conf.end_label_seq_id 
_struct_conf.pdbx_end_PDB_ins_code 
_struct_conf.beg_auth_comp_id 
_struct_conf.beg_auth_asym_id 
_struct_conf.beg_auth_seq_id 
_struct_conf.end_auth_comp_id 
_struct_conf.end_auth_asym_id 
_struct_conf.end_auth_seq_id 
_struct_conf.pdbx_PDB_helix_class 
_struct_conf.details 
_struct_conf.pdbx_PDB_helix_length 
HELX_P HELX_P1 AA1 ASN A 71  ? ALA A 76  ? ASN z 70  ALA z 75  1 ? 6 
HELX_P HELX_P2 AA2 ASP A 109 ? ARG A 114 ? ASP z 108 ARG z 113 1 ? 6 
# 
_struct_conf_type.id          HELX_P 
_struct_conf_type.criteria    ? 
_struct_conf_type.reference   ? 
# 
loop_
_struct_conn.id 
_struct_conn.conn_type_id 
_struct_conn.pdbx_leaving_atom_flag 
_struct_conn.pdbx_PDB_id 
_struct_conn.ptnr1_label_asym_id 
_struct_conn.ptnr1_label_comp_id 
_struct_conn.ptnr1_label_seq_id 
_struct_conn.ptnr1_label_atom_id 
_struct_conn.pdbx_ptnr1_label_alt_id 
_struct_conn.pdbx_ptnr1_PDB_ins_code 
_struct_conn.pdbx_ptnr1_standard_comp_id 
_struct_conn.ptnr1_symmetry 
_struct_conn.ptnr2_label_asym_id 
_struct_conn.ptnr2_label_comp_id 
_struct_conn.ptnr2_label_seq_id 
_struct_conn.ptnr2_label_atom_id 
_struct_conn.pdbx_ptnr2_label_alt_id 
_struct_conn.pdbx_ptnr2_PDB_ins_code 
_struct_conn.ptnr1_auth_asym_id 
_struct_conn.ptnr1_auth_comp_id 
_struct_conn.ptnr1_auth_seq_id 
_struct_conn.ptnr2_auth_asym_id 
_struct_conn.ptnr2_auth_comp_id 
_struct_conn.ptnr2_auth_seq_id 
_struct_conn.ptnr2_symmetry 
_struct_conn.pdbx_ptnr3_label_atom_id 
_struct_conn.pdbx_ptnr3_label_seq_id 
_struct_conn.pdbx_ptnr3_label_comp_id 
_struct_conn.pdbx_ptnr3_label_asym_id 
_struct_conn.pdbx_ptnr3_label_alt_id 
_struct_conn.pdbx_ptnr3_PDB_ins_code 
_struct_conn.details 
_struct_conn.pdbx_dist_value 
_struct_conn.pdbx_value_order 
_struct_conn.pdbx_role 
metalc1 metalc ? ? A ASP 59  O   ? ? ? 1_555 C CA . CA ? ? z ASP 58  z CA 202 1_555 ? ? ? ? ? ? ? 3.168 ? ? 
metalc2 metalc ? ? A ASP 59  OD1 ? ? ? 1_555 C CA . CA ? ? z ASP 58  z CA 202 1_555 ? ? ? ? ? ? ? 2.405 ? ? 
metalc3 metalc ? ? A ASP 59  OD2 ? ? ? 1_555 C CA . CA ? ? z ASP 58  z CA 202 1_555 ? ? ? ? ? ? ? 2.792 ? ? 
metalc4 metalc ? ? A ASP 109 OD1 ? ? ? 1_555 B CA . CA ? ? z ASP 108 z CA 201 1_555 ? ? ? ? ? ? ? 2.513 ? ? 
metalc5 metalc ? ? A ASP 109 OD2 ? ? ? 1_555 B CA . CA ? ? z ASP 108 z CA 201 1_555 ? ? ? ? ? ? ? 2.479 ? ? 
metalc6 metalc ? ? A GLU 112 OE2 ? ? ? 1_555 B CA . CA ? ? z GLU 111 z CA 201 1_555 ? ? ? ? ? ? ? 2.900 ? ? 
metalc7 metalc ? ? A THR 147 O   ? ? ? 1_555 D CA . CA ? ? z THR 146 z CA 203 1_555 ? ? ? ? ? ? ? 2.428 ? ? 
metalc8 metalc ? ? A GLY 148 O   ? ? ? 1_555 C CA . CA ? ? z GLY 147 z CA 202 1_555 ? ? ? ? ? ? ? 3.094 ? ? 
# 
_struct_conn_type.id          metalc 
_struct_conn_type.criteria    ? 
_struct_conn_type.reference   ? 
# 
loop_
_pdbx_struct_conn_angle.id 
_pdbx_struct_conn_angle.ptnr1_label_atom_id 
_pdbx_struct_conn_angle.ptnr1_label_alt_id 
_pdbx_struct_conn_angle.ptnr1_label_asym_id 
_pdbx_struct_conn_angle.ptnr1_label_comp_id 
_pdbx_struct_conn_angle.ptnr1_label_seq_id 
_pdbx_struct_conn_angle.ptnr1_auth_atom_id 
_pdbx_struct_conn_angle.ptnr1_auth_asym_id 
_pdbx_struct_conn_angle.ptnr1_auth_comp_id 
_pdbx_struct_conn_angle.ptnr1_auth_seq_id 
_pdbx_struct_conn_angle.ptnr1_PDB_ins_code 
_pdbx_struct_conn_angle.ptnr1_symmetry 
_pdbx_struct_conn_angle.ptnr2_label_atom_id 
_pdbx_struct_conn_angle.ptnr2_label_alt_id 
_pdbx_struct_conn_angle.ptnr2_label_asym_id 
_pdbx_struct_conn_angle.ptnr2_label_comp_id 
_pdbx_struct_conn_angle.ptnr2_label_seq_id 
_pdbx_struct_conn_angle.ptnr2_auth_atom_id 
_pdbx_struct_conn_angle.ptnr2_auth_asym_id 
_pdbx_struct_conn_angle.ptnr2_auth_comp_id 
_pdbx_struct_conn_angle.ptnr2_auth_seq_id 
_pdbx_struct_conn_angle.ptnr2_PDB_ins_code 
_pdbx_struct_conn_angle.ptnr2_symmetry 
_pdbx_struct_conn_angle.ptnr3_label_atom_id 
_pdbx_struct_conn_angle.ptnr3_label_alt_id 
_pdbx_struct_conn_angle.ptnr3_label_asym_id 
_pdbx_struct_conn_angle.ptnr3_label_comp_id 
_pdbx_struct_conn_angle.ptnr3_label_seq_id 
_pdbx_struct_conn_angle.ptnr3_auth_atom_id 
_pdbx_struct_conn_angle.ptnr3_auth_asym_id 
_pdbx_struct_conn_angle.ptnr3_auth_comp_id 
_pdbx_struct_conn_angle.ptnr3_auth_seq_id 
_pdbx_struct_conn_angle.ptnr3_PDB_ins_code 
_pdbx_struct_conn_angle.ptnr3_symmetry 
_pdbx_struct_conn_angle.value 
_pdbx_struct_conn_angle.value_esd 
1 O   ? A ASP 59  ? z ASP 58  ? 1_555 CA ? C CA . ? z CA 202 ? 1_555 OD1 ? A ASP 59  ? z ASP 58  ? 1_555 58.8  ? 
2 O   ? A ASP 59  ? z ASP 58  ? 1_555 CA ? C CA . ? z CA 202 ? 1_555 OD2 ? A ASP 59  ? z ASP 58  ? 1_555 72.9  ? 
3 OD1 ? A ASP 59  ? z ASP 58  ? 1_555 CA ? C CA . ? z CA 202 ? 1_555 OD2 ? A ASP 59  ? z ASP 58  ? 1_555 49.0  ? 
4 O   ? A ASP 59  ? z ASP 58  ? 1_555 CA ? C CA . ? z CA 202 ? 1_555 O   ? A GLY 148 ? z GLY 147 ? 1_555 110.8 ? 
5 OD1 ? A ASP 59  ? z ASP 58  ? 1_555 CA ? C CA . ? z CA 202 ? 1_555 O   ? A GLY 148 ? z GLY 147 ? 1_555 165.5 ? 
6 OD2 ? A ASP 59  ? z ASP 58  ? 1_555 CA ? C CA . ? z CA 202 ? 1_555 O   ? A GLY 148 ? z GLY 147 ? 1_555 120.4 ? 
7 OD1 ? A ASP 109 ? z ASP 108 ? 1_555 CA ? B CA . ? z CA 201 ? 1_555 OD2 ? A ASP 109 ? z ASP 108 ? 1_555 52.2  ? 
8 OD1 ? A ASP 109 ? z ASP 108 ? 1_555 CA ? B CA . ? z CA 201 ? 1_555 OE2 ? A GLU 112 ? z GLU 111 ? 1_555 77.0  ? 
9 OD2 ? A ASP 109 ? z ASP 108 ? 1_555 CA ? B CA . ? z CA 201 ? 1_555 OE2 ? A GLU 112 ? z GLU 111 ? 1_555 129.0 ? 
# 
loop_
_struct_sheet.id 
_struct_sheet.type 
_struct_sheet.number_strands 
_struct_sheet.details 
AA1 ? 5 ? 
AA2 ? 3 ? 
AA3 ? 3 ? 
# 
loop_
_struct_sheet_order.sheet_id 
_struct_sheet_order.range_id_1 
_struct_sheet_order.range_id_2 
_struct_sheet_order.offset 
_struct_sheet_order.sense 
AA1 1 2 ? anti-parallel 
AA1 2 3 ? anti-parallel 
AA1 3 4 ? anti-parallel 
AA1 4 5 ? anti-parallel 
AA2 1 2 ? anti-parallel 
AA2 2 3 ? anti-parallel 
AA3 1 2 ? anti-parallel 
AA3 2 3 ? anti-parallel 
# 
loop_
_struct_sheet_range.sheet_id 
_struct_sheet_range.id 
_struct_sheet_range.beg_label_comp_id 
_struct_sheet_range.beg_label_asym_id 
_struct_sheet_range.beg_label_seq_id 
_struct_sheet_range.pdbx_beg_PDB_ins_code 
_struct_sheet_range.end_label_comp_id 
_struct_sheet_range.end_label_asym_id 
_struct_sheet_range.end_label_seq_id 
_struct_sheet_range.pdbx_end_PDB_ins_code 
_struct_sheet_range.beg_auth_comp_id 
_struct_sheet_range.beg_auth_asym_id 
_struct_sheet_range.beg_auth_seq_id 
_struct_sheet_range.end_auth_comp_id 
_struct_sheet_range.end_auth_asym_id 
_struct_sheet_range.end_auth_seq_id 
AA1 1 VAL A 22  ? VAL A 26  ? VAL z 21  VAL z 25  
AA1 2 GLN A 43  ? ASN A 56  ? GLN z 42  ASN z 55  
AA1 3 ALA A 117 ? VAL A 127 ? ALA z 116 VAL z 126 
AA1 4 PHE A 79  ? THR A 87  ? PHE z 78  THR z 86  
AA1 5 VAL A 93  ? SER A 98  ? VAL z 92  SER z 97  
AA2 1 LYS A 103 ? ALA A 104 ? LYS z 102 ALA z 103 
AA2 2 VAL A 63  ? TRP A 69  ? VAL z 62  TRP z 68  
AA2 3 THR A 107 ? LEU A 108 ? THR z 106 LEU z 107 
AA3 1 LYS A 103 ? ALA A 104 ? LYS z 102 ALA z 103 
AA3 2 VAL A 63  ? TRP A 69  ? VAL z 62  TRP z 68  
AA3 3 PHE A 140 ? THR A 147 ? PHE z 139 THR z 146 
# 
loop_
_pdbx_struct_sheet_hbond.sheet_id 
_pdbx_struct_sheet_hbond.range_id_1 
_pdbx_struct_sheet_hbond.range_id_2 
_pdbx_struct_sheet_hbond.range_1_label_atom_id 
_pdbx_struct_sheet_hbond.range_1_label_comp_id 
_pdbx_struct_sheet_hbond.range_1_label_asym_id 
_pdbx_struct_sheet_hbond.range_1_label_seq_id 
_pdbx_struct_sheet_hbond.range_1_PDB_ins_code 
_pdbx_struct_sheet_hbond.range_1_auth_atom_id 
_pdbx_struct_sheet_hbond.range_1_auth_comp_id 
_pdbx_struct_sheet_hbond.range_1_auth_asym_id 
_pdbx_struct_sheet_hbond.range_1_auth_seq_id 
_pdbx_struct_sheet_hbond.range_2_label_atom_id 
_pdbx_struct_sheet_hbond.range_2_label_comp_id 
_pdbx_struct_sheet_hbond.range_2_label_asym_id 
_pdbx_struct_sheet_hbond.range_2_label_seq_id 
_pdbx_struct_sheet_hbond.range_2_PDB_ins_code 
_pdbx_struct_sheet_hbond.range_2_auth_atom_id 
_pdbx_struct_sheet_hbond.range_2_auth_comp_id 
_pdbx_struct_sheet_hbond.range_2_auth_asym_id 
_pdbx_struct_sheet_hbond.range_2_auth_seq_id 
AA1 1 2 N VAL A 25  ? N VAL z 24  O ARG A 53  ? O ARG z 52  
AA1 2 3 N PHE A 46  ? N PHE z 45  O MET A 123 ? O MET z 122 
AA1 3 4 O GLU A 126 ? O GLU z 125 N ASP A 80  ? N ASP z 79  
AA1 4 5 N ILE A 84  ? N ILE z 83  O LEU A 97  ? O LEU z 96  
AA2 1 2 O ALA A 104 ? O ALA z 103 N ILE A 67  ? N ILE z 66  
AA2 2 3 N VAL A 63  ? N VAL z 62  O LEU A 108 ? O LEU z 107 
AA3 1 2 O ALA A 104 ? O ALA z 103 N ILE A 67  ? N ILE z 66  
AA3 2 3 N GLU A 66  ? N GLU z 65  O ARG A 143 ? O ARG z 142 
# 
_pdbx_entry_details.entry_id                   9BAC 
_pdbx_entry_details.has_ligand_of_interest     Y 
_pdbx_entry_details.compound_details           ? 
_pdbx_entry_details.source_details             ? 
_pdbx_entry_details.nonpolymer_details         ? 
_pdbx_entry_details.sequence_details           ? 
_pdbx_entry_details.has_protein_modification   N 
# 
_pdbx_validate_torsion.id              1 
_pdbx_validate_torsion.PDB_model_num   1 
_pdbx_validate_torsion.auth_comp_id    ASP 
_pdbx_validate_torsion.auth_asym_id    z 
_pdbx_validate_torsion.auth_seq_id     108 
_pdbx_validate_torsion.PDB_ins_code    ? 
_pdbx_validate_torsion.label_alt_id    ? 
_pdbx_validate_torsion.phi             -120.66 
_pdbx_validate_torsion.psi             -169.90 
# 
_pdbx_helical_symmetry.entry_id                  9BAC 
_pdbx_helical_symmetry.number_of_operations      66 
_pdbx_helical_symmetry.rotation_per_n_subunits   46.23 
_pdbx_helical_symmetry.rise_per_n_subunits       1.424 
_pdbx_helical_symmetry.n_subunits_divisor        1 
_pdbx_helical_symmetry.dyad_axis                 no 
_pdbx_helical_symmetry.circular_symmetry         1 
# 
_em_3d_fitting.id                1 
_em_3d_fitting.entry_id          9BAC 
_em_3d_fitting.method            ? 
_em_3d_fitting.target_criteria   ? 
_em_3d_fitting.details           ? 
_em_3d_fitting.overall_b_value   ? 
_em_3d_fitting.ref_space         ? 
_em_3d_fitting.ref_protocol      ? 
# 
_em_3d_reconstruction.entry_id                    9BAC 
_em_3d_reconstruction.id                          1 
_em_3d_reconstruction.method                      ? 
_em_3d_reconstruction.algorithm                   ? 
_em_3d_reconstruction.citation_id                 ? 
_em_3d_reconstruction.details                     ? 
_em_3d_reconstruction.resolution                  3.4 
_em_3d_reconstruction.resolution_method           'FSC 0.143 CUT-OFF' 
_em_3d_reconstruction.magnification_calibration   ? 
_em_3d_reconstruction.nominal_pixel_size          ? 
_em_3d_reconstruction.actual_pixel_size           ? 
_em_3d_reconstruction.num_particles               95418 
_em_3d_reconstruction.euler_angles_details        ? 
_em_3d_reconstruction.num_class_averages          ? 
_em_3d_reconstruction.refinement_type             ? 
_em_3d_reconstruction.image_processing_id         1 
_em_3d_reconstruction.symmetry_type               HELICAL 
# 
_em_buffer.id            1 
_em_buffer.specimen_id   1 
_em_buffer.name          ? 
_em_buffer.details       ? 
_em_buffer.pH            8 
# 
_em_entity_assembly.id                   1 
_em_entity_assembly.parent_id            0 
_em_entity_assembly.source               RECOMBINANT 
_em_entity_assembly.type                 COMPLEX 
_em_entity_assembly.name                 'Hyper2 tube' 
_em_entity_assembly.details              ? 
_em_entity_assembly.synonym              ? 
_em_entity_assembly.oligomeric_details   ? 
_em_entity_assembly.entity_id_list       1 
# 
_em_imaging.entry_id                        9BAC 
_em_imaging.id                              1 
_em_imaging.astigmatism                     ? 
_em_imaging.electron_beam_tilt_params       ? 
_em_imaging.residual_tilt                   ? 
_em_imaging.microscope_model                'TFS KRIOS' 
_em_imaging.specimen_holder_type            ? 
_em_imaging.specimen_holder_model           ? 
_em_imaging.details                         ? 
_em_imaging.date                            ? 
_em_imaging.accelerating_voltage            300 
_em_imaging.illumination_mode               'FLOOD BEAM' 
_em_imaging.mode                            'BRIGHT FIELD' 
_em_imaging.nominal_cs                      ? 
_em_imaging.nominal_defocus_min             1200 
_em_imaging.nominal_defocus_max             2200 
_em_imaging.calibrated_defocus_min          ? 
_em_imaging.calibrated_defocus_max          ? 
_em_imaging.tilt_angle_min                  ? 
_em_imaging.tilt_angle_max                  ? 
_em_imaging.nominal_magnification           ? 
_em_imaging.calibrated_magnification        ? 
_em_imaging.electron_source                 'FIELD EMISSION GUN' 
_em_imaging.citation_id                     ? 
_em_imaging.temperature                     ? 
_em_imaging.detector_distance               ? 
_em_imaging.recording_temperature_minimum   ? 
_em_imaging.recording_temperature_maximum   ? 
_em_imaging.alignment_procedure             ? 
_em_imaging.c2_aperture_diameter            ? 
_em_imaging.specimen_id                     1 
_em_imaging.cryogen                         ? 
# 
_em_vitrification.entry_id              9BAC 
_em_vitrification.id                    1 
_em_vitrification.specimen_id           1 
_em_vitrification.cryogen_name          ETHANE 
_em_vitrification.humidity              ? 
_em_vitrification.temp                  ? 
_em_vitrification.chamber_temperature   ? 
_em_vitrification.instrument            ? 
_em_vitrification.method                ? 
_em_vitrification.time_resolved_state   ? 
_em_vitrification.citation_id           ? 
_em_vitrification.details               ? 
# 
_em_experiment.entry_id                9BAC 
_em_experiment.id                      1 
_em_experiment.reconstruction_method   HELICAL 
_em_experiment.aggregation_state       FILAMENT 
_em_experiment.entity_assembly_id      1 
# 
_pdbx_unobs_or_zero_occ_residues.id               1 
_pdbx_unobs_or_zero_occ_residues.PDB_model_num    1 
_pdbx_unobs_or_zero_occ_residues.polymer_flag     Y 
_pdbx_unobs_or_zero_occ_residues.occupancy_flag   1 
_pdbx_unobs_or_zero_occ_residues.auth_asym_id     z 
_pdbx_unobs_or_zero_occ_residues.auth_comp_id     MET 
_pdbx_unobs_or_zero_occ_residues.auth_seq_id      0 
_pdbx_unobs_or_zero_occ_residues.PDB_ins_code     ? 
_pdbx_unobs_or_zero_occ_residues.label_asym_id    A 
_pdbx_unobs_or_zero_occ_residues.label_comp_id    MET 
_pdbx_unobs_or_zero_occ_residues.label_seq_id     1 
# 
loop_
_chem_comp_atom.comp_id 
_chem_comp_atom.atom_id 
_chem_comp_atom.type_symbol 
_chem_comp_atom.pdbx_aromatic_flag 
_chem_comp_atom.pdbx_stereo_config 
_chem_comp_atom.pdbx_ordinal 
ALA N    N  N N 1   
ALA CA   C  N S 2   
ALA C    C  N N 3   
ALA O    O  N N 4   
ALA CB   C  N N 5   
ALA OXT  O  N N 6   
ALA H    H  N N 7   
ALA H2   H  N N 8   
ALA HA   H  N N 9   
ALA HB1  H  N N 10  
ALA HB2  H  N N 11  
ALA HB3  H  N N 12  
ALA HXT  H  N N 13  
ARG N    N  N N 14  
ARG CA   C  N S 15  
ARG C    C  N N 16  
ARG O    O  N N 17  
ARG CB   C  N N 18  
ARG CG   C  N N 19  
ARG CD   C  N N 20  
ARG NE   N  N N 21  
ARG CZ   C  N N 22  
ARG NH1  N  N N 23  
ARG NH2  N  N N 24  
ARG OXT  O  N N 25  
ARG H    H  N N 26  
ARG H2   H  N N 27  
ARG HA   H  N N 28  
ARG HB2  H  N N 29  
ARG HB3  H  N N 30  
ARG HG2  H  N N 31  
ARG HG3  H  N N 32  
ARG HD2  H  N N 33  
ARG HD3  H  N N 34  
ARG HE   H  N N 35  
ARG HH11 H  N N 36  
ARG HH12 H  N N 37  
ARG HH21 H  N N 38  
ARG HH22 H  N N 39  
ARG HXT  H  N N 40  
ASN N    N  N N 41  
ASN CA   C  N S 42  
ASN C    C  N N 43  
ASN O    O  N N 44  
ASN CB   C  N N 45  
ASN CG   C  N N 46  
ASN OD1  O  N N 47  
ASN ND2  N  N N 48  
ASN OXT  O  N N 49  
ASN H    H  N N 50  
ASN H2   H  N N 51  
ASN HA   H  N N 52  
ASN HB2  H  N N 53  
ASN HB3  H  N N 54  
ASN HD21 H  N N 55  
ASN HD22 H  N N 56  
ASN HXT  H  N N 57  
ASP N    N  N N 58  
ASP CA   C  N S 59  
ASP C    C  N N 60  
ASP O    O  N N 61  
ASP CB   C  N N 62  
ASP CG   C  N N 63  
ASP OD1  O  N N 64  
ASP OD2  O  N N 65  
ASP OXT  O  N N 66  
ASP H    H  N N 67  
ASP H2   H  N N 68  
ASP HA   H  N N 69  
ASP HB2  H  N N 70  
ASP HB3  H  N N 71  
ASP HD2  H  N N 72  
ASP HXT  H  N N 73  
CA  CA   CA N N 74  
GLN N    N  N N 75  
GLN CA   C  N S 76  
GLN C    C  N N 77  
GLN O    O  N N 78  
GLN CB   C  N N 79  
GLN CG   C  N N 80  
GLN CD   C  N N 81  
GLN OE1  O  N N 82  
GLN NE2  N  N N 83  
GLN OXT  O  N N 84  
GLN H    H  N N 85  
GLN H2   H  N N 86  
GLN HA   H  N N 87  
GLN HB2  H  N N 88  
GLN HB3  H  N N 89  
GLN HG2  H  N N 90  
GLN HG3  H  N N 91  
GLN HE21 H  N N 92  
GLN HE22 H  N N 93  
GLN HXT  H  N N 94  
GLU N    N  N N 95  
GLU CA   C  N S 96  
GLU C    C  N N 97  
GLU O    O  N N 98  
GLU CB   C  N N 99  
GLU CG   C  N N 100 
GLU CD   C  N N 101 
GLU OE1  O  N N 102 
GLU OE2  O  N N 103 
GLU OXT  O  N N 104 
GLU H    H  N N 105 
GLU H2   H  N N 106 
GLU HA   H  N N 107 
GLU HB2  H  N N 108 
GLU HB3  H  N N 109 
GLU HG2  H  N N 110 
GLU HG3  H  N N 111 
GLU HE2  H  N N 112 
GLU HXT  H  N N 113 
GLY N    N  N N 114 
GLY CA   C  N N 115 
GLY C    C  N N 116 
GLY O    O  N N 117 
GLY OXT  O  N N 118 
GLY H    H  N N 119 
GLY H2   H  N N 120 
GLY HA2  H  N N 121 
GLY HA3  H  N N 122 
GLY HXT  H  N N 123 
HIS N    N  N N 124 
HIS CA   C  N S 125 
HIS C    C  N N 126 
HIS O    O  N N 127 
HIS CB   C  N N 128 
HIS CG   C  Y N 129 
HIS ND1  N  Y N 130 
HIS CD2  C  Y N 131 
HIS CE1  C  Y N 132 
HIS NE2  N  Y N 133 
HIS OXT  O  N N 134 
HIS H    H  N N 135 
HIS H2   H  N N 136 
HIS HA   H  N N 137 
HIS HB2  H  N N 138 
HIS HB3  H  N N 139 
HIS HD1  H  N N 140 
HIS HD2  H  N N 141 
HIS HE1  H  N N 142 
HIS HE2  H  N N 143 
HIS HXT  H  N N 144 
ILE N    N  N N 145 
ILE CA   C  N S 146 
ILE C    C  N N 147 
ILE O    O  N N 148 
ILE CB   C  N S 149 
ILE CG1  C  N N 150 
ILE CG2  C  N N 151 
ILE CD1  C  N N 152 
ILE OXT  O  N N 153 
ILE H    H  N N 154 
ILE H2   H  N N 155 
ILE HA   H  N N 156 
ILE HB   H  N N 157 
ILE HG12 H  N N 158 
ILE HG13 H  N N 159 
ILE HG21 H  N N 160 
ILE HG22 H  N N 161 
ILE HG23 H  N N 162 
ILE HD11 H  N N 163 
ILE HD12 H  N N 164 
ILE HD13 H  N N 165 
ILE HXT  H  N N 166 
LEU N    N  N N 167 
LEU CA   C  N S 168 
LEU C    C  N N 169 
LEU O    O  N N 170 
LEU CB   C  N N 171 
LEU CG   C  N N 172 
LEU CD1  C  N N 173 
LEU CD2  C  N N 174 
LEU OXT  O  N N 175 
LEU H    H  N N 176 
LEU H2   H  N N 177 
LEU HA   H  N N 178 
LEU HB2  H  N N 179 
LEU HB3  H  N N 180 
LEU HG   H  N N 181 
LEU HD11 H  N N 182 
LEU HD12 H  N N 183 
LEU HD13 H  N N 184 
LEU HD21 H  N N 185 
LEU HD22 H  N N 186 
LEU HD23 H  N N 187 
LEU HXT  H  N N 188 
LYS N    N  N N 189 
LYS CA   C  N S 190 
LYS C    C  N N 191 
LYS O    O  N N 192 
LYS CB   C  N N 193 
LYS CG   C  N N 194 
LYS CD   C  N N 195 
LYS CE   C  N N 196 
LYS NZ   N  N N 197 
LYS OXT  O  N N 198 
LYS H    H  N N 199 
LYS H2   H  N N 200 
LYS HA   H  N N 201 
LYS HB2  H  N N 202 
LYS HB3  H  N N 203 
LYS HG2  H  N N 204 
LYS HG3  H  N N 205 
LYS HD2  H  N N 206 
LYS HD3  H  N N 207 
LYS HE2  H  N N 208 
LYS HE3  H  N N 209 
LYS HZ1  H  N N 210 
LYS HZ2  H  N N 211 
LYS HZ3  H  N N 212 
LYS HXT  H  N N 213 
MET N    N  N N 214 
MET CA   C  N S 215 
MET C    C  N N 216 
MET O    O  N N 217 
MET CB   C  N N 218 
MET CG   C  N N 219 
MET SD   S  N N 220 
MET CE   C  N N 221 
MET OXT  O  N N 222 
MET H    H  N N 223 
MET H2   H  N N 224 
MET HA   H  N N 225 
MET HB2  H  N N 226 
MET HB3  H  N N 227 
MET HG2  H  N N 228 
MET HG3  H  N N 229 
MET HE1  H  N N 230 
MET HE2  H  N N 231 
MET HE3  H  N N 232 
MET HXT  H  N N 233 
PHE N    N  N N 234 
PHE CA   C  N S 235 
PHE C    C  N N 236 
PHE O    O  N N 237 
PHE CB   C  N N 238 
PHE CG   C  Y N 239 
PHE CD1  C  Y N 240 
PHE CD2  C  Y N 241 
PHE CE1  C  Y N 242 
PHE CE2  C  Y N 243 
PHE CZ   C  Y N 244 
PHE OXT  O  N N 245 
PHE H    H  N N 246 
PHE H2   H  N N 247 
PHE HA   H  N N 248 
PHE HB2  H  N N 249 
PHE HB3  H  N N 250 
PHE HD1  H  N N 251 
PHE HD2  H  N N 252 
PHE HE1  H  N N 253 
PHE HE2  H  N N 254 
PHE HZ   H  N N 255 
PHE HXT  H  N N 256 
PRO N    N  N N 257 
PRO CA   C  N S 258 
PRO C    C  N N 259 
PRO O    O  N N 260 
PRO CB   C  N N 261 
PRO CG   C  N N 262 
PRO CD   C  N N 263 
PRO OXT  O  N N 264 
PRO H    H  N N 265 
PRO HA   H  N N 266 
PRO HB2  H  N N 267 
PRO HB3  H  N N 268 
PRO HG2  H  N N 269 
PRO HG3  H  N N 270 
PRO HD2  H  N N 271 
PRO HD3  H  N N 272 
PRO HXT  H  N N 273 
SER N    N  N N 274 
SER CA   C  N S 275 
SER C    C  N N 276 
SER O    O  N N 277 
SER CB   C  N N 278 
SER OG   O  N N 279 
SER OXT  O  N N 280 
SER H    H  N N 281 
SER H2   H  N N 282 
SER HA   H  N N 283 
SER HB2  H  N N 284 
SER HB3  H  N N 285 
SER HG   H  N N 286 
SER HXT  H  N N 287 
THR N    N  N N 288 
THR CA   C  N S 289 
THR C    C  N N 290 
THR O    O  N N 291 
THR CB   C  N R 292 
THR OG1  O  N N 293 
THR CG2  C  N N 294 
THR OXT  O  N N 295 
THR H    H  N N 296 
THR H2   H  N N 297 
THR HA   H  N N 298 
THR HB   H  N N 299 
THR HG1  H  N N 300 
THR HG21 H  N N 301 
THR HG22 H  N N 302 
THR HG23 H  N N 303 
THR HXT  H  N N 304 
TRP N    N  N N 305 
TRP CA   C  N S 306 
TRP C    C  N N 307 
TRP O    O  N N 308 
TRP CB   C  N N 309 
TRP CG   C  Y N 310 
TRP CD1  C  Y N 311 
TRP CD2  C  Y N 312 
TRP NE1  N  Y N 313 
TRP CE2  C  Y N 314 
TRP CE3  C  Y N 315 
TRP CZ2  C  Y N 316 
TRP CZ3  C  Y N 317 
TRP CH2  C  Y N 318 
TRP OXT  O  N N 319 
TRP H    H  N N 320 
TRP H2   H  N N 321 
TRP HA   H  N N 322 
TRP HB2  H  N N 323 
TRP HB3  H  N N 324 
TRP HD1  H  N N 325 
TRP HE1  H  N N 326 
TRP HE3  H  N N 327 
TRP HZ2  H  N N 328 
TRP HZ3  H  N N 329 
TRP HH2  H  N N 330 
TRP HXT  H  N N 331 
TYR N    N  N N 332 
TYR CA   C  N S 333 
TYR C    C  N N 334 
TYR O    O  N N 335 
TYR CB   C  N N 336 
TYR CG   C  Y N 337 
TYR CD1  C  Y N 338 
TYR CD2  C  Y N 339 
TYR CE1  C  Y N 340 
TYR CE2  C  Y N 341 
TYR CZ   C  Y N 342 
TYR OH   O  N N 343 
TYR OXT  O  N N 344 
TYR H    H  N N 345 
TYR H2   H  N N 346 
TYR HA   H  N N 347 
TYR HB2  H  N N 348 
TYR HB3  H  N N 349 
TYR HD1  H  N N 350 
TYR HD2  H  N N 351 
TYR HE1  H  N N 352 
TYR HE2  H  N N 353 
TYR HH   H  N N 354 
TYR HXT  H  N N 355 
VAL N    N  N N 356 
VAL CA   C  N S 357 
VAL C    C  N N 358 
VAL O    O  N N 359 
VAL CB   C  N N 360 
VAL CG1  C  N N 361 
VAL CG2  C  N N 362 
VAL OXT  O  N N 363 
VAL H    H  N N 364 
VAL H2   H  N N 365 
VAL HA   H  N N 366 
VAL HB   H  N N 367 
VAL HG11 H  N N 368 
VAL HG12 H  N N 369 
VAL HG13 H  N N 370 
VAL HG21 H  N N 371 
VAL HG22 H  N N 372 
VAL HG23 H  N N 373 
VAL HXT  H  N N 374 
# 
loop_
_chem_comp_bond.comp_id 
_chem_comp_bond.atom_id_1 
_chem_comp_bond.atom_id_2 
_chem_comp_bond.value_order 
_chem_comp_bond.pdbx_aromatic_flag 
_chem_comp_bond.pdbx_stereo_config 
_chem_comp_bond.pdbx_ordinal 
ALA N   CA   sing N N 1   
ALA N   H    sing N N 2   
ALA N   H2   sing N N 3   
ALA CA  C    sing N N 4   
ALA CA  CB   sing N N 5   
ALA CA  HA   sing N N 6   
ALA C   O    doub N N 7   
ALA C   OXT  sing N N 8   
ALA CB  HB1  sing N N 9   
ALA CB  HB2  sing N N 10  
ALA CB  HB3  sing N N 11  
ALA OXT HXT  sing N N 12  
ARG N   CA   sing N N 13  
ARG N   H    sing N N 14  
ARG N   H2   sing N N 15  
ARG CA  C    sing N N 16  
ARG CA  CB   sing N N 17  
ARG CA  HA   sing N N 18  
ARG C   O    doub N N 19  
ARG C   OXT  sing N N 20  
ARG CB  CG   sing N N 21  
ARG CB  HB2  sing N N 22  
ARG CB  HB3  sing N N 23  
ARG CG  CD   sing N N 24  
ARG CG  HG2  sing N N 25  
ARG CG  HG3  sing N N 26  
ARG CD  NE   sing N N 27  
ARG CD  HD2  sing N N 28  
ARG CD  HD3  sing N N 29  
ARG NE  CZ   sing N N 30  
ARG NE  HE   sing N N 31  
ARG CZ  NH1  sing N N 32  
ARG CZ  NH2  doub N N 33  
ARG NH1 HH11 sing N N 34  
ARG NH1 HH12 sing N N 35  
ARG NH2 HH21 sing N N 36  
ARG NH2 HH22 sing N N 37  
ARG OXT HXT  sing N N 38  
ASN N   CA   sing N N 39  
ASN N   H    sing N N 40  
ASN N   H2   sing N N 41  
ASN CA  C    sing N N 42  
ASN CA  CB   sing N N 43  
ASN CA  HA   sing N N 44  
ASN C   O    doub N N 45  
ASN C   OXT  sing N N 46  
ASN CB  CG   sing N N 47  
ASN CB  HB2  sing N N 48  
ASN CB  HB3  sing N N 49  
ASN CG  OD1  doub N N 50  
ASN CG  ND2  sing N N 51  
ASN ND2 HD21 sing N N 52  
ASN ND2 HD22 sing N N 53  
ASN OXT HXT  sing N N 54  
ASP N   CA   sing N N 55  
ASP N   H    sing N N 56  
ASP N   H2   sing N N 57  
ASP CA  C    sing N N 58  
ASP CA  CB   sing N N 59  
ASP CA  HA   sing N N 60  
ASP C   O    doub N N 61  
ASP C   OXT  sing N N 62  
ASP CB  CG   sing N N 63  
ASP CB  HB2  sing N N 64  
ASP CB  HB3  sing N N 65  
ASP CG  OD1  doub N N 66  
ASP CG  OD2  sing N N 67  
ASP OD2 HD2  sing N N 68  
ASP OXT HXT  sing N N 69  
GLN N   CA   sing N N 70  
GLN N   H    sing N N 71  
GLN N   H2   sing N N 72  
GLN CA  C    sing N N 73  
GLN CA  CB   sing N N 74  
GLN CA  HA   sing N N 75  
GLN C   O    doub N N 76  
GLN C   OXT  sing N N 77  
GLN CB  CG   sing N N 78  
GLN CB  HB2  sing N N 79  
GLN CB  HB3  sing N N 80  
GLN CG  CD   sing N N 81  
GLN CG  HG2  sing N N 82  
GLN CG  HG3  sing N N 83  
GLN CD  OE1  doub N N 84  
GLN CD  NE2  sing N N 85  
GLN NE2 HE21 sing N N 86  
GLN NE2 HE22 sing N N 87  
GLN OXT HXT  sing N N 88  
GLU N   CA   sing N N 89  
GLU N   H    sing N N 90  
GLU N   H2   sing N N 91  
GLU CA  C    sing N N 92  
GLU CA  CB   sing N N 93  
GLU CA  HA   sing N N 94  
GLU C   O    doub N N 95  
GLU C   OXT  sing N N 96  
GLU CB  CG   sing N N 97  
GLU CB  HB2  sing N N 98  
GLU CB  HB3  sing N N 99  
GLU CG  CD   sing N N 100 
GLU CG  HG2  sing N N 101 
GLU CG  HG3  sing N N 102 
GLU CD  OE1  doub N N 103 
GLU CD  OE2  sing N N 104 
GLU OE2 HE2  sing N N 105 
GLU OXT HXT  sing N N 106 
GLY N   CA   sing N N 107 
GLY N   H    sing N N 108 
GLY N   H2   sing N N 109 
GLY CA  C    sing N N 110 
GLY CA  HA2  sing N N 111 
GLY CA  HA3  sing N N 112 
GLY C   O    doub N N 113 
GLY C   OXT  sing N N 114 
GLY OXT HXT  sing N N 115 
HIS N   CA   sing N N 116 
HIS N   H    sing N N 117 
HIS N   H2   sing N N 118 
HIS CA  C    sing N N 119 
HIS CA  CB   sing N N 120 
HIS CA  HA   sing N N 121 
HIS C   O    doub N N 122 
HIS C   OXT  sing N N 123 
HIS CB  CG   sing N N 124 
HIS CB  HB2  sing N N 125 
HIS CB  HB3  sing N N 126 
HIS CG  ND1  sing Y N 127 
HIS CG  CD2  doub Y N 128 
HIS ND1 CE1  doub Y N 129 
HIS ND1 HD1  sing N N 130 
HIS CD2 NE2  sing Y N 131 
HIS CD2 HD2  sing N N 132 
HIS CE1 NE2  sing Y N 133 
HIS CE1 HE1  sing N N 134 
HIS NE2 HE2  sing N N 135 
HIS OXT HXT  sing N N 136 
ILE N   CA   sing N N 137 
ILE N   H    sing N N 138 
ILE N   H2   sing N N 139 
ILE CA  C    sing N N 140 
ILE CA  CB   sing N N 141 
ILE CA  HA   sing N N 142 
ILE C   O    doub N N 143 
ILE C   OXT  sing N N 144 
ILE CB  CG1  sing N N 145 
ILE CB  CG2  sing N N 146 
ILE CB  HB   sing N N 147 
ILE CG1 CD1  sing N N 148 
ILE CG1 HG12 sing N N 149 
ILE CG1 HG13 sing N N 150 
ILE CG2 HG21 sing N N 151 
ILE CG2 HG22 sing N N 152 
ILE CG2 HG23 sing N N 153 
ILE CD1 HD11 sing N N 154 
ILE CD1 HD12 sing N N 155 
ILE CD1 HD13 sing N N 156 
ILE OXT HXT  sing N N 157 
LEU N   CA   sing N N 158 
LEU N   H    sing N N 159 
LEU N   H2   sing N N 160 
LEU CA  C    sing N N 161 
LEU CA  CB   sing N N 162 
LEU CA  HA   sing N N 163 
LEU C   O    doub N N 164 
LEU C   OXT  sing N N 165 
LEU CB  CG   sing N N 166 
LEU CB  HB2  sing N N 167 
LEU CB  HB3  sing N N 168 
LEU CG  CD1  sing N N 169 
LEU CG  CD2  sing N N 170 
LEU CG  HG   sing N N 171 
LEU CD1 HD11 sing N N 172 
LEU CD1 HD12 sing N N 173 
LEU CD1 HD13 sing N N 174 
LEU CD2 HD21 sing N N 175 
LEU CD2 HD22 sing N N 176 
LEU CD2 HD23 sing N N 177 
LEU OXT HXT  sing N N 178 
LYS N   CA   sing N N 179 
LYS N   H    sing N N 180 
LYS N   H2   sing N N 181 
LYS CA  C    sing N N 182 
LYS CA  CB   sing N N 183 
LYS CA  HA   sing N N 184 
LYS C   O    doub N N 185 
LYS C   OXT  sing N N 186 
LYS CB  CG   sing N N 187 
LYS CB  HB2  sing N N 188 
LYS CB  HB3  sing N N 189 
LYS CG  CD   sing N N 190 
LYS CG  HG2  sing N N 191 
LYS CG  HG3  sing N N 192 
LYS CD  CE   sing N N 193 
LYS CD  HD2  sing N N 194 
LYS CD  HD3  sing N N 195 
LYS CE  NZ   sing N N 196 
LYS CE  HE2  sing N N 197 
LYS CE  HE3  sing N N 198 
LYS NZ  HZ1  sing N N 199 
LYS NZ  HZ2  sing N N 200 
LYS NZ  HZ3  sing N N 201 
LYS OXT HXT  sing N N 202 
MET N   CA   sing N N 203 
MET N   H    sing N N 204 
MET N   H2   sing N N 205 
MET CA  C    sing N N 206 
MET CA  CB   sing N N 207 
MET CA  HA   sing N N 208 
MET C   O    doub N N 209 
MET C   OXT  sing N N 210 
MET CB  CG   sing N N 211 
MET CB  HB2  sing N N 212 
MET CB  HB3  sing N N 213 
MET CG  SD   sing N N 214 
MET CG  HG2  sing N N 215 
MET CG  HG3  sing N N 216 
MET SD  CE   sing N N 217 
MET CE  HE1  sing N N 218 
MET CE  HE2  sing N N 219 
MET CE  HE3  sing N N 220 
MET OXT HXT  sing N N 221 
PHE N   CA   sing N N 222 
PHE N   H    sing N N 223 
PHE N   H2   sing N N 224 
PHE CA  C    sing N N 225 
PHE CA  CB   sing N N 226 
PHE CA  HA   sing N N 227 
PHE C   O    doub N N 228 
PHE C   OXT  sing N N 229 
PHE CB  CG   sing N N 230 
PHE CB  HB2  sing N N 231 
PHE CB  HB3  sing N N 232 
PHE CG  CD1  doub Y N 233 
PHE CG  CD2  sing Y N 234 
PHE CD1 CE1  sing Y N 235 
PHE CD1 HD1  sing N N 236 
PHE CD2 CE2  doub Y N 237 
PHE CD2 HD2  sing N N 238 
PHE CE1 CZ   doub Y N 239 
PHE CE1 HE1  sing N N 240 
PHE CE2 CZ   sing Y N 241 
PHE CE2 HE2  sing N N 242 
PHE CZ  HZ   sing N N 243 
PHE OXT HXT  sing N N 244 
PRO N   CA   sing N N 245 
PRO N   CD   sing N N 246 
PRO N   H    sing N N 247 
PRO CA  C    sing N N 248 
PRO CA  CB   sing N N 249 
PRO CA  HA   sing N N 250 
PRO C   O    doub N N 251 
PRO C   OXT  sing N N 252 
PRO CB  CG   sing N N 253 
PRO CB  HB2  sing N N 254 
PRO CB  HB3  sing N N 255 
PRO CG  CD   sing N N 256 
PRO CG  HG2  sing N N 257 
PRO CG  HG3  sing N N 258 
PRO CD  HD2  sing N N 259 
PRO CD  HD3  sing N N 260 
PRO OXT HXT  sing N N 261 
SER N   CA   sing N N 262 
SER N   H    sing N N 263 
SER N   H2   sing N N 264 
SER CA  C    sing N N 265 
SER CA  CB   sing N N 266 
SER CA  HA   sing N N 267 
SER C   O    doub N N 268 
SER C   OXT  sing N N 269 
SER CB  OG   sing N N 270 
SER CB  HB2  sing N N 271 
SER CB  HB3  sing N N 272 
SER OG  HG   sing N N 273 
SER OXT HXT  sing N N 274 
THR N   CA   sing N N 275 
THR N   H    sing N N 276 
THR N   H2   sing N N 277 
THR CA  C    sing N N 278 
THR CA  CB   sing N N 279 
THR CA  HA   sing N N 280 
THR C   O    doub N N 281 
THR C   OXT  sing N N 282 
THR CB  OG1  sing N N 283 
THR CB  CG2  sing N N 284 
THR CB  HB   sing N N 285 
THR OG1 HG1  sing N N 286 
THR CG2 HG21 sing N N 287 
THR CG2 HG22 sing N N 288 
THR CG2 HG23 sing N N 289 
THR OXT HXT  sing N N 290 
TRP N   CA   sing N N 291 
TRP N   H    sing N N 292 
TRP N   H2   sing N N 293 
TRP CA  C    sing N N 294 
TRP CA  CB   sing N N 295 
TRP CA  HA   sing N N 296 
TRP C   O    doub N N 297 
TRP C   OXT  sing N N 298 
TRP CB  CG   sing N N 299 
TRP CB  HB2  sing N N 300 
TRP CB  HB3  sing N N 301 
TRP CG  CD1  doub Y N 302 
TRP CG  CD2  sing Y N 303 
TRP CD1 NE1  sing Y N 304 
TRP CD1 HD1  sing N N 305 
TRP CD2 CE2  doub Y N 306 
TRP CD2 CE3  sing Y N 307 
TRP NE1 CE2  sing Y N 308 
TRP NE1 HE1  sing N N 309 
TRP CE2 CZ2  sing Y N 310 
TRP CE3 CZ3  doub Y N 311 
TRP CE3 HE3  sing N N 312 
TRP CZ2 CH2  doub Y N 313 
TRP CZ2 HZ2  sing N N 314 
TRP CZ3 CH2  sing Y N 315 
TRP CZ3 HZ3  sing N N 316 
TRP CH2 HH2  sing N N 317 
TRP OXT HXT  sing N N 318 
TYR N   CA   sing N N 319 
TYR N   H    sing N N 320 
TYR N   H2   sing N N 321 
TYR CA  C    sing N N 322 
TYR CA  CB   sing N N 323 
TYR CA  HA   sing N N 324 
TYR C   O    doub N N 325 
TYR C   OXT  sing N N 326 
TYR CB  CG   sing N N 327 
TYR CB  HB2  sing N N 328 
TYR CB  HB3  sing N N 329 
TYR CG  CD1  doub Y N 330 
TYR CG  CD2  sing Y N 331 
TYR CD1 CE1  sing Y N 332 
TYR CD1 HD1  sing N N 333 
TYR CD2 CE2  doub Y N 334 
TYR CD2 HD2  sing N N 335 
TYR CE1 CZ   doub Y N 336 
TYR CE1 HE1  sing N N 337 
TYR CE2 CZ   sing Y N 338 
TYR CE2 HE2  sing N N 339 
TYR CZ  OH   sing N N 340 
TYR OH  HH   sing N N 341 
TYR OXT HXT  sing N N 342 
VAL N   CA   sing N N 343 
VAL N   H    sing N N 344 
VAL N   H2   sing N N 345 
VAL CA  C    sing N N 346 
VAL CA  CB   sing N N 347 
VAL CA  HA   sing N N 348 
VAL C   O    doub N N 349 
VAL C   OXT  sing N N 350 
VAL CB  CG1  sing N N 351 
VAL CB  CG2  sing N N 352 
VAL CB  HB   sing N N 353 
VAL CG1 HG11 sing N N 354 
VAL CG1 HG12 sing N N 355 
VAL CG1 HG13 sing N N 356 
VAL CG2 HG21 sing N N 357 
VAL CG2 HG22 sing N N 358 
VAL CG2 HG23 sing N N 359 
VAL OXT HXT  sing N N 360 
# 
_em_admin.current_status     REL 
_em_admin.deposition_date    2024-04-03 
_em_admin.deposition_site    RCSB 
_em_admin.entry_id           9BAC 
_em_admin.last_update        2025-10-29 
_em_admin.map_release_date   2025-04-09 
_em_admin.title              'Cryo-EM of Hyper2 tube, ~24 nm diameter' 
# 
_em_ctf_correction.details                  ? 
_em_ctf_correction.em_image_processing_id   1 
_em_ctf_correction.id                       1 
_em_ctf_correction.type                     'PHASE FLIPPING AND AMPLITUDE CORRECTION' 
# 
_em_entity_assembly_naturalsource.cell                 ? 
_em_entity_assembly_naturalsource.cellular_location    ? 
_em_entity_assembly_naturalsource.entity_assembly_id   1 
_em_entity_assembly_naturalsource.id                   2 
_em_entity_assembly_naturalsource.ncbi_tax_id          1970083 
_em_entity_assembly_naturalsource.organism             'Hyperthermus sp.' 
_em_entity_assembly_naturalsource.organelle            ? 
_em_entity_assembly_naturalsource.organ                ? 
_em_entity_assembly_naturalsource.strain               ? 
_em_entity_assembly_naturalsource.tissue               ? 
_em_entity_assembly_naturalsource.details              ? 
# 
_em_entity_assembly_recombinant.cell                 ? 
_em_entity_assembly_recombinant.entity_assembly_id   1 
_em_entity_assembly_recombinant.id                   2 
_em_entity_assembly_recombinant.ncbi_tax_id          511693 
_em_entity_assembly_recombinant.organism             'Escherichia coli BL21' 
_em_entity_assembly_recombinant.plasmid              ? 
_em_entity_assembly_recombinant.strain               ? 
# 
_em_helical_entity.id                             1 
_em_helical_entity.image_processing_id            1 
_em_helical_entity.details                        ? 
_em_helical_entity.axial_symmetry                 C1 
_em_helical_entity.angular_rotation_per_subunit   46.23 
_em_helical_entity.axial_rise_per_subunit         1.424 
# 
_em_image_processing.details              ? 
_em_image_processing.id                   1 
_em_image_processing.image_recording_id   1 
# 
_em_image_recording.average_exposure_time               ? 
_em_image_recording.avg_electron_dose_per_subtomogram   ? 
_em_image_recording.avg_electron_dose_per_image         50 
_em_image_recording.details                             ? 
_em_image_recording.detector_mode                       ? 
_em_image_recording.film_or_detector_model              'GATAN K3 (6k x 4k)' 
_em_image_recording.id                                  1 
_em_image_recording.imaging_id                          1 
_em_image_recording.num_diffraction_images              ? 
_em_image_recording.num_grids_imaged                    ? 
_em_image_recording.num_real_images                     ? 
# 
loop_
_em_software.category 
_em_software.details 
_em_software.id 
_em_software.image_processing_id 
_em_software.fitting_id 
_em_software.imaging_id 
_em_software.name 
_em_software.version 
'PARTICLE SELECTION'       ? 1  1 ? ? ?      ?            
'MODEL REFINEMENT'         ? 2  ? ? ? PHENIX 1.15.2_3472: 
'IMAGE ACQUISITION'        ? 3  1 1 1 ?      ?            
MASKING                    ? 4  1 1 1 ?      ?            
'CTF CORRECTION'           ? 5  1 ? ? ?      ?            
'LAYERLINE INDEXING'       ? 6  1 1 1 ?      ?            
'DIFFRACTION INDEXING'     ? 7  1 1 1 ?      ?            
'MODEL FITTING'            ? 8  1 1 1 ?      ?            
OTHER                      ? 9  1 1 1 ?      ?            
'INITIAL EULER ASSIGNMENT' ? 10 1 ? ? ?      ?            
'FINAL EULER ASSIGNMENT'   ? 11 1 ? ? ?      ?            
CLASSIFICATION             ? 12 1 ? ? ?      ?            
RECONSTRUCTION             ? 13 1 ? ? ?      ?            
# 
_em_specimen.concentration           ? 
_em_specimen.details                 ? 
_em_specimen.embedding_applied       NO 
_em_specimen.experiment_id           1 
_em_specimen.id                      1 
_em_specimen.shadowing_applied       NO 
_em_specimen.staining_applied        NO 
_em_specimen.vitrification_applied   YES 
# 
_pdbx_audit_support.funding_organization   
'National Institutes of Health/National Institute of General Medical Sciences (NIH/NIGMS)' 
_pdbx_audit_support.country                'United States' 
_pdbx_audit_support.grant_number           GM122150 
_pdbx_audit_support.ordinal                1 
# 
_atom_sites.entry_id                    9BAC 
_atom_sites.Cartn_transf_matrix[1][1]   ? 
_atom_sites.Cartn_transf_matrix[1][2]   ? 
_atom_sites.Cartn_transf_matrix[1][3]   ? 
_atom_sites.Cartn_transf_matrix[2][1]   ? 
_atom_sites.Cartn_transf_matrix[2][2]   ? 
_atom_sites.Cartn_transf_matrix[2][3]   ? 
_atom_sites.Cartn_transf_matrix[3][1]   ? 
_atom_sites.Cartn_transf_matrix[3][2]   ? 
_atom_sites.Cartn_transf_matrix[3][3]   ? 
_atom_sites.Cartn_transf_vector[1]      ? 
_atom_sites.Cartn_transf_vector[2]      ? 
_atom_sites.Cartn_transf_vector[3]      ? 
_atom_sites.Cartn_transform_axes        ? 
_atom_sites.fract_transf_matrix[1][1]   1.000000 
_atom_sites.fract_transf_matrix[1][2]   0.000000 
_atom_sites.fract_transf_matrix[1][3]   0.000000 
_atom_sites.fract_transf_matrix[2][1]   0.000000 
_atom_sites.fract_transf_matrix[2][2]   1.000000 
_atom_sites.fract_transf_matrix[2][3]   0.000000 
_atom_sites.fract_transf_matrix[3][1]   0.000000 
_atom_sites.fract_transf_matrix[3][2]   0.000000 
_atom_sites.fract_transf_matrix[3][3]   1.000000 
_atom_sites.fract_transf_vector[1]      0.00000 
_atom_sites.fract_transf_vector[2]      0.00000 
_atom_sites.fract_transf_vector[3]      0.00000 
_atom_sites.solution_primary            ? 
_atom_sites.solution_secondary          ? 
_atom_sites.solution_hydrogens          ? 
_atom_sites.special_details             ? 
# 
loop_
_atom_type.symbol 
C  
CA 
N  
O  
S  
# 
loop_
_atom_site.group_PDB 
_atom_site.id 
_atom_site.type_symbol 
_atom_site.label_atom_id 
_atom_site.label_alt_id 
_atom_site.label_comp_id 
_atom_site.label_asym_id 
_atom_site.label_entity_id 
_atom_site.label_seq_id 
_atom_site.pdbx_PDB_ins_code 
_atom_site.Cartn_x 
_atom_site.Cartn_y 
_atom_site.Cartn_z 
_atom_site.occupancy 
_atom_site.B_iso_or_equiv 
_atom_site.pdbx_formal_charge 
_atom_site.auth_seq_id 
_atom_site.auth_comp_id 
_atom_site.auth_asym_id 
_atom_site.auth_atom_id 
_atom_site.pdbx_PDB_model_num 
ATOM   1    N  N   . SER A 1 2   ? 58.214  -25.528 -28.653 1.00 79.32 ? 1   SER z N   1 
ATOM   2    C  CA  . SER A 1 2   ? 57.874  -25.505 -30.069 1.00 79.32 ? 1   SER z CA  1 
ATOM   3    C  C   . SER A 1 2   ? 56.550  -24.797 -30.292 1.00 79.32 ? 1   SER z C   1 
ATOM   4    O  O   . SER A 1 2   ? 56.300  -24.253 -31.361 1.00 79.32 ? 1   SER z O   1 
ATOM   5    C  CB  . SER A 1 2   ? 57.818  -26.921 -30.625 1.00 79.32 ? 1   SER z CB  1 
ATOM   6    O  OG  . SER A 1 2   ? 56.896  -27.705 -29.895 1.00 79.32 ? 1   SER z OG  1 
ATOM   7    N  N   . VAL A 1 3   ? 55.705  -24.811 -29.273 1.00 75.52 ? 2   VAL z N   1 
ATOM   8    C  CA  . VAL A 1 3   ? 54.420  -24.130 -29.332 1.00 75.52 ? 2   VAL z CA  1 
ATOM   9    C  C   . VAL A 1 3   ? 54.559  -22.741 -28.726 1.00 75.52 ? 2   VAL z C   1 
ATOM   10   O  O   . VAL A 1 3   ? 55.313  -22.537 -27.770 1.00 75.52 ? 2   VAL z O   1 
ATOM   11   C  CB  . VAL A 1 3   ? 53.339  -24.965 -28.621 1.00 75.52 ? 2   VAL z CB  1 
ATOM   12   C  CG1 . VAL A 1 3   ? 53.336  -26.368 -29.158 1.00 75.52 ? 2   VAL z CG1 1 
ATOM   13   C  CG2 . VAL A 1 3   ? 53.568  -25.005 -27.138 1.00 75.52 ? 2   VAL z CG2 1 
ATOM   14   N  N   . THR A 1 4   ? 53.854  -21.772 -29.295 1.00 73.51 ? 3   THR z N   1 
ATOM   15   C  CA  . THR A 1 4   ? 53.799  -20.418 -28.749 1.00 73.51 ? 3   THR z CA  1 
ATOM   16   C  C   . THR A 1 4   ? 52.427  -20.255 -28.111 1.00 73.51 ? 3   THR z C   1 
ATOM   17   O  O   . THR A 1 4   ? 51.439  -20.000 -28.800 1.00 73.51 ? 3   THR z O   1 
ATOM   18   C  CB  . THR A 1 4   ? 54.055  -19.374 -29.832 1.00 73.51 ? 3   THR z CB  1 
ATOM   19   O  OG1 . THR A 1 4   ? 55.393  -19.506 -30.319 1.00 73.51 ? 3   THR z OG1 1 
ATOM   20   C  CG2 . THR A 1 4   ? 53.881  -17.977 -29.281 1.00 73.51 ? 3   THR z CG2 1 
ATOM   21   N  N   . SER A 1 5   ? 52.367  -20.419 -26.796 1.00 70.88 ? 4   SER z N   1 
ATOM   22   C  CA  . SER A 1 5   ? 51.088  -20.494 -26.104 1.00 70.88 ? 4   SER z CA  1 
ATOM   23   C  C   . SER A 1 5   ? 50.346  -19.170 -26.181 1.00 70.88 ? 4   SER z C   1 
ATOM   24   O  O   . SER A 1 5   ? 50.929  -18.107 -25.964 1.00 70.88 ? 4   SER z O   1 
ATOM   25   C  CB  . SER A 1 5   ? 51.296  -20.880 -24.642 1.00 70.88 ? 4   SER z CB  1 
ATOM   26   O  OG  . SER A 1 5   ? 51.775  -22.200 -24.521 1.00 70.88 ? 4   SER z OG  1 
ATOM   27   N  N   . ASP A 1 6   ? 49.061  -19.231 -26.501 1.00 71.49 ? 5   ASP z N   1 
ATOM   28   C  CA  . ASP A 1 6   ? 48.198  -18.068 -26.339 1.00 71.49 ? 5   ASP z CA  1 
ATOM   29   C  C   . ASP A 1 6   ? 47.778  -18.027 -24.882 1.00 71.49 ? 5   ASP z C   1 
ATOM   30   O  O   . ASP A 1 6   ? 46.944  -18.818 -24.440 1.00 71.49 ? 5   ASP z O   1 
ATOM   31   C  CB  . ASP A 1 6   ? 47.001  -18.132 -27.271 1.00 71.49 ? 5   ASP z CB  1 
ATOM   32   C  CG  . ASP A 1 6   ? 47.243  -17.382 -28.545 1.00 71.49 ? 5   ASP z CG  1 
ATOM   33   O  OD1 . ASP A 1 6   ? 48.354  -16.841 -28.695 1.00 71.49 ? 5   ASP z OD1 1 
ATOM   34   O  OD2 . ASP A 1 6   ? 46.331  -17.326 -29.392 1.00 71.49 ? 5   ASP z OD2 1 
ATOM   35   N  N   . ARG A 1 7   ? 48.372  -17.103 -24.138 1.00 69.69 ? 6   ARG z N   1 
ATOM   36   C  CA  . ARG A 1 7   ? 48.337  -17.109 -22.681 1.00 69.69 ? 6   ARG z CA  1 
ATOM   37   C  C   . ARG A 1 7   ? 47.049  -16.456 -22.203 1.00 69.69 ? 6   ARG z C   1 
ATOM   38   O  O   . ARG A 1 7   ? 47.002  -15.263 -21.911 1.00 69.69 ? 6   ARG z O   1 
ATOM   39   C  CB  . ARG A 1 7   ? 49.568  -16.399 -22.145 1.00 69.69 ? 6   ARG z CB  1 
ATOM   40   C  CG  . ARG A 1 7   ? 50.859  -17.097 -22.530 1.00 69.69 ? 6   ARG z CG  1 
ATOM   41   C  CD  . ARG A 1 7   ? 52.071  -16.196 -22.429 1.00 69.69 ? 6   ARG z CD  1 
ATOM   42   N  NE  . ARG A 1 7   ? 52.258  -15.403 -23.636 1.00 69.69 ? 6   ARG z NE  1 
ATOM   43   C  CZ  . ARG A 1 7   ? 52.116  -14.088 -23.699 1.00 69.69 ? 6   ARG z CZ  1 
ATOM   44   N  NH1 . ARG A 1 7   ? 52.309  -13.453 -24.843 1.00 69.69 ? 6   ARG z NH1 1 
ATOM   45   N  NH2 . ARG A 1 7   ? 51.793  -13.404 -22.616 1.00 69.69 ? 6   ARG z NH2 1 
ATOM   46   N  N   . THR A 1 8   ? 45.986  -17.250 -22.116 1.00 64.34 ? 7   THR z N   1 
ATOM   47   C  CA  . THR A 1 8   ? 44.701  -16.756 -21.633 1.00 64.34 ? 7   THR z CA  1 
ATOM   48   C  C   . THR A 1 8   ? 43.977  -17.887 -20.919 1.00 64.34 ? 7   THR z C   1 
ATOM   49   O  O   . THR A 1 8   ? 43.635  -18.889 -21.550 1.00 64.34 ? 7   THR z O   1 
ATOM   50   C  CB  . THR A 1 8   ? 43.848  -16.213 -22.786 1.00 64.34 ? 7   THR z CB  1 
ATOM   51   O  OG1 . THR A 1 8   ? 44.647  -15.398 -23.653 1.00 64.34 ? 7   THR z OG1 1 
ATOM   52   C  CG2 . THR A 1 8   ? 42.728  -15.367 -22.251 1.00 64.34 ? 7   THR z CG2 1 
ATOM   53   N  N   . TYR A 1 9   ? 43.753  -17.736 -19.618 1.00 65.03 ? 8   TYR z N   1 
ATOM   54   C  CA  . TYR A 1 9   ? 42.951  -18.655 -18.821 1.00 65.03 ? 8   TYR z CA  1 
ATOM   55   C  C   . TYR A 1 9   ? 41.716  -17.903 -18.346 1.00 65.03 ? 8   TYR z C   1 
ATOM   56   O  O   . TYR A 1 9   ? 41.652  -16.676 -18.427 1.00 65.03 ? 8   TYR z O   1 
ATOM   57   C  CB  . TYR A 1 9   ? 43.727  -19.209 -17.617 1.00 65.03 ? 8   TYR z CB  1 
ATOM   58   C  CG  . TYR A 1 9   ? 45.128  -19.715 -17.898 1.00 65.03 ? 8   TYR z CG  1 
ATOM   59   C  CD1 . TYR A 1 9   ? 46.108  -18.873 -18.396 1.00 65.03 ? 8   TYR z CD1 1 
ATOM   60   C  CD2 . TYR A 1 9   ? 45.483  -21.017 -17.614 1.00 65.03 ? 8   TYR z CD2 1 
ATOM   61   C  CE1 . TYR A 1 9   ? 47.382  -19.318 -18.644 1.00 65.03 ? 8   TYR z CE1 1 
ATOM   62   C  CE2 . TYR A 1 9   ? 46.763  -21.469 -17.851 1.00 65.03 ? 8   TYR z CE2 1 
ATOM   63   C  CZ  . TYR A 1 9   ? 47.706  -20.610 -18.367 1.00 65.03 ? 8   TYR z CZ  1 
ATOM   64   O  OH  . TYR A 1 9   ? 48.984  -21.035 -18.620 1.00 65.03 ? 8   TYR z OH  1 
ATOM   65   N  N   . TYR A 1 10  ? 40.719  -18.627 -17.847 1.00 59.51 ? 9   TYR z N   1 
ATOM   66   C  CA  . TYR A 1 10  ? 39.426  -18.006 -17.590 1.00 59.51 ? 9   TYR z CA  1 
ATOM   67   C  C   . TYR A 1 10  ? 38.897  -18.317 -16.196 1.00 59.51 ? 9   TYR z C   1 
ATOM   68   O  O   . TYR A 1 10  ? 39.220  -19.344 -15.599 1.00 59.51 ? 9   TYR z O   1 
ATOM   69   C  CB  . TYR A 1 10  ? 38.406  -18.433 -18.646 1.00 59.51 ? 9   TYR z CB  1 
ATOM   70   C  CG  . TYR A 1 10  ? 38.544  -17.665 -19.932 1.00 59.51 ? 9   TYR z CG  1 
ATOM   71   C  CD1 . TYR A 1 10  ? 39.625  -17.866 -20.765 1.00 59.51 ? 9   TYR z CD1 1 
ATOM   72   C  CD2 . TYR A 1 10  ? 37.602  -16.734 -20.308 1.00 59.51 ? 9   TYR z CD2 1 
ATOM   73   C  CE1 . TYR A 1 10  ? 39.763  -17.166 -21.929 1.00 59.51 ? 9   TYR z CE1 1 
ATOM   74   C  CE2 . TYR A 1 10  ? 37.738  -16.028 -21.480 1.00 59.51 ? 9   TYR z CE2 1 
ATOM   75   C  CZ  . TYR A 1 10  ? 38.820  -16.252 -22.284 1.00 59.51 ? 9   TYR z CZ  1 
ATOM   76   O  OH  . TYR A 1 10  ? 38.971  -15.559 -23.454 1.00 59.51 ? 9   TYR z OH  1 
ATOM   77   N  N   . GLY A 1 11  ? 38.090  -17.391 -15.683 1.00 58.63 ? 10  GLY z N   1 
ATOM   78   C  CA  . GLY A 1 11  ? 37.282  -17.641 -14.508 1.00 58.63 ? 10  GLY z CA  1 
ATOM   79   C  C   . GLY A 1 11  ? 35.899  -17.055 -14.712 1.00 58.63 ? 10  GLY z C   1 
ATOM   80   O  O   . GLY A 1 11  ? 35.717  -16.102 -15.468 1.00 58.63 ? 10  GLY z O   1 
ATOM   81   N  N   . TYR A 1 12  ? 34.922  -17.632 -14.018 1.00 55.77 ? 11  TYR z N   1 
ATOM   82   C  CA  . TYR A 1 12  ? 33.532  -17.314 -14.315 1.00 55.77 ? 11  TYR z CA  1 
ATOM   83   C  C   . TYR A 1 12  ? 32.697  -17.398 -13.048 1.00 55.77 ? 11  TYR z C   1 
ATOM   84   O  O   . TYR A 1 12  ? 33.113  -17.966 -12.036 1.00 55.77 ? 11  TYR z O   1 
ATOM   85   C  CB  . TYR A 1 12  ? 32.972  -18.252 -15.389 1.00 55.77 ? 11  TYR z CB  1 
ATOM   86   C  CG  . TYR A 1 12  ? 32.972  -19.717 -15.003 1.00 55.77 ? 11  TYR z CG  1 
ATOM   87   C  CD1 . TYR A 1 12  ? 34.100  -20.496 -15.169 1.00 55.77 ? 11  TYR z CD1 1 
ATOM   88   C  CD2 . TYR A 1 12  ? 31.840  -20.317 -14.488 1.00 55.77 ? 11  TYR z CD2 1 
ATOM   89   C  CE1 . TYR A 1 12  ? 34.104  -21.823 -14.822 1.00 55.77 ? 11  TYR z CE1 1 
ATOM   90   C  CE2 . TYR A 1 12  ? 31.836  -21.643 -14.141 1.00 55.77 ? 11  TYR z CE2 1 
ATOM   91   C  CZ  . TYR A 1 12  ? 32.971  -22.388 -14.309 1.00 55.77 ? 11  TYR z CZ  1 
ATOM   92   O  OH  . TYR A 1 12  ? 32.972  -23.712 -13.963 1.00 55.77 ? 11  TYR z OH  1 
ATOM   93   N  N   . GLY A 1 13  ? 31.502  -16.828 -13.126 1.00 53.70 ? 12  GLY z N   1 
ATOM   94   C  CA  . GLY A 1 13  ? 30.538  -16.916 -12.045 1.00 53.70 ? 12  GLY z CA  1 
ATOM   95   C  C   . GLY A 1 13  ? 29.185  -16.452 -12.533 1.00 53.70 ? 12  GLY z C   1 
ATOM   96   O  O   . GLY A 1 13  ? 29.059  -15.843 -13.598 1.00 53.70 ? 12  GLY z O   1 
ATOM   97   N  N   . ASP A 1 14  ? 28.163  -16.735 -11.731 1.00 53.35 ? 13  ASP z N   1 
ATOM   98   C  CA  . ASP A 1 14  ? 26.796  -16.416 -12.109 1.00 53.35 ? 13  ASP z CA  1 
ATOM   99   C  C   . ASP A 1 14  ? 26.064  -15.748 -10.956 1.00 53.35 ? 13  ASP z C   1 
ATOM   100  O  O   . ASP A 1 14  ? 26.331  -16.016 -9.785  1.00 53.35 ? 13  ASP z O   1 
ATOM   101  C  CB  . ASP A 1 14  ? 26.035  -17.665 -12.546 1.00 53.35 ? 13  ASP z CB  1 
ATOM   102  C  CG  . ASP A 1 14  ? 26.258  -18.824 -11.623 1.00 53.35 ? 13  ASP z CG  1 
ATOM   103  O  OD1 . ASP A 1 14  ? 25.886  -18.717 -10.442 1.00 53.35 ? 13  ASP z OD1 1 
ATOM   104  O  OD2 . ASP A 1 14  ? 26.804  -19.846 -12.075 1.00 53.35 ? 13  ASP z OD2 1 
ATOM   105  N  N   . VAL A 1 15  ? 25.122  -14.881 -11.311 1.00 49.49 ? 14  VAL z N   1 
ATOM   106  C  CA  . VAL A 1 15  ? 24.329  -14.121 -10.357 1.00 49.49 ? 14  VAL z CA  1 
ATOM   107  C  C   . VAL A 1 15  ? 22.863  -14.431 -10.616 1.00 49.49 ? 14  VAL z C   1 
ATOM   108  O  O   . VAL A 1 15  ? 22.413  -14.403 -11.765 1.00 49.49 ? 14  VAL z O   1 
ATOM   109  C  CB  . VAL A 1 15  ? 24.607  -12.610 -10.469 1.00 49.49 ? 14  VAL z CB  1 
ATOM   110  C  CG1 . VAL A 1 15  ? 24.819  -12.225 -11.902 1.00 49.49 ? 14  VAL z CG1 1 
ATOM   111  C  CG2 . VAL A 1 15  ? 23.466  -11.812 -9.892  1.00 49.49 ? 14  VAL z CG2 1 
ATOM   112  N  N   . SER A 1 16  ? 22.121  -14.738 -9.555  1.00 49.76 ? 15  SER z N   1 
ATOM   113  C  CA  . SER A 1 16  ? 20.737  -15.197 -9.659  1.00 49.76 ? 15  SER z CA  1 
ATOM   114  C  C   . SER A 1 16  ? 19.830  -14.154 -9.020  1.00 49.76 ? 15  SER z C   1 
ATOM   115  O  O   . SER A 1 16  ? 19.771  -14.047 -7.793  1.00 49.76 ? 15  SER z O   1 
ATOM   116  C  CB  . SER A 1 16  ? 20.556  -16.556 -8.984  1.00 49.76 ? 15  SER z CB  1 
ATOM   117  O  OG  . SER A 1 16  ? 21.560  -17.477 -9.359  1.00 49.76 ? 15  SER z OG  1 
ATOM   118  N  N   . VAL A 1 17  ? 19.118  -13.390 -9.836  1.00 52.91 ? 16  VAL z N   1 
ATOM   119  C  CA  . VAL A 1 17  ? 18.122  -12.441 -9.354  1.00 52.91 ? 16  VAL z CA  1 
ATOM   120  C  C   . VAL A 1 17  ? 16.759  -13.063 -9.621  1.00 52.91 ? 16  VAL z C   1 
ATOM   121  O  O   . VAL A 1 17  ? 16.246  -12.994 -10.739 1.00 52.91 ? 16  VAL z O   1 
ATOM   122  C  CB  . VAL A 1 17  ? 18.251  -11.079 -10.035 1.00 52.91 ? 16  VAL z CB  1 
ATOM   123  C  CG1 . VAL A 1 17  ? 17.533  -10.032 -9.233  1.00 52.91 ? 16  VAL z CG1 1 
ATOM   124  C  CG2 . VAL A 1 17  ? 19.697  -10.709 -10.235 1.00 52.91 ? 16  VAL z CG2 1 
ATOM   125  N  N   . LYS A 1 18  ? 16.159  -13.677 -8.608  1.00 54.53 ? 17  LYS z N   1 
ATOM   126  C  CA  . LYS A 1 18  ? 14.908  -14.379 -8.861  1.00 54.53 ? 17  LYS z CA  1 
ATOM   127  C  C   . LYS A 1 18  ? 13.666  -13.549 -8.564  1.00 54.53 ? 17  LYS z C   1 
ATOM   128  O  O   . LYS A 1 18  ? 12.851  -13.312 -9.456  1.00 54.53 ? 17  LYS z O   1 
ATOM   129  C  CB  . LYS A 1 18  ? 14.852  -15.671 -8.058  1.00 54.53 ? 17  LYS z CB  1 
ATOM   130  C  CG  . LYS A 1 18  ? 15.844  -16.712 -8.496  1.00 54.53 ? 17  LYS z CG  1 
ATOM   131  C  CD  . LYS A 1 18  ? 15.328  -18.096 -8.206  1.00 54.53 ? 17  LYS z CD  1 
ATOM   132  C  CE  . LYS A 1 18  ? 14.765  -18.184 -6.814  1.00 54.53 ? 17  LYS z CE  1 
ATOM   133  N  NZ  . LYS A 1 18  ? 15.797  -17.880 -5.802  1.00 54.53 ? 17  LYS z NZ  1 
ATOM   134  N  N   . ASN A 1 19  ? 13.504  -13.109 -7.326  1.00 57.75 ? 18  ASN z N   1 
ATOM   135  C  CA  . ASN A 1 19  ? 12.234  -12.559 -6.890  1.00 57.75 ? 18  ASN z CA  1 
ATOM   136  C  C   . ASN A 1 19  ? 12.194  -11.044 -7.032  1.00 57.75 ? 18  ASN z C   1 
ATOM   137  O  O   . ASN A 1 19  ? 13.204  -10.382 -7.268  1.00 57.75 ? 18  ASN z O   1 
ATOM   138  C  CB  . ASN A 1 19  ? 11.959  -12.951 -5.442  1.00 57.75 ? 18  ASN z CB  1 
ATOM   139  C  CG  . ASN A 1 19  ? 11.893  -14.438 -5.251  1.00 57.75 ? 18  ASN z CG  1 
ATOM   140  O  OD1 . ASN A 1 19  ? 11.281  -15.146 -6.039  1.00 57.75 ? 18  ASN z OD1 1 
ATOM   141  N  ND2 . ASN A 1 19  ? 12.529  -14.925 -4.204  1.00 57.75 ? 18  ASN z ND2 1 
ATOM   142  N  N   . GLU A 1 20  ? 11.003  -10.500 -6.886  1.00 60.38 ? 19  GLU z N   1 
ATOM   143  C  CA  . GLU A 1 20  ? 10.802  -9.070  -6.744  1.00 60.38 ? 19  GLU z CA  1 
ATOM   144  C  C   . GLU A 1 20  ? 10.888  -8.687  -5.271  1.00 60.38 ? 19  GLU z C   1 
ATOM   145  O  O   . GLU A 1 20  ? 10.558  -9.498  -4.405  1.00 60.38 ? 19  GLU z O   1 
ATOM   146  C  CB  . GLU A 1 20  ? 9.454   -8.657  -7.311  1.00 60.38 ? 19  GLU z CB  1 
ATOM   147  C  CG  . GLU A 1 20  ? 9.471   -8.475  -8.798  1.00 60.38 ? 19  GLU z CG  1 
ATOM   148  C  CD  . GLU A 1 20  ? 8.815   -7.189  -9.215  1.00 60.38 ? 19  GLU z CD  1 
ATOM   149  O  OE1 . GLU A 1 20  ? 8.129   -6.574  -8.374  1.00 60.38 ? 19  GLU z OE1 1 
ATOM   150  O  OE2 . GLU A 1 20  ? 8.992   -6.785  -10.381 1.00 60.38 ? 19  GLU z OE2 1 
ATOM   151  N  N   . PRO A 1 21  ? 11.320  -7.473  -4.955  1.00 62.67 ? 20  PRO z N   1 
ATOM   152  C  CA  . PRO A 1 21  ? 11.679  -7.157  -3.569  1.00 62.67 ? 20  PRO z CA  1 
ATOM   153  C  C   . PRO A 1 21  ? 10.575  -7.337  -2.537  1.00 62.67 ? 20  PRO z C   1 
ATOM   154  O  O   . PRO A 1 21  ? 10.878  -7.489  -1.353  1.00 62.67 ? 20  PRO z O   1 
ATOM   155  C  CB  . PRO A 1 21  ? 12.109  -5.688  -3.657  1.00 62.67 ? 20  PRO z CB  1 
ATOM   156  C  CG  . PRO A 1 21  ? 11.461  -5.170  -4.875  1.00 62.67 ? 20  PRO z CG  1 
ATOM   157  C  CD  . PRO A 1 21  ? 11.483  -6.303  -5.833  1.00 62.67 ? 20  PRO z CD  1 
ATOM   158  N  N   . VAL A 1 22  ? 9.306   -7.328  -2.938  1.00 60.77 ? 21  VAL z N   1 
ATOM   159  C  CA  . VAL A 1 22  ? 8.219   -7.131  -1.985  1.00 60.77 ? 21  VAL z CA  1 
ATOM   160  C  C   . VAL A 1 22  ? 6.980   -7.870  -2.467  1.00 60.77 ? 21  VAL z C   1 
ATOM   161  O  O   . VAL A 1 22  ? 6.785   -8.072  -3.662  1.00 60.77 ? 21  VAL z O   1 
ATOM   162  C  CB  . VAL A 1 22  ? 7.958   -5.614  -1.799  1.00 60.77 ? 21  VAL z CB  1 
ATOM   163  C  CG1 . VAL A 1 22  ? 6.581   -5.225  -2.273  1.00 60.77 ? 21  VAL z CG1 1 
ATOM   164  C  CG2 . VAL A 1 22  ? 8.171   -5.215  -0.364  1.00 60.77 ? 21  VAL z CG2 1 
ATOM   165  N  N   . ASN A 1 23  ? 6.146   -8.288  -1.518  1.00 59.97 ? 22  ASN z N   1 
ATOM   166  C  CA  . ASN A 1 23  ? 4.842   -8.879  -1.789  1.00 59.97 ? 22  ASN z CA  1 
ATOM   167  C  C   . ASN A 1 23  ? 3.798   -8.084  -1.026  1.00 59.97 ? 22  ASN z C   1 
ATOM   168  O  O   . ASN A 1 23  ? 3.794   -8.094  0.211   1.00 59.97 ? 22  ASN z O   1 
ATOM   169  C  CB  . ASN A 1 23  ? 4.792   -10.346 -1.360  1.00 59.97 ? 22  ASN z CB  1 
ATOM   170  C  CG  . ASN A 1 23  ? 5.790   -11.197 -2.086  1.00 59.97 ? 22  ASN z CG  1 
ATOM   171  O  OD1 . ASN A 1 23  ? 6.259   -10.844 -3.160  1.00 59.97 ? 22  ASN z OD1 1 
ATOM   172  N  ND2 . ASN A 1 23  ? 6.115   -12.340 -1.507  1.00 59.97 ? 22  ASN z ND2 1 
ATOM   173  N  N   . VAL A 1 24  ? 2.939   -7.380  -1.756  1.00 59.08 ? 23  VAL z N   1 
ATOM   174  C  CA  . VAL A 1 24  ? 1.916   -6.537  -1.154  1.00 59.08 ? 23  VAL z CA  1 
ATOM   175  C  C   . VAL A 1 24  ? 0.660   -7.386  -1.017  1.00 59.08 ? 23  VAL z C   1 
ATOM   176  O  O   . VAL A 1 24  ? -0.234  -7.338  -1.858  1.00 59.08 ? 23  VAL z O   1 
ATOM   177  C  CB  . VAL A 1 24  ? 1.667   -5.274  -1.976  1.00 59.08 ? 23  VAL z CB  1 
ATOM   178  C  CG1 . VAL A 1 24  ? 2.715   -4.240  -1.669  1.00 59.08 ? 23  VAL z CG1 1 
ATOM   179  C  CG2 . VAL A 1 24  ? 1.706   -5.597  -3.448  1.00 59.08 ? 23  VAL z CG2 1 
ATOM   180  N  N   . VAL A 1 25  ? 0.587   -8.155  0.057   1.00 59.10 ? 24  VAL z N   1 
ATOM   181  C  CA  . VAL A 1 25  ? -0.583  -8.978  0.317   1.00 59.10 ? 24  VAL z CA  1 
ATOM   182  C  C   . VAL A 1 25  ? -1.740  -8.064  0.682   1.00 59.10 ? 24  VAL z C   1 
ATOM   183  O  O   . VAL A 1 25  ? -1.656  -7.281  1.635   1.00 59.10 ? 24  VAL z O   1 
ATOM   184  C  CB  . VAL A 1 25  ? -0.296  -9.989  1.434   1.00 59.10 ? 24  VAL z CB  1 
ATOM   185  C  CG1 . VAL A 1 25  ? -1.487  -10.883 1.655   1.00 59.10 ? 24  VAL z CG1 1 
ATOM   186  C  CG2 . VAL A 1 25  ? 0.917   -10.811 1.096   1.00 59.10 ? 24  VAL z CG2 1 
ATOM   187  N  N   . VAL A 1 26  ? -2.818  -8.145  -0.081  1.00 59.96 ? 25  VAL z N   1 
ATOM   188  C  CA  . VAL A 1 26  ? -4.007  -7.341  0.154   1.00 59.96 ? 25  VAL z CA  1 
ATOM   189  C  C   . VAL A 1 26  ? -5.044  -8.201  0.856   1.00 59.96 ? 25  VAL z C   1 
ATOM   190  O  O   . VAL A 1 26  ? -5.247  -9.365  0.501   1.00 59.96 ? 25  VAL z O   1 
ATOM   191  C  CB  . VAL A 1 26  ? -4.575  -6.767  -1.157  1.00 59.96 ? 25  VAL z CB  1 
ATOM   192  C  CG1 . VAL A 1 26  ? -5.832  -5.986  -0.890  1.00 59.96 ? 25  VAL z CG1 1 
ATOM   193  C  CG2 . VAL A 1 26  ? -3.552  -5.884  -1.827  1.00 59.96 ? 25  VAL z CG2 1 
ATOM   194  N  N   . SER A 1 27  ? -5.688  -7.627  1.862   1.00 64.54 ? 26  SER z N   1 
ATOM   195  C  CA  . SER A 1 27  ? -6.888  -8.194  2.469   1.00 64.54 ? 26  SER z CA  1 
ATOM   196  C  C   . SER A 1 27  ? -7.907  -7.067  2.479   1.00 64.54 ? 26  SER z C   1 
ATOM   197  O  O   . SER A 1 27  ? -7.906  -6.223  3.384   1.00 64.54 ? 26  SER z O   1 
ATOM   198  C  CB  . SER A 1 27  ? -6.612  -8.735  3.867   1.00 64.54 ? 26  SER z CB  1 
ATOM   199  O  OG  . SER A 1 27  ? -5.634  -9.752  3.818   1.00 64.54 ? 26  SER z OG  1 
ATOM   200  N  N   . PRO A 1 28  ? -8.786  -7.015  1.488   1.00 63.21 ? 27  PRO z N   1 
ATOM   201  C  CA  . PRO A 1 28  ? -9.587  -5.813  1.264   1.00 63.21 ? 27  PRO z CA  1 
ATOM   202  C  C   . PRO A 1 28  ? -10.603 -5.594  2.368   1.00 63.21 ? 27  PRO z C   1 
ATOM   203  O  O   . PRO A 1 28  ? -10.892 -6.478  3.174   1.00 63.21 ? 27  PRO z O   1 
ATOM   204  C  CB  . PRO A 1 28  ? -10.279 -6.107  -0.065  1.00 63.21 ? 27  PRO z CB  1 
ATOM   205  C  CG  . PRO A 1 28  ? -10.440 -7.580  -0.045  1.00 63.21 ? 27  PRO z CG  1 
ATOM   206  C  CD  . PRO A 1 28  ? -9.224  -8.131  0.637   1.00 63.21 ? 27  PRO z CD  1 
ATOM   207  N  N   . PHE A 1 29  ? -11.147 -4.386  2.397   1.00 62.57 ? 28  PHE z N   1 
ATOM   208  C  CA  . PHE A 1 29  ? -12.085 -4.000  3.433   1.00 62.57 ? 28  PHE z CA  1 
ATOM   209  C  C   . PHE A 1 29  ? -13.483 -3.815  2.862   1.00 62.57 ? 28  PHE z C   1 
ATOM   210  O  O   . PHE A 1 29  ? -13.664 -3.271  1.772   1.00 62.57 ? 28  PHE z O   1 
ATOM   211  C  CB  . PHE A 1 29  ? -11.623 -2.722  4.142   1.00 62.57 ? 28  PHE z CB  1 
ATOM   212  C  CG  . PHE A 1 29  ? -11.321 -1.575  3.221   1.00 62.57 ? 28  PHE z CG  1 
ATOM   213  C  CD1 . PHE A 1 29  ? -12.291 -0.656  2.898   1.00 62.57 ? 28  PHE z CD1 1 
ATOM   214  C  CD2 . PHE A 1 29  ? -10.061 -1.394  2.714   1.00 62.57 ? 28  PHE z CD2 1 
ATOM   215  C  CE1 . PHE A 1 29  ? -12.011 0.407   2.070   1.00 62.57 ? 28  PHE z CE1 1 
ATOM   216  C  CE2 . PHE A 1 29  ? -9.782  -0.332  1.880   1.00 62.57 ? 28  PHE z CE2 1 
ATOM   217  C  CZ  . PHE A 1 29  ? -10.757 0.566   1.560   1.00 62.57 ? 28  PHE z CZ  1 
ATOM   218  N  N   . SER A 1 30  ? -14.474 -4.288  3.615   1.00 65.53 ? 29  SER z N   1 
ATOM   219  C  CA  . SER A 1 30  ? -15.888 -4.130  3.281   1.00 65.53 ? 29  SER z CA  1 
ATOM   220  C  C   . SER A 1 30  ? -16.460 -3.247  4.377   1.00 65.53 ? 29  SER z C   1 
ATOM   221  O  O   . SER A 1 30  ? -16.976 -3.745  5.377   1.00 65.53 ? 29  SER z O   1 
ATOM   222  C  CB  . SER A 1 30  ? -16.592 -5.463  3.214   1.00 65.53 ? 29  SER z CB  1 
ATOM   223  O  OG  . SER A 1 30  ? -16.600 -6.071  4.490   1.00 65.53 ? 29  SER z OG  1 
ATOM   224  N  N   . PHE A 1 31  ? -16.364 -1.946  4.185   1.00 65.70 ? 30  PHE z N   1 
ATOM   225  C  CA  . PHE A 1 31  ? -16.371 -1.048  5.328   1.00 65.70 ? 30  PHE z CA  1 
ATOM   226  C  C   . PHE A 1 31  ? -17.703 -0.859  6.044   1.00 65.70 ? 30  PHE z C   1 
ATOM   227  O  O   . PHE A 1 31  ? -17.692 -0.603  7.253   1.00 65.70 ? 30  PHE z O   1 
ATOM   228  C  CB  . PHE A 1 31  ? -15.795 0.299   4.925   1.00 65.70 ? 30  PHE z CB  1 
ATOM   229  C  CG  . PHE A 1 31  ? -14.409 0.482   5.409   1.00 65.70 ? 30  PHE z CG  1 
ATOM   230  C  CD1 . PHE A 1 31  ? -13.871 -0.438  6.286   1.00 65.70 ? 30  PHE z CD1 1 
ATOM   231  C  CD2 . PHE A 1 31  ? -13.643 1.544   5.006   1.00 65.70 ? 30  PHE z CD2 1 
ATOM   232  C  CE1 . PHE A 1 31  ? -12.603 -0.304  6.748   1.00 65.70 ? 30  PHE z CE1 1 
ATOM   233  C  CE2 . PHE A 1 31  ? -12.364 1.683   5.471   1.00 65.70 ? 30  PHE z CE2 1 
ATOM   234  C  CZ  . PHE A 1 31  ? -11.845 0.757   6.343   1.00 65.70 ? 30  PHE z CZ  1 
ATOM   235  N  N   . PRO A 1 32  ? -18.856 -0.948  5.384   1.00 69.12 ? 31  PRO z N   1 
ATOM   236  C  CA  . PRO A 1 32  ? -20.102 -1.002  6.161   1.00 69.12 ? 31  PRO z CA  1 
ATOM   237  C  C   . PRO A 1 32  ? -20.073 -2.141  7.163   1.00 69.12 ? 31  PRO z C   1 
ATOM   238  O  O   . PRO A 1 32  ? -20.856 -2.168  8.114   1.00 69.12 ? 31  PRO z O   1 
ATOM   239  C  CB  . PRO A 1 32  ? -21.175 -1.202  5.092   1.00 69.12 ? 31  PRO z CB  1 
ATOM   240  C  CG  . PRO A 1 32  ? -20.616 -0.510  3.913   1.00 69.12 ? 31  PRO z CG  1 
ATOM   241  C  CD  . PRO A 1 32  ? -19.125 -0.728  3.955   1.00 69.12 ? 31  PRO z CD  1 
ATOM   242  N  N   . GLY A 1 33  ? -19.169 -3.084  6.951   1.00 72.41 ? 32  GLY z N   1 
ATOM   243  C  CA  . GLY A 1 33  ? -18.841 -4.064  7.950   1.00 72.41 ? 32  GLY z CA  1 
ATOM   244  C  C   . GLY A 1 33  ? -19.978 -5.022  8.225   1.00 72.41 ? 32  GLY z C   1 
ATOM   245  O  O   . GLY A 1 33  ? -20.926 -5.168  7.461   1.00 72.41 ? 32  GLY z O   1 
ATOM   246  N  N   . ALA A 1 34  ? -19.855 -5.687  9.363   1.00 82.26 ? 33  ALA z N   1 
ATOM   247  C  CA  . ALA A 1 34  ? -20.893 -6.571  9.855   1.00 82.26 ? 33  ALA z CA  1 
ATOM   248  C  C   . ALA A 1 34  ? -21.349 -6.053  11.205  1.00 82.26 ? 33  ALA z C   1 
ATOM   249  O  O   . ALA A 1 34  ? -20.565 -5.468  11.955  1.00 82.26 ? 33  ALA z O   1 
ATOM   250  C  CB  . ALA A 1 34  ? -20.402 -8.017  9.972   1.00 82.26 ? 33  ALA z CB  1 
ATOM   251  N  N   . ASN A 1 35  ? -22.629 -6.262  11.500  1.00 88.42 ? 34  ASN z N   1 
ATOM   252  C  CA  . ASN A 1 35  ? -23.244 -5.742  12.715  1.00 88.42 ? 34  ASN z CA  1 
ATOM   253  C  C   . ASN A 1 35  ? -23.044 -4.234  12.830  1.00 88.42 ? 34  ASN z C   1 
ATOM   254  O  O   . ASN A 1 35  ? -22.897 -3.696  13.928  1.00 88.42 ? 34  ASN z O   1 
ATOM   255  C  CB  . ASN A 1 35  ? -22.712 -6.458  13.959  1.00 88.42 ? 34  ASN z CB  1 
ATOM   256  C  CG  . ASN A 1 35  ? -23.666 -6.374  15.135  1.00 88.42 ? 34  ASN z CG  1 
ATOM   257  O  OD1 . ASN A 1 35  ? -24.239 -7.379  15.556  1.00 88.42 ? 34  ASN z OD1 1 
ATOM   258  N  ND2 . ASN A 1 35  ? -23.838 -5.173  15.675  1.00 88.42 ? 34  ASN z ND2 1 
ATOM   259  N  N   . ALA A 1 36  ? -23.029 -3.552  11.693  1.00 78.58 ? 35  ALA z N   1 
ATOM   260  C  CA  . ALA A 1 36  ? -22.907 -2.107  11.655  1.00 78.58 ? 35  ALA z CA  1 
ATOM   261  C  C   . ALA A 1 36  ? -23.881 -1.592  10.615  1.00 78.58 ? 35  ALA z C   1 
ATOM   262  O  O   . ALA A 1 36  ? -24.683 -2.347  10.064  1.00 78.58 ? 35  ALA z O   1 
ATOM   263  C  CB  . ALA A 1 36  ? -21.475 -1.678  11.342  1.00 78.58 ? 35  ALA z CB  1 
ATOM   264  N  N   . SER A 1 37  ? -23.814 -0.298  10.342  1.00 71.54 ? 36  SER z N   1 
ATOM   265  C  CA  . SER A 1 37  ? -24.722 0.278   9.364   1.00 71.54 ? 36  SER z CA  1 
ATOM   266  C  C   . SER A 1 37  ? -24.181 1.608   8.880   1.00 71.54 ? 36  SER z C   1 
ATOM   267  O  O   . SER A 1 37  ? -23.768 2.445   9.686   1.00 71.54 ? 36  SER z O   1 
ATOM   268  C  CB  . SER A 1 37  ? -26.115 0.462   9.960   1.00 71.54 ? 36  SER z CB  1 
ATOM   269  O  OG  . SER A 1 37  ? -26.995 1.031   9.010   1.00 71.54 ? 36  SER z OG  1 
ATOM   270  N  N   . LEU A 1 38  ? -24.198 1.800   7.569   1.00 64.06 ? 37  LEU z N   1 
ATOM   271  C  CA  . LEU A 1 38  ? -23.841 3.067   6.956   1.00 64.06 ? 37  LEU z CA  1 
ATOM   272  C  C   . LEU A 1 38  ? -25.093 3.620   6.299   1.00 64.06 ? 37  LEU z C   1 
ATOM   273  O  O   . LEU A 1 38  ? -25.702 2.954   5.457   1.00 64.06 ? 37  LEU z O   1 
ATOM   274  C  CB  . LEU A 1 38  ? -22.717 2.894   5.937   1.00 64.06 ? 37  LEU z CB  1 
ATOM   275  C  CG  . LEU A 1 38  ? -21.676 4.003   5.790   1.00 64.06 ? 37  LEU z CG  1 
ATOM   276  C  CD1 . LEU A 1 38  ? -20.659 3.609   4.758   1.00 64.06 ? 37  LEU z CD1 1 
ATOM   277  C  CD2 . LEU A 1 38  ? -22.307 5.311   5.407   1.00 64.06 ? 37  LEU z CD2 1 
ATOM   278  N  N   . SER A 1 39  ? -25.476 4.825   6.686   1.00 64.08 ? 38  SER z N   1 
ATOM   279  C  CA  . SER A 1 39  ? -26.679 5.461   6.185   1.00 64.08 ? 38  SER z CA  1 
ATOM   280  C  C   . SER A 1 39  ? -26.312 6.626   5.280   1.00 64.08 ? 38  SER z C   1 
ATOM   281  O  O   . SER A 1 39  ? -25.179 7.106   5.271   1.00 64.08 ? 38  SER z O   1 
ATOM   282  C  CB  . SER A 1 39  ? -27.551 5.929   7.350   1.00 64.08 ? 38  SER z CB  1 
ATOM   283  O  OG  . SER A 1 39  ? -27.695 4.889   8.295   1.00 64.08 ? 38  SER z OG  1 
ATOM   284  N  N   . SER A 1 40  ? -27.291 7.070   4.505   1.00 66.10 ? 39  SER z N   1 
ATOM   285  C  CA  . SER A 1 40  ? -27.076 8.186   3.600   1.00 66.10 ? 39  SER z CA  1 
ATOM   286  C  C   . SER A 1 40  ? -26.884 9.471   4.390   1.00 66.10 ? 39  SER z C   1 
ATOM   287  O  O   . SER A 1 40  ? -27.586 9.729   5.368   1.00 66.10 ? 39  SER z O   1 
ATOM   288  C  CB  . SER A 1 40  ? -28.258 8.325   2.654   1.00 66.10 ? 39  SER z CB  1 
ATOM   289  O  OG  . SER A 1 40  ? -28.559 7.078   2.070   1.00 66.10 ? 39  SER z OG  1 
ATOM   290  N  N   . GLY A 1 41  ? -25.924 10.281  3.962   1.00 67.02 ? 40  GLY z N   1 
ATOM   291  C  CA  . GLY A 1 41  ? -25.595 11.488  4.683   1.00 67.02 ? 40  GLY z CA  1 
ATOM   292  C  C   . GLY A 1 41  ? -24.861 11.281  5.984   1.00 67.02 ? 40  GLY z C   1 
ATOM   293  O  O   . GLY A 1 41  ? -24.518 12.270  6.639   1.00 67.02 ? 40  GLY z O   1 
ATOM   294  N  N   . GLY A 1 42  ? -24.589 10.042  6.373   1.00 66.48 ? 41  GLY z N   1 
ATOM   295  C  CA  . GLY A 1 42  ? -23.937 9.788   7.635   1.00 66.48 ? 41  GLY z CA  1 
ATOM   296  C  C   . GLY A 1 42  ? -22.486 10.214  7.645   1.00 66.48 ? 41  GLY z C   1 
ATOM   297  O  O   . GLY A 1 42  ? -21.870 10.463  6.612   1.00 66.48 ? 41  GLY z O   1 
ATOM   298  N  N   . GLN A 1 43  ? -21.938 10.298  8.851   1.00 62.12 ? 42  GLN z N   1 
ATOM   299  C  CA  . GLN A 1 43  ? -20.570 10.733  9.074   1.00 62.12 ? 42  GLN z CA  1 
ATOM   300  C  C   . GLN A 1 43  ? -19.940 9.844   10.133  1.00 62.12 ? 42  GLN z C   1 
ATOM   301  O  O   . GLN A 1 43  ? -20.589 9.480   11.116  1.00 62.12 ? 42  GLN z O   1 
ATOM   302  C  CB  . GLN A 1 43  ? -20.531 12.191  9.517   1.00 62.12 ? 42  GLN z CB  1 
ATOM   303  C  CG  . GLN A 1 43  ? -19.151 12.755  9.717   1.00 62.12 ? 42  GLN z CG  1 
ATOM   304  C  CD  . GLN A 1 43  ? -19.189 14.219  10.054  1.00 62.12 ? 42  GLN z CD  1 
ATOM   305  O  OE1 . GLN A 1 43  ? -18.156 14.844  10.266  1.00 62.12 ? 42  GLN z OE1 1 
ATOM   306  N  NE2 . GLN A 1 43  ? -20.383 14.779  10.106  1.00 62.12 ? 42  GLN z NE2 1 
ATOM   307  N  N   . GLY A 1 44  ? -18.673 9.486   9.932   1.00 64.30 ? 43  GLY z N   1 
ATOM   308  C  CA  . GLY A 1 44  ? -18.056 8.606   10.908  1.00 64.30 ? 43  GLY z CA  1 
ATOM   309  C  C   . GLY A 1 44  ? -16.605 8.234   10.703  1.00 64.30 ? 43  GLY z C   1 
ATOM   310  O  O   . GLY A 1 44  ? -15.812 9.039   10.212  1.00 64.30 ? 43  GLY z O   1 
ATOM   311  N  N   . VAL A 1 45  ? -16.246 7.014   11.107  1.00 65.20 ? 44  VAL z N   1 
ATOM   312  C  CA  . VAL A 1 45  ? -14.893 6.493   10.953  1.00 65.20 ? 44  VAL z CA  1 
ATOM   313  C  C   . VAL A 1 45  ? -14.972 4.988   10.751  1.00 65.20 ? 44  VAL z C   1 
ATOM   314  O  O   . VAL A 1 45  ? -15.851 4.316   11.295  1.00 65.20 ? 44  VAL z O   1 
ATOM   315  C  CB  . VAL A 1 45  ? -14.009 6.831   12.172  1.00 65.20 ? 44  VAL z CB  1 
ATOM   316  C  CG1 . VAL A 1 45  ? -14.578 6.203   13.417  1.00 65.20 ? 44  VAL z CG1 1 
ATOM   317  C  CG2 . VAL A 1 45  ? -12.602 6.342   11.952  1.00 65.20 ? 44  VAL z CG2 1 
ATOM   318  N  N   . PHE A 1 46  ? -14.050 4.459   9.954   1.00 64.24 ? 45  PHE z N   1 
ATOM   319  C  CA  . PHE A 1 46  ? -13.950 3.030   9.708   1.00 64.24 ? 45  PHE z CA  1 
ATOM   320  C  C   . PHE A 1 46  ? -12.500 2.595   9.830   1.00 64.24 ? 45  PHE z C   1 
ATOM   321  O  O   . PHE A 1 46  ? -11.603 3.223   9.273   1.00 64.24 ? 45  PHE z O   1 
ATOM   322  C  CB  . PHE A 1 46  ? -14.483 2.675   8.330   1.00 64.24 ? 45  PHE z CB  1 
ATOM   323  C  CG  . PHE A 1 46  ? -15.970 2.600   8.257   1.00 64.24 ? 45  PHE z CG  1 
ATOM   324  C  CD1 . PHE A 1 46  ? -16.693 1.985   9.262   1.00 64.24 ? 45  PHE z CD1 1 
ATOM   325  C  CD2 . PHE A 1 46  ? -16.646 3.126   7.181   1.00 64.24 ? 45  PHE z CD2 1 
ATOM   326  C  CE1 . PHE A 1 46  ? -18.060 1.903   9.196   1.00 64.24 ? 45  PHE z CE1 1 
ATOM   327  C  CE2 . PHE A 1 46  ? -18.008 3.048   7.114   1.00 64.24 ? 45  PHE z CE2 1 
ATOM   328  C  CZ  . PHE A 1 46  ? -18.715 2.435   8.126   1.00 64.24 ? 45  PHE z CZ  1 
ATOM   329  N  N   . LYS A 1 47  ? -12.268 1.500   10.541  1.00 64.42 ? 46  LYS z N   1 
ATOM   330  C  CA  . LYS A 1 47  ? -10.899 1.101   10.831  1.00 64.42 ? 46  LYS z CA  1 
ATOM   331  C  C   . LYS A 1 47  ? -10.679 -0.353  10.464  1.00 64.42 ? 46  LYS z C   1 
ATOM   332  O  O   . LYS A 1 47  ? -11.507 -1.211  10.771  1.00 64.42 ? 46  LYS z O   1 
ATOM   333  C  CB  . LYS A 1 47  ? -10.565 1.324   12.303  1.00 64.42 ? 46  LYS z CB  1 
ATOM   334  C  CG  . LYS A 1 47  ? -11.542 0.694   13.258  1.00 64.42 ? 46  LYS z CG  1 
ATOM   335  C  CD  . LYS A 1 47  ? -11.230 1.090   14.687  1.00 64.42 ? 46  LYS z CD  1 
ATOM   336  C  CE  . LYS A 1 47  ? -9.807  0.715   15.066  1.00 64.42 ? 46  LYS z CE  1 
ATOM   337  N  NZ  . LYS A 1 47  ? -9.486  1.093   16.470  1.00 64.42 ? 46  LYS z NZ  1 
ATOM   338  N  N   . LYS A 1 48  ? -9.568  -0.620  9.786   1.00 62.62 ? 47  LYS z N   1 
ATOM   339  C  CA  . LYS A 1 48  ? -9.142  -1.975  9.477   1.00 62.62 ? 47  LYS z CA  1 
ATOM   340  C  C   . LYS A 1 48  ? -7.683  -2.082  9.889   1.00 62.62 ? 47  LYS z C   1 
ATOM   341  O  O   . LYS A 1 48  ? -6.829  -1.388  9.309   1.00 62.62 ? 47  LYS z O   1 
ATOM   342  C  CB  . LYS A 1 48  ? -9.325  -2.297  7.996   1.00 62.62 ? 47  LYS z CB  1 
ATOM   343  C  CG  . LYS A 1 48  ? -8.518  -3.484  7.545   1.00 62.62 ? 47  LYS z CG  1 
ATOM   344  C  CD  . LYS A 1 48  ? -9.181  -4.196  6.398   1.00 62.62 ? 47  LYS z CD  1 
ATOM   345  C  CE  . LYS A 1 48  ? -10.305 -5.073  6.883   1.00 62.62 ? 47  LYS z CE  1 
ATOM   346  N  NZ  . LYS A 1 48  ? -9.783  -6.187  7.701   1.00 62.62 ? 47  LYS z NZ  1 
ATOM   347  N  N   . PRO A 1 49  ? -7.350  -2.905  10.860  1.00 65.33 ? 48  PRO z N   1 
ATOM   348  C  CA  . PRO A 1 49  ? -5.971  -2.930  11.360  1.00 65.33 ? 48  PRO z CA  1 
ATOM   349  C  C   . PRO A 1 49  ? -4.984  -3.572  10.401  1.00 65.33 ? 48  PRO z C   1 
ATOM   350  O  O   . PRO A 1 49  ? -3.826  -3.154  10.330  1.00 65.33 ? 48  PRO z O   1 
ATOM   351  C  CB  . PRO A 1 49  ? -6.092  -3.738  12.655  1.00 65.33 ? 48  PRO z CB  1 
ATOM   352  C  CG  . PRO A 1 49  ? -7.276  -4.591  12.447  1.00 65.33 ? 48  PRO z CG  1 
ATOM   353  C  CD  . PRO A 1 49  ? -8.234  -3.778  11.643  1.00 65.33 ? 48  PRO z CD  1 
ATOM   354  N  N   . ASP A 1 50  ? -5.424  -4.578  9.656   1.00 67.19 ? 49  ASP z N   1 
ATOM   355  C  CA  . ASP A 1 50  ? -4.552  -5.379  8.802   1.00 67.19 ? 49  ASP z CA  1 
ATOM   356  C  C   . ASP A 1 50  ? -5.103  -5.348  7.383   1.00 67.19 ? 49  ASP z C   1 
ATOM   357  O  O   . ASP A 1 50  ? -5.983  -6.139  7.037   1.00 67.19 ? 49  ASP z O   1 
ATOM   358  C  CB  . ASP A 1 50  ? -4.461  -6.803  9.320   1.00 67.19 ? 49  ASP z CB  1 
ATOM   359  C  CG  . ASP A 1 50  ? -3.740  -7.720  8.368   1.00 67.19 ? 49  ASP z CG  1 
ATOM   360  O  OD1 . ASP A 1 50  ? -2.951  -7.223  7.542   1.00 67.19 ? 49  ASP z OD1 1 
ATOM   361  O  OD2 . ASP A 1 50  ? -3.969  -8.943  8.442   1.00 67.19 ? 49  ASP z OD2 1 
ATOM   362  N  N   . TRP A 1 51  ? -4.580  -4.452  6.557   1.00 61.91 ? 50  TRP z N   1 
ATOM   363  C  CA  . TRP A 1 51  ? -5.110  -4.262  5.216   1.00 61.91 ? 50  TRP z CA  1 
ATOM   364  C  C   . TRP A 1 51  ? -4.087  -4.564  4.135   1.00 61.91 ? 50  TRP z C   1 
ATOM   365  O  O   . TRP A 1 51  ? -4.356  -5.382  3.250   1.00 61.91 ? 50  TRP z O   1 
ATOM   366  C  CB  . TRP A 1 51  ? -5.638  -2.833  5.080   1.00 61.91 ? 50  TRP z CB  1 
ATOM   367  C  CG  . TRP A 1 51  ? -6.153  -2.493  3.746   1.00 61.91 ? 50  TRP z CG  1 
ATOM   368  C  CD1 . TRP A 1 51  ? -7.070  -3.177  3.031   1.00 61.91 ? 50  TRP z CD1 1 
ATOM   369  C  CD2 . TRP A 1 51  ? -5.802  -1.351  2.967   1.00 61.91 ? 50  TRP z CD2 1 
ATOM   370  N  NE1 . TRP A 1 51  ? -7.303  -2.547  1.838   1.00 61.91 ? 50  TRP z NE1 1 
ATOM   371  C  CE2 . TRP A 1 51  ? -6.536  -1.417  1.780   1.00 61.91 ? 50  TRP z CE2 1 
ATOM   372  C  CE3 . TRP A 1 51  ? -4.927  -0.282  3.157   1.00 61.91 ? 50  TRP z CE3 1 
ATOM   373  C  CZ2 . TRP A 1 51  ? -6.428  -0.460  0.790   1.00 61.91 ? 50  TRP z CZ2 1 
ATOM   374  C  CZ3 . TRP A 1 51  ? -4.821  0.664   2.175   1.00 61.91 ? 50  TRP z CZ3 1 
ATOM   375  C  CH2 . TRP A 1 51  ? -5.564  0.571   1.009   1.00 61.91 ? 50  TRP z CH2 1 
ATOM   376  N  N   . ILE A 1 52  ? -2.916  -3.945  4.179   1.00 62.85 ? 51  ILE z N   1 
ATOM   377  C  CA  . ILE A 1 52  ? -1.846  -4.250  3.239   1.00 62.85 ? 51  ILE z CA  1 
ATOM   378  C  C   . ILE A 1 52  ? -0.656  -4.745  4.037   1.00 62.85 ? 51  ILE z C   1 
ATOM   379  O  O   . ILE A 1 52  ? -0.032  -3.980  4.775   1.00 62.85 ? 51  ILE z O   1 
ATOM   380  C  CB  . ILE A 1 52  ? -1.461  -3.037  2.381   1.00 62.85 ? 51  ILE z CB  1 
ATOM   381  C  CG1 . ILE A 1 52  ? -2.525  -2.768  1.327   1.00 62.85 ? 51  ILE z CG1 1 
ATOM   382  C  CG2 . ILE A 1 52  ? -0.140  -3.273  1.697   1.00 62.85 ? 51  ILE z CG2 1 
ATOM   383  C  CD1 . ILE A 1 52  ? -2.109  -1.744  0.318   1.00 62.85 ? 51  ILE z CD1 1 
ATOM   384  N  N   . ARG A 1 53  ? -0.350  -6.022  3.906   1.00 64.03 ? 52  ARG z N   1 
ATOM   385  C  CA  . ARG A 1 53  ? 0.806   -6.597  4.565   1.00 64.03 ? 52  ARG z CA  1 
ATOM   386  C  C   . ARG A 1 53  ? 1.948   -6.609  3.564   1.00 64.03 ? 52  ARG z C   1 
ATOM   387  O  O   . ARG A 1 53  ? 1.819   -7.169  2.474   1.00 64.03 ? 52  ARG z O   1 
ATOM   388  C  CB  . ARG A 1 53  ? 0.509   -7.999  5.085   1.00 64.03 ? 52  ARG z CB  1 
ATOM   389  C  CG  . ARG A 1 53  ? 1.713   -8.678  5.684   1.00 64.03 ? 52  ARG z CG  1 
ATOM   390  C  CD  . ARG A 1 53  ? 1.379   -10.041 6.232   1.00 64.03 ? 52  ARG z CD  1 
ATOM   391  N  NE  . ARG A 1 53  ? 1.069   -9.984  7.650   1.00 64.03 ? 52  ARG z NE  1 
ATOM   392  C  CZ  . ARG A 1 53  ? -0.150  -9.791  8.131   1.00 64.03 ? 52  ARG z CZ  1 
ATOM   393  N  NH1 . ARG A 1 53  ? -0.348  -9.751  9.440   1.00 64.03 ? 52  ARG z NH1 1 
ATOM   394  N  NH2 . ARG A 1 53  ? -1.171  -9.644  7.303   1.00 64.03 ? 52  ARG z NH2 1 
ATOM   395  N  N   . VAL A 1 54  ? 3.047   -5.965  3.915   1.00 62.67 ? 53  VAL z N   1 
ATOM   396  C  CA  . VAL A 1 54  ? 4.218   -5.915  3.059   1.00 62.67 ? 53  VAL z CA  1 
ATOM   397  C  C   . VAL A 1 54  ? 5.182   -6.983  3.544   1.00 62.67 ? 53  VAL z C   1 
ATOM   398  O  O   . VAL A 1 54  ? 5.695   -6.905  4.665   1.00 62.67 ? 53  VAL z O   1 
ATOM   399  C  CB  . VAL A 1 54  ? 4.856   -4.519  3.072   1.00 62.67 ? 53  VAL z CB  1 
ATOM   400  C  CG1 . VAL A 1 54  ? 6.236   -4.564  2.491   1.00 62.67 ? 53  VAL z CG1 1 
ATOM   401  C  CG2 . VAL A 1 54  ? 3.992   -3.552  2.290   1.00 62.67 ? 53  VAL z CG2 1 
ATOM   402  N  N   . VAL A 1 55  ? 5.416   -7.994  2.716   1.00 62.83 ? 54  VAL z N   1 
ATOM   403  C  CA  . VAL A 1 55  ? 6.326   -9.082  3.044   1.00 62.83 ? 54  VAL z CA  1 
ATOM   404  C  C   . VAL A 1 55  ? 7.562   -8.951  2.167   1.00 62.83 ? 54  VAL z C   1 
ATOM   405  O  O   . VAL A 1 55  ? 7.460   -8.936  0.938   1.00 62.83 ? 54  VAL z O   1 
ATOM   406  C  CB  . VAL A 1 55  ? 5.660   -10.454 2.858   1.00 62.83 ? 54  VAL z CB  1 
ATOM   407  C  CG1 . VAL A 1 55  ? 6.646   -11.553 3.140   1.00 62.83 ? 54  VAL z CG1 1 
ATOM   408  C  CG2 . VAL A 1 55  ? 4.473   -10.585 3.772   1.00 62.83 ? 54  VAL z CG2 1 
ATOM   409  N  N   . ASN A 1 56  ? 8.725   -8.859  2.796   1.00 67.64 ? 55  ASN z N   1 
ATOM   410  C  CA  . ASN A 1 56  ? 9.989   -8.677  2.106   1.00 67.64 ? 55  ASN z CA  1 
ATOM   411  C  C   . ASN A 1 56  ? 10.776  -9.980  2.084   1.00 67.64 ? 55  ASN z C   1 
ATOM   412  O  O   . ASN A 1 56  ? 10.508  -10.906 2.852   1.00 67.64 ? 55  ASN z O   1 
ATOM   413  C  CB  . ASN A 1 56  ? 10.818  -7.599  2.796   1.00 67.64 ? 55  ASN z CB  1 
ATOM   414  C  CG  . ASN A 1 56  ? 11.124  -7.946  4.230   1.00 67.64 ? 55  ASN z CG  1 
ATOM   415  O  OD1 . ASN A 1 56  ? 10.429  -8.745  4.847   1.00 67.64 ? 55  ASN z OD1 1 
ATOM   416  N  ND2 . ASN A 1 56  ? 12.171  -7.347  4.772   1.00 67.64 ? 55  ASN z ND2 1 
ATOM   417  N  N   . GLN A 1 57  ? 11.758  -10.045 1.199   1.00 67.97 ? 56  GLN z N   1 
ATOM   418  C  CA  . GLN A 1 57  ? 12.669  -11.174 1.222   1.00 67.97 ? 56  GLN z CA  1 
ATOM   419  C  C   . GLN A 1 57  ? 13.814  -10.901 2.182   1.00 67.97 ? 56  GLN z C   1 
ATOM   420  O  O   . GLN A 1 57  ? 13.954  -9.806  2.728   1.00 67.97 ? 56  GLN z O   1 
ATOM   421  C  CB  . GLN A 1 57  ? 13.218  -11.486 -0.166  1.00 67.97 ? 56  GLN z CB  1 
ATOM   422  C  CG  . GLN A 1 57  ? 12.185  -11.983 -1.124  1.00 67.97 ? 56  GLN z CG  1 
ATOM   423  C  CD  . GLN A 1 57  ? 11.600  -10.861 -1.912  1.00 67.97 ? 56  GLN z CD  1 
ATOM   424  O  OE1 . GLN A 1 57  ? 12.234  -9.826  -2.078  1.00 67.97 ? 56  GLN z OE1 1 
ATOM   425  N  NE2 . GLN A 1 57  ? 10.384  -11.042 -2.399  1.00 67.97 ? 56  GLN z NE2 1 
ATOM   426  N  N   . SER A 1 58  ? 14.648  -11.919 2.373   1.00 71.88 ? 57  SER z N   1 
ATOM   427  C  CA  . SER A 1 58  ? 15.643  -11.878 3.433   1.00 71.88 ? 57  SER z CA  1 
ATOM   428  C  C   . SER A 1 58  ? 16.712  -10.820 3.211   1.00 71.88 ? 57  SER z C   1 
ATOM   429  O  O   . SER A 1 58  ? 17.459  -10.519 4.145   1.00 71.88 ? 57  SER z O   1 
ATOM   430  C  CB  . SER A 1 58  ? 16.299  -13.243 3.585   1.00 71.88 ? 57  SER z CB  1 
ATOM   431  O  OG  . SER A 1 58  ? 16.949  -13.620 2.389   1.00 71.88 ? 57  SER z OG  1 
ATOM   432  N  N   . ASP A 1 59  ? 16.821  -10.254 2.015   1.00 71.63 ? 58  ASP z N   1 
ATOM   433  C  CA  . ASP A 1 59  ? 17.844  -9.243  1.796   1.00 71.63 ? 58  ASP z CA  1 
ATOM   434  C  C   . ASP A 1 59  ? 17.322  -7.815  1.843   1.00 71.63 ? 58  ASP z C   1 
ATOM   435  O  O   . ASP A 1 59  ? 18.049  -6.929  2.298   1.00 71.63 ? 58  ASP z O   1 
ATOM   436  C  CB  . ASP A 1 59  ? 18.548  -9.450  0.457   1.00 71.63 ? 58  ASP z CB  1 
ATOM   437  C  CG  . ASP A 1 59  ? 19.362  -8.239  0.050   1.00 71.63 ? 58  ASP z CG  1 
ATOM   438  O  OD1 . ASP A 1 59  ? 20.262  -7.847  0.817   1.00 71.63 ? 58  ASP z OD1 1 
ATOM   439  O  OD2 . ASP A 1 59  ? 19.093  -7.662  -1.019  1.00 71.63 ? 58  ASP z OD2 1 
ATOM   440  N  N   . VAL A 1 60  ? 16.097  -7.566  1.400   1.00 72.22 ? 59  VAL z N   1 
ATOM   441  C  CA  . VAL A 1 60  ? 15.598  -6.208  1.212   1.00 72.22 ? 59  VAL z CA  1 
ATOM   442  C  C   . VAL A 1 60  ? 15.464  -5.542  2.572   1.00 72.22 ? 59  VAL z C   1 
ATOM   443  O  O   . VAL A 1 60  ? 14.949  -6.146  3.520   1.00 72.22 ? 59  VAL z O   1 
ATOM   444  C  CB  . VAL A 1 60  ? 14.267  -6.203  0.445   1.00 72.22 ? 59  VAL z CB  1 
ATOM   445  C  CG1 . VAL A 1 60  ? 13.313  -5.197  1.027   1.00 72.22 ? 59  VAL z CG1 1 
ATOM   446  C  CG2 . VAL A 1 60  ? 14.518  -5.874  -0.998  1.00 72.22 ? 59  VAL z CG2 1 
ATOM   447  N  N   . GLU A 1 61  ? 15.959  -4.308  2.678   1.00 76.03 ? 60  GLU z N   1 
ATOM   448  C  CA  . GLU A 1 61  ? 15.930  -3.568  3.927   1.00 76.03 ? 60  GLU z CA  1 
ATOM   449  C  C   . GLU A 1 61  ? 15.294  -2.191  3.828   1.00 76.03 ? 60  GLU z C   1 
ATOM   450  O  O   . GLU A 1 61  ? 14.790  -1.698  4.838   1.00 76.03 ? 60  GLU z O   1 
ATOM   451  C  CB  . GLU A 1 61  ? 17.350  -3.398  4.479   1.00 76.03 ? 60  GLU z CB  1 
ATOM   452  C  CG  . GLU A 1 61  ? 18.075  -4.699  4.701   1.00 76.03 ? 60  GLU z CG  1 
ATOM   453  C  CD  . GLU A 1 61  ? 19.580  -4.524  4.748   1.00 76.03 ? 60  GLU z CD  1 
ATOM   454  O  OE1 . GLU A 1 61  ? 20.069  -3.427  4.401   1.00 76.03 ? 60  GLU z OE1 1 
ATOM   455  O  OE2 . GLU A 1 61  ? 20.279  -5.485  5.131   1.00 76.03 ? 60  GLU z OE2 1 
ATOM   456  N  N   . ASN A 1 62  ? 15.305  -1.558  2.659   1.00 70.15 ? 61  ASN z N   1 
ATOM   457  C  CA  . ASN A 1 62  ? 14.775  -0.212  2.494   1.00 70.15 ? 61  ASN z CA  1 
ATOM   458  C  C   . ASN A 1 62  ? 13.801  -0.211  1.330   1.00 70.15 ? 61  ASN z C   1 
ATOM   459  O  O   . ASN A 1 62  ? 14.173  -0.587  0.218   1.00 70.15 ? 61  ASN z O   1 
ATOM   460  C  CB  . ASN A 1 62  ? 15.905  0.786   2.234   1.00 70.15 ? 61  ASN z CB  1 
ATOM   461  C  CG  . ASN A 1 62  ? 17.165  0.446   2.997   1.00 70.15 ? 61  ASN z CG  1 
ATOM   462  O  OD1 . ASN A 1 62  ? 17.116  0.062   4.158   1.00 70.15 ? 61  ASN z OD1 1 
ATOM   463  N  ND2 . ASN A 1 62  ? 18.304  0.584   2.342   1.00 70.15 ? 61  ASN z ND2 1 
ATOM   464  N  N   . VAL A 1 63  ? 12.567  0.216   1.573   1.00 64.92 ? 62  VAL z N   1 
ATOM   465  C  CA  . VAL A 1 63  ? 11.509  0.164   0.568   1.00 64.92 ? 62  VAL z CA  1 
ATOM   466  C  C   . VAL A 1 63  ? 10.804  1.510   0.523   1.00 64.92 ? 62  VAL z C   1 
ATOM   467  O  O   . VAL A 1 63  ? 10.461  2.066   1.570   1.00 64.92 ? 62  VAL z O   1 
ATOM   468  C  CB  . VAL A 1 63  ? 10.486  -0.948  0.868   1.00 64.92 ? 62  VAL z CB  1 
ATOM   469  C  CG1 . VAL A 1 63  ? 9.499   -1.052  -0.249  1.00 64.92 ? 62  VAL z CG1 1 
ATOM   470  C  CG2 . VAL A 1 63  ? 11.170  -2.269  1.069   1.00 64.92 ? 62  VAL z CG2 1 
ATOM   471  N  N   . LYS A 1 64  ? 10.574  2.030   -0.679  1.00 59.76 ? 63  LYS z N   1 
ATOM   472  C  CA  . LYS A 1 64  ? 9.808   3.254   -0.863  1.00 59.76 ? 63  LYS z CA  1 
ATOM   473  C  C   . LYS A 1 64  ? 8.593   2.949   -1.728  1.00 59.76 ? 63  LYS z C   1 
ATOM   474  O  O   . LYS A 1 64  ? 8.726   2.670   -2.924  1.00 59.76 ? 63  LYS z O   1 
ATOM   475  C  CB  . LYS A 1 64  ? 10.666  4.348   -1.492  1.00 59.76 ? 63  LYS z CB  1 
ATOM   476  C  CG  . LYS A 1 64  ? 10.066  5.731   -1.412  1.00 59.76 ? 63  LYS z CG  1 
ATOM   477  C  CD  . LYS A 1 64  ? 10.885  6.690   -2.236  1.00 59.76 ? 63  LYS z CD  1 
ATOM   478  C  CE  . LYS A 1 64  ? 10.392  8.106   -2.137  1.00 59.76 ? 63  LYS z CE  1 
ATOM   479  N  NZ  . LYS A 1 64  ? 11.178  8.987   -3.035  1.00 59.76 ? 63  LYS z NZ  1 
ATOM   480  N  N   . LEU A 1 65  ? 7.414   3.011   -1.124  1.00 60.91 ? 64  LEU z N   1 
ATOM   481  C  CA  . LEU A 1 65  ? 6.164   2.668   -1.782  1.00 60.91 ? 64  LEU z CA  1 
ATOM   482  C  C   . LEU A 1 65  ? 5.425   3.946   -2.131  1.00 60.91 ? 64  LEU z C   1 
ATOM   483  O  O   . LEU A 1 65  ? 5.337   4.861   -1.310  1.00 60.91 ? 64  LEU z O   1 
ATOM   484  C  CB  . LEU A 1 65  ? 5.289   1.796   -0.880  1.00 60.91 ? 64  LEU z CB  1 
ATOM   485  C  CG  . LEU A 1 65  ? 5.902   0.542   -0.268  1.00 60.91 ? 64  LEU z CG  1 
ATOM   486  C  CD1 . LEU A 1 65  ? 4.955   -0.046  0.740   1.00 60.91 ? 64  LEU z CD1 1 
ATOM   487  C  CD2 . LEU A 1 65  ? 6.174   -0.463  -1.342  1.00 60.91 ? 64  LEU z CD2 1 
ATOM   488  N  N   . GLU A 1 66  ? 4.901   4.012   -3.341  1.00 63.45 ? 65  GLU z N   1 
ATOM   489  C  CA  . GLU A 1 66  ? 4.052   5.120   -3.747  1.00 63.45 ? 65  GLU z CA  1 
ATOM   490  C  C   . GLU A 1 66  ? 2.627   4.600   -3.855  1.00 63.45 ? 65  GLU z C   1 
ATOM   491  O  O   . GLU A 1 66  ? 2.307   3.839   -4.771  1.00 63.45 ? 65  GLU z O   1 
ATOM   492  C  CB  . GLU A 1 66  ? 4.518   5.723   -5.066  1.00 63.45 ? 65  GLU z CB  1 
ATOM   493  C  CG  . GLU A 1 66  ? 3.723   6.929   -5.463  1.00 63.45 ? 65  GLU z CG  1 
ATOM   494  C  CD  . GLU A 1 66  ? 3.530   7.020   -6.943  1.00 63.45 ? 65  GLU z CD  1 
ATOM   495  O  OE1 . GLU A 1 66  ? 4.380   6.497   -7.684  1.00 63.45 ? 65  GLU z OE1 1 
ATOM   496  O  OE2 . GLU A 1 66  ? 2.525   7.604   -7.373  1.00 63.45 ? 65  GLU z OE2 1 
ATOM   497  N  N   . ILE A 1 67  ? 1.783   4.993   -2.914  1.00 64.02 ? 66  ILE z N   1 
ATOM   498  C  CA  . ILE A 1 67  ? 0.382   4.601   -2.914  1.00 64.02 ? 66  ILE z CA  1 
ATOM   499  C  C   . ILE A 1 67  ? -0.403  5.686   -3.631  1.00 64.02 ? 66  ILE z C   1 
ATOM   500  O  O   . ILE A 1 67  ? -0.185  6.879   -3.398  1.00 64.02 ? 66  ILE z O   1 
ATOM   501  C  CB  . ILE A 1 67  ? -0.141  4.383   -1.484  1.00 64.02 ? 66  ILE z CB  1 
ATOM   502  C  CG1 . ILE A 1 67  ? 0.191   2.980   -0.982  1.00 64.02 ? 66  ILE z CG1 1 
ATOM   503  C  CG2 . ILE A 1 67  ? -1.636  4.555   -1.434  1.00 64.02 ? 66  ILE z CG2 1 
ATOM   504  C  CD1 . ILE A 1 67  ? 1.639   2.751   -0.694  1.00 64.02 ? 66  ILE z CD1 1 
ATOM   505  N  N   . ASP A 1 68  ? -1.308  5.277   -4.512  1.00 65.48 ? 67  ASP z N   1 
ATOM   506  C  CA  . ASP A 1 68  ? -1.994  6.209   -5.387  1.00 65.48 ? 67  ASP z CA  1 
ATOM   507  C  C   . ASP A 1 68  ? -3.451  5.799   -5.509  1.00 65.48 ? 67  ASP z C   1 
ATOM   508  O  O   . ASP A 1 68  ? -3.746  4.616   -5.690  1.00 65.48 ? 67  ASP z O   1 
ATOM   509  C  CB  . ASP A 1 68  ? -1.320  6.235   -6.758  1.00 65.48 ? 67  ASP z CB  1 
ATOM   510  C  CG  . ASP A 1 68  ? -1.708  7.430   -7.570  1.00 65.48 ? 67  ASP z CG  1 
ATOM   511  O  OD1 . ASP A 1 68  ? -2.646  8.141   -7.170  1.00 65.48 ? 67  ASP z OD1 1 
ATOM   512  O  OD2 . ASP A 1 68  ? -1.071  7.660   -8.611  1.00 65.48 ? 67  ASP z OD2 1 
ATOM   513  N  N   . TRP A 1 69  ? -4.352  6.767   -5.403  1.00 64.82 ? 68  TRP z N   1 
ATOM   514  C  CA  . TRP A 1 69  ? -5.784  6.511   -5.499  1.00 64.82 ? 68  TRP z CA  1 
ATOM   515  C  C   . TRP A 1 69  ? -6.276  6.937   -6.881  1.00 64.82 ? 68  TRP z C   1 
ATOM   516  O  O   . TRP A 1 69  ? -6.256  8.125   -7.213  1.00 64.82 ? 68  TRP z O   1 
ATOM   517  C  CB  . TRP A 1 69  ? -6.517  7.258   -4.387  1.00 64.82 ? 68  TRP z CB  1 
ATOM   518  C  CG  . TRP A 1 69  ? -7.927  6.840   -4.181  1.00 64.82 ? 68  TRP z CG  1 
ATOM   519  C  CD1 . TRP A 1 69  ? -8.616  5.918   -4.894  1.00 64.82 ? 68  TRP z CD1 1 
ATOM   520  C  CD2 . TRP A 1 69  ? -8.829  7.338   -3.191  1.00 64.82 ? 68  TRP z CD2 1 
ATOM   521  N  NE1 . TRP A 1 69  ? -9.895  5.806   -4.413  1.00 64.82 ? 68  TRP z NE1 1 
ATOM   522  C  CE2 . TRP A 1 69  ? -10.048 6.671   -3.365  1.00 64.82 ? 68  TRP z CE2 1 
ATOM   523  C  CE3 . TRP A 1 69  ? -8.721  8.284   -2.174  1.00 64.82 ? 68  TRP z CE3 1 
ATOM   524  C  CZ2 . TRP A 1 69  ? -11.147 6.915   -2.563  1.00 64.82 ? 68  TRP z CZ2 1 
ATOM   525  C  CZ3 . TRP A 1 69  ? -9.811  8.524   -1.379  1.00 64.82 ? 68  TRP z CZ3 1 
ATOM   526  C  CH2 . TRP A 1 69  ? -11.009 7.845   -1.577  1.00 64.82 ? 68  TRP z CH2 1 
ATOM   527  N  N   . VAL A 1 70  ? -6.715  5.975   -7.682  1.00 63.71 ? 69  VAL z N   1 
ATOM   528  C  CA  . VAL A 1 70  ? -6.995  6.204   -9.093  1.00 63.71 ? 69  VAL z CA  1 
ATOM   529  C  C   . VAL A 1 70  ? -8.456  6.561   -9.340  1.00 63.71 ? 69  VAL z C   1 
ATOM   530  O  O   . VAL A 1 70  ? -8.749  7.417   -10.171 1.00 63.71 ? 69  VAL z O   1 
ATOM   531  C  CB  . VAL A 1 70  ? -6.577  4.973   -9.923  1.00 63.71 ? 69  VAL z CB  1 
ATOM   532  C  CG1 . VAL A 1 70  ? -5.138  5.092   -10.340 1.00 63.71 ? 69  VAL z CG1 1 
ATOM   533  C  CG2 . VAL A 1 70  ? -6.777  3.715   -9.123  1.00 63.71 ? 69  VAL z CG2 1 
ATOM   534  N  N   . ASN A 1 71  ? -9.391  5.910   -8.651  1.00 62.43 ? 70  ASN z N   1 
ATOM   535  C  CA  . ASN A 1 71  ? -10.808 6.188   -8.841  1.00 62.43 ? 70  ASN z CA  1 
ATOM   536  C  C   . ASN A 1 71  ? -11.344 7.240   -7.880  1.00 62.43 ? 70  ASN z C   1 
ATOM   537  O  O   . ASN A 1 71  ? -12.523 7.206   -7.523  1.00 62.43 ? 70  ASN z O   1 
ATOM   538  C  CB  . ASN A 1 71  ? -11.623 4.897   -8.720  1.00 62.43 ? 70  ASN z CB  1 
ATOM   539  C  CG  . ASN A 1 71  ? -11.574 4.296   -7.341  1.00 62.43 ? 70  ASN z CG  1 
ATOM   540  O  OD1 . ASN A 1 71  ? -10.638 4.526   -6.592  1.00 62.43 ? 70  ASN z OD1 1 
ATOM   541  N  ND2 . ASN A 1 71  ? -12.586 3.517   -7.000  1.00 62.43 ? 70  ASN z ND2 1 
ATOM   542  N  N   . ALA A 1 72  ? -10.497 8.168   -7.440  1.00 62.74 ? 71  ALA z N   1 
ATOM   543  C  CA  . ALA A 1 72  ? -10.948 9.179   -6.496  1.00 62.74 ? 71  ALA z CA  1 
ATOM   544  C  C   . ALA A 1 72  ? -11.909 10.154  -7.155  1.00 62.74 ? 71  ALA z C   1 
ATOM   545  O  O   . ALA A 1 72  ? -12.813 10.685  -6.500  1.00 62.74 ? 71  ALA z O   1 
ATOM   546  C  CB  . ALA A 1 72  ? -9.751  9.920   -5.907  1.00 62.74 ? 71  ALA z CB  1 
ATOM   547  N  N   . ASN A 1 73  ? -11.729 10.404  -8.451  1.00 63.33 ? 72  ASN z N   1 
ATOM   548  C  CA  . ASN A 1 73  ? -12.610 11.330  -9.145  1.00 63.33 ? 72  ASN z CA  1 
ATOM   549  C  C   . ASN A 1 73  ? -14.010 10.764  -9.313  1.00 63.33 ? 72  ASN z C   1 
ATOM   550  O  O   . ASN A 1 73  ? -14.961 11.527  -9.497  1.00 63.33 ? 72  ASN z O   1 
ATOM   551  C  CB  . ASN A 1 73  ? -12.018 11.693  -10.498 1.00 63.33 ? 72  ASN z CB  1 
ATOM   552  C  CG  . ASN A 1 73  ? -12.427 13.063  -10.949 1.00 63.33 ? 72  ASN z CG  1 
ATOM   553  O  OD1 . ASN A 1 73  ? -12.897 13.871  -10.154 1.00 63.33 ? 72  ASN z OD1 1 
ATOM   554  N  ND2 . ASN A 1 73  ? -12.249 13.341  -12.230 1.00 63.33 ? 72  ASN z ND2 1 
ATOM   555  N  N   . GLN A 1 74  ? -14.157 9.445   -9.240  1.00 60.44 ? 73  GLN z N   1 
ATOM   556  C  CA  . GLN A 1 74  ? -15.478 8.838   -9.210  1.00 60.44 ? 73  GLN z CA  1 
ATOM   557  C  C   . GLN A 1 74  ? -16.094 8.928   -7.820  1.00 60.44 ? 73  GLN z C   1 
ATOM   558  O  O   . GLN A 1 74  ? -17.264 9.294   -7.675  1.00 60.44 ? 73  GLN z O   1 
ATOM   559  C  CB  . GLN A 1 74  ? -15.388 7.385   -9.663  1.00 60.44 ? 73  GLN z CB  1 
ATOM   560  C  CG  . GLN A 1 74  ? -16.544 6.537   -9.213  1.00 60.44 ? 73  GLN z CG  1 
ATOM   561  C  CD  . GLN A 1 74  ? -16.305 5.080   -9.462  1.00 60.44 ? 73  GLN z CD  1 
ATOM   562  O  OE1 . GLN A 1 74  ? -15.859 4.694   -10.535 1.00 60.44 ? 73  GLN z OE1 1 
ATOM   563  N  NE2 . GLN A 1 74  ? -16.588 4.259   -8.470  1.00 60.44 ? 73  GLN z NE2 1 
ATOM   564  N  N   . ALA A 1 75  ? -15.319 8.608   -6.784  1.00 61.11 ? 74  ALA z N   1 
ATOM   565  C  CA  . ALA A 1 75  ? -15.844 8.694   -5.428  1.00 61.11 ? 74  ALA z CA  1 
ATOM   566  C  C   . ALA A 1 75  ? -16.115 10.128  -5.004  1.00 61.11 ? 74  ALA z C   1 
ATOM   567  O  O   . ALA A 1 75  ? -16.805 10.341  -4.005  1.00 61.11 ? 74  ALA z O   1 
ATOM   568  C  CB  . ALA A 1 75  ? -14.886 8.030   -4.442  1.00 61.11 ? 74  ALA z CB  1 
ATOM   569  N  N   . ALA A 1 76  ? -15.587 11.114  -5.730  1.00 61.18 ? 75  ALA z N   1 
ATOM   570  C  CA  . ALA A 1 76  ? -15.949 12.496  -5.444  1.00 61.18 ? 75  ALA z CA  1 
ATOM   571  C  C   . ALA A 1 76  ? -17.439 12.734  -5.637  1.00 61.18 ? 75  ALA z C   1 
ATOM   572  O  O   . ALA A 1 76  ? -18.026 13.575  -4.950  1.00 61.18 ? 75  ALA z O   1 
ATOM   573  C  CB  . ALA A 1 76  ? -15.138 13.450  -6.317  1.00 61.18 ? 75  ALA z CB  1 
ATOM   574  N  N   . ASN A 1 77  ? -18.069 12.004  -6.554  1.00 60.50 ? 76  ASN z N   1 
ATOM   575  C  CA  . ASN A 1 77  ? -19.510 12.102  -6.761  1.00 60.50 ? 76  ASN z CA  1 
ATOM   576  C  C   . ASN A 1 77  ? -20.318 11.416  -5.675  1.00 60.50 ? 76  ASN z C   1 
ATOM   577  O  O   . ASN A 1 77  ? -21.539 11.584  -5.648  1.00 60.50 ? 76  ASN z O   1 
ATOM   578  C  CB  . ASN A 1 77  ? -19.893 11.503  -8.109  1.00 60.50 ? 76  ASN z CB  1 
ATOM   579  C  CG  . ASN A 1 77  ? -19.186 12.163  -9.255  1.00 60.50 ? 76  ASN z CG  1 
ATOM   580  O  OD1 . ASN A 1 77  ? -18.848 13.341  -9.189  1.00 60.50 ? 76  ASN z OD1 1 
ATOM   581  N  ND2 . ASN A 1 77  ? -18.954 11.411  -10.321 1.00 60.50 ? 76  ASN z ND2 1 
ATOM   582  N  N   . TYR A 1 78  ? -19.689 10.648  -4.797  1.00 61.19 ? 77  TYR z N   1 
ATOM   583  C  CA  . TYR A 1 78  ? -20.388 9.944   -3.731  1.00 61.19 ? 77  TYR z CA  1 
ATOM   584  C  C   . TYR A 1 78  ? -20.061 10.467  -2.343  1.00 61.19 ? 77  TYR z C   1 
ATOM   585  O  O   . TYR A 1 78  ? -20.949 10.532  -1.496  1.00 61.19 ? 77  TYR z O   1 
ATOM   586  C  CB  . TYR A 1 78  ? -20.060 8.453   -3.771  1.00 61.19 ? 77  TYR z CB  1 
ATOM   587  C  CG  . TYR A 1 78  ? -20.556 7.720   -4.985  1.00 61.19 ? 77  TYR z CG  1 
ATOM   588  C  CD1 . TYR A 1 78  ? -19.982 7.920   -6.224  1.00 61.19 ? 77  TYR z CD1 1 
ATOM   589  C  CD2 . TYR A 1 78  ? -21.573 6.793   -4.885  1.00 61.19 ? 77  TYR z CD2 1 
ATOM   590  C  CE1 . TYR A 1 78  ? -20.424 7.236   -7.327  1.00 61.19 ? 77  TYR z CE1 1 
ATOM   591  C  CE2 . TYR A 1 78  ? -22.016 6.103   -5.981  1.00 61.19 ? 77  TYR z CE2 1 
ATOM   592  C  CZ  . TYR A 1 78  ? -21.440 6.330   -7.198  1.00 61.19 ? 77  TYR z CZ  1 
ATOM   593  O  OH  . TYR A 1 78  ? -21.880 5.650   -8.302  1.00 61.19 ? 77  TYR z OH  1 
ATOM   594  N  N   . PHE A 1 79  ? -18.811 10.824  -2.082  1.00 65.90 ? 78  PHE z N   1 
ATOM   595  C  CA  . PHE A 1 79  ? -18.387 11.290  -0.773  1.00 65.90 ? 78  PHE z CA  1 
ATOM   596  C  C   . PHE A 1 79  ? -18.167 12.795  -0.782  1.00 65.90 ? 78  PHE z C   1 
ATOM   597  O  O   . PHE A 1 79  ? -17.892 13.397  -1.820  1.00 65.90 ? 78  PHE z O   1 
ATOM   598  C  CB  . PHE A 1 79  ? -17.098 10.603  -0.329  1.00 65.90 ? 78  PHE z CB  1 
ATOM   599  C  CG  . PHE A 1 79  ? -17.303 9.251   0.271   1.00 65.90 ? 78  PHE z CG  1 
ATOM   600  C  CD1 . PHE A 1 79  ? -18.094 9.089   1.382   1.00 65.90 ? 78  PHE z CD1 1 
ATOM   601  C  CD2 . PHE A 1 79  ? -16.671 8.147   -0.252  1.00 65.90 ? 78  PHE z CD2 1 
ATOM   602  C  CE1 . PHE A 1 79  ? -18.269 7.850   1.946   1.00 65.90 ? 78  PHE z CE1 1 
ATOM   603  C  CE2 . PHE A 1 79  ? -16.847 6.907   0.312   1.00 65.90 ? 78  PHE z CE2 1 
ATOM   604  C  CZ  . PHE A 1 79  ? -17.648 6.761   1.412   1.00 65.90 ? 78  PHE z CZ  1 
ATOM   605  N  N   . ASP A 1 80  ? -18.291 13.397  0.395   1.00 71.87 ? 79  ASP z N   1 
ATOM   606  C  CA  . ASP A 1 80  ? -18.035 14.822  0.535   1.00 71.87 ? 79  ASP z CA  1 
ATOM   607  C  C   . ASP A 1 80  ? -16.673 15.101  1.147   1.00 71.87 ? 79  ASP z C   1 
ATOM   608  O  O   . ASP A 1 80  ? -16.008 16.066  0.761   1.00 71.87 ? 79  ASP z O   1 
ATOM   609  C  CB  . ASP A 1 80  ? -19.127 15.467  1.379   1.00 71.87 ? 79  ASP z CB  1 
ATOM   610  C  CG  . ASP A 1 80  ? -19.459 16.845  0.911   1.00 71.87 ? 79  ASP z CG  1 
ATOM   611  O  OD1 . ASP A 1 80  ? -18.566 17.490  0.329   1.00 71.87 ? 79  ASP z OD1 1 
ATOM   612  O  OD2 . ASP A 1 80  ? -20.609 17.280  1.111   1.00 71.87 ? 79  ASP z OD2 1 
ATOM   613  N  N   . TYR A 1 81  ? -16.250 14.287  2.107   1.00 66.76 ? 80  TYR z N   1 
ATOM   614  C  CA  . TYR A 1 81  ? -14.854 14.247  2.508   1.00 66.76 ? 80  TYR z CA  1 
ATOM   615  C  C   . TYR A 1 81  ? -14.539 12.823  2.931   1.00 66.76 ? 80  TYR z C   1 
ATOM   616  O  O   . TYR A 1 81  ? -15.336 12.178  3.622   1.00 66.76 ? 80  TYR z O   1 
ATOM   617  C  CB  . TYR A 1 81  ? -14.524 15.255  3.624   1.00 66.76 ? 80  TYR z CB  1 
ATOM   618  C  CG  . TYR A 1 81  ? -14.839 14.841  5.046   1.00 66.76 ? 80  TYR z CG  1 
ATOM   619  C  CD1 . TYR A 1 81  ? -13.973 14.042  5.768   1.00 66.76 ? 80  TYR z CD1 1 
ATOM   620  C  CD2 . TYR A 1 81  ? -15.975 15.296  5.683   1.00 66.76 ? 80  TYR z CD2 1 
ATOM   621  C  CE1 . TYR A 1 81  ? -14.252 13.672  7.065   1.00 66.76 ? 80  TYR z CE1 1 
ATOM   622  C  CE2 . TYR A 1 81  ? -16.258 14.934  6.982   1.00 66.76 ? 80  TYR z CE2 1 
ATOM   623  C  CZ  . TYR A 1 81  ? -15.392 14.123  7.665   1.00 66.76 ? 80  TYR z CZ  1 
ATOM   624  O  OH  . TYR A 1 81  ? -15.671 13.760  8.956   1.00 66.76 ? 80  TYR z OH  1 
ATOM   625  N  N   . ALA A 1 82  ? -13.391 12.333  2.475   1.00 68.01 ? 81  ALA z N   1 
ATOM   626  C  CA  . ALA A 1 82  ? -12.908 11.001  2.804   1.00 68.01 ? 81  ALA z CA  1 
ATOM   627  C  C   . ALA A 1 82  ? -11.405 11.074  2.982   1.00 68.01 ? 81  ALA z C   1 
ATOM   628  O  O   . ALA A 1 82  ? -10.693 11.515  2.075   1.00 68.01 ? 81  ALA z O   1 
ATOM   629  C  CB  . ALA A 1 82  ? -13.264 9.985   1.720   1.00 68.01 ? 81  ALA z CB  1 
ATOM   630  N  N   . ARG A 1 83  ? -10.930 10.649  4.148   1.00 67.53 ? 82  ARG z N   1 
ATOM   631  C  CA  . ARG A 1 83  ? -9.532  10.802  4.536   1.00 67.53 ? 82  ARG z CA  1 
ATOM   632  C  C   . ARG A 1 83  ? -9.007  9.452   4.988   1.00 67.53 ? 82  ARG z C   1 
ATOM   633  O  O   . ARG A 1 83  ? -9.458  8.917   6.005   1.00 67.53 ? 82  ARG z O   1 
ATOM   634  C  CB  . ARG A 1 83  ? -9.383  11.840  5.641   1.00 67.53 ? 82  ARG z CB  1 
ATOM   635  C  CG  . ARG A 1 83  ? -10.007 13.162  5.283   1.00 67.53 ? 82  ARG z CG  1 
ATOM   636  C  CD  . ARG A 1 83  ? -9.150  14.309  5.731   1.00 67.53 ? 82  ARG z CD  1 
ATOM   637  N  NE  . ARG A 1 83  ? -8.953  15.258  4.648   1.00 67.53 ? 82  ARG z NE  1 
ATOM   638  C  CZ  . ARG A 1 83  ? -9.817  16.211  4.337   1.00 67.53 ? 82  ARG z CZ  1 
ATOM   639  N  NH1 . ARG A 1 83  ? -9.562  17.035  3.336   1.00 67.53 ? 82  ARG z NH1 1 
ATOM   640  N  NH2 . ARG A 1 83  ? -10.936 16.343  5.025   1.00 67.53 ? 82  ARG z NH2 1 
ATOM   641  N  N   . ILE A 1 84  ? -8.071  8.903   4.225   1.00 66.30 ? 83  ILE z N   1 
ATOM   642  C  CA  . ILE A 1 84  ? -7.503  7.590   4.483   1.00 66.30 ? 83  ILE z CA  1 
ATOM   643  C  C   . ILE A 1 84  ? -6.142  7.791   5.121   1.00 66.30 ? 83  ILE z C   1 
ATOM   644  O  O   . ILE A 1 84  ? -5.262  8.428   4.536   1.00 66.30 ? 83  ILE z O   1 
ATOM   645  C  CB  . ILE A 1 84  ? -7.385  6.769   3.192   1.00 66.30 ? 83  ILE z CB  1 
ATOM   646  C  CG1 . ILE A 1 84  ? -8.757  6.343   2.681   1.00 66.30 ? 83  ILE z CG1 1 
ATOM   647  C  CG2 . ILE A 1 84  ? -6.519  5.549   3.421   1.00 66.30 ? 83  ILE z CG2 1 
ATOM   648  C  CD1 . ILE A 1 84  ? -9.207  5.013   3.208   1.00 66.30 ? 83  ILE z CD1 1 
ATOM   649  N  N   . LEU A 1 85  ? -5.968  7.247   6.316   1.00 66.08 ? 84  LEU z N   1 
ATOM   650  C  CA  . LEU A 1 85  ? -4.705  7.266   7.030   1.00 66.08 ? 84  LEU z CA  1 
ATOM   651  C  C   . LEU A 1 85  ? -4.159  5.851   7.019   1.00 66.08 ? 84  LEU z C   1 
ATOM   652  O  O   . LEU A 1 85  ? -4.795  4.934   7.546   1.00 66.08 ? 84  LEU z O   1 
ATOM   653  C  CB  . LEU A 1 85  ? -4.884  7.771   8.461   1.00 66.08 ? 84  LEU z CB  1 
ATOM   654  C  CG  . LEU A 1 85  ? -5.325  9.223   8.604   1.00 66.08 ? 84  LEU z CG  1 
ATOM   655  C  CD1 . LEU A 1 85  ? -5.659  9.542   10.037  1.00 66.08 ? 84  LEU z CD1 1 
ATOM   656  C  CD2 . LEU A 1 85  ? -4.237  10.129  8.114   1.00 66.08 ? 84  LEU z CD2 1 
ATOM   657  N  N   . VAL A 1 86  ? -2.998  5.675   6.395   1.00 66.40 ? 85  VAL z N   1 
ATOM   658  C  CA  . VAL A 1 86  ? -2.356  4.375   6.295   1.00 66.40 ? 85  VAL z CA  1 
ATOM   659  C  C   . VAL A 1 86  ? -1.590  4.163   7.593   1.00 66.40 ? 85  VAL z C   1 
ATOM   660  O  O   . VAL A 1 86  ? -0.464  4.628   7.754   1.00 66.40 ? 85  VAL z O   1 
ATOM   661  C  CB  . VAL A 1 86  ? -1.445  4.278   5.074   1.00 66.40 ? 85  VAL z CB  1 
ATOM   662  C  CG1 . VAL A 1 86  ? -0.864  2.897   4.985   1.00 66.40 ? 85  VAL z CG1 1 
ATOM   663  C  CG2 . VAL A 1 86  ? -2.216  4.592   3.826   1.00 66.40 ? 85  VAL z CG2 1 
ATOM   664  N  N   . THR A 1 87  ? -2.214  3.457   8.520   1.00 67.47 ? 86  THR z N   1 
ATOM   665  C  CA  . THR A 1 87  ? -1.607  3.174   9.811   1.00 67.47 ? 86  THR z CA  1 
ATOM   666  C  C   . THR A 1 87  ? -0.397  2.289   9.571   1.00 67.47 ? 86  THR z C   1 
ATOM   667  O  O   . THR A 1 87  ? -0.528  1.097   9.282   1.00 67.47 ? 86  THR z O   1 
ATOM   668  C  CB  . THR A 1 87  ? -2.619  2.509   10.730  1.00 67.47 ? 86  THR z CB  1 
ATOM   669  O  OG1 . THR A 1 87  ? -3.758  3.362   10.874  1.00 67.47 ? 86  THR z OG1 1 
ATOM   670  C  CG2 . THR A 1 87  ? -2.013  2.259   12.086  1.00 67.47 ? 86  THR z CG2 1 
ATOM   671  N  N   . GLY A 1 88  ? 0.783   2.880   9.684   1.00 71.02 ? 87  GLY z N   1 
ATOM   672  C  CA  . GLY A 1 88  ? 2.000   2.267   9.226   1.00 71.02 ? 87  GLY z CA  1 
ATOM   673  C  C   . GLY A 1 88  ? 2.493   1.150   10.112  1.00 71.02 ? 87  GLY z C   1 
ATOM   674  O  O   . GLY A 1 88  ? 1.721   0.458   10.781  1.00 71.02 ? 87  GLY z O   1 
ATOM   675  N  N   . PRO A 1 89  ? 3.805   0.968   10.136  1.00 75.26 ? 88  PRO z N   1 
ATOM   676  C  CA  . PRO A 1 89  ? 4.394   -0.257  10.694  1.00 75.26 ? 88  PRO z CA  1 
ATOM   677  C  C   . PRO A 1 89  ? 4.058   -0.585  12.142  1.00 75.26 ? 88  PRO z C   1 
ATOM   678  O  O   . PRO A 1 89  ? 3.499   -1.650  12.407  1.00 75.26 ? 88  PRO z O   1 
ATOM   679  C  CB  . PRO A 1 89  ? 5.894   -0.003  10.535  1.00 75.26 ? 88  PRO z CB  1 
ATOM   680  C  CG  . PRO A 1 89  ? 5.982   0.889   9.351   1.00 75.26 ? 88  PRO z CG  1 
ATOM   681  C  CD  . PRO A 1 89  ? 4.793   1.782   9.411   1.00 75.26 ? 88  PRO z CD  1 
ATOM   682  N  N   . ASN A 1 90  ? 4.390   0.286   13.088  1.00 81.61 ? 89  ASN z N   1 
ATOM   683  C  CA  . ASN A 1 90  ? 4.243   -0.026  14.509  1.00 81.61 ? 89  ASN z CA  1 
ATOM   684  C  C   . ASN A 1 90  ? 3.695   1.165   15.275  1.00 81.61 ? 89  ASN z C   1 
ATOM   685  O  O   . ASN A 1 90  ? 4.198   1.546   16.330  1.00 81.61 ? 89  ASN z O   1 
ATOM   686  C  CB  . ASN A 1 90  ? 5.570   -0.473  15.098  1.00 81.61 ? 89  ASN z CB  1 
ATOM   687  C  CG  . ASN A 1 90  ? 6.099   -1.722  14.439  1.00 81.61 ? 89  ASN z CG  1 
ATOM   688  O  OD1 . ASN A 1 90  ? 6.547   -1.689  13.293  1.00 81.61 ? 89  ASN z OD1 1 
ATOM   689  N  ND2 . ASN A 1 90  ? 6.050   -2.836  15.157  1.00 81.61 ? 89  ASN z ND2 1 
ATOM   690  N  N   . GLY A 1 91  ? 2.641   1.771   14.750  1.00 74.62 ? 90  GLY z N   1 
ATOM   691  C  CA  . GLY A 1 91  ? 2.032   2.933   15.345  1.00 74.62 ? 90  GLY z CA  1 
ATOM   692  C  C   . GLY A 1 91  ? 2.219   4.196   14.544  1.00 74.62 ? 90  GLY z C   1 
ATOM   693  O  O   . GLY A 1 91  ? 1.366   5.087   14.616  1.00 74.62 ? 90  GLY z O   1 
ATOM   694  N  N   . GLN A 1 92  ? 3.301   4.305   13.785  1.00 72.13 ? 91  GLN z N   1 
ATOM   695  C  CA  . GLN A 1 92  ? 3.489   5.464   12.932  1.00 72.13 ? 91  GLN z CA  1 
ATOM   696  C  C   . GLN A 1 92  ? 2.408   5.506   11.867  1.00 72.13 ? 91  GLN z C   1 
ATOM   697  O  O   . GLN A 1 92  ? 1.888   4.472   11.448  1.00 72.13 ? 91  GLN z O   1 
ATOM   698  C  CB  . GLN A 1 92  ? 4.857   5.428   12.266  1.00 72.13 ? 91  GLN z CB  1 
ATOM   699  C  CG  . GLN A 1 92  ? 5.966   4.972   13.157  1.00 72.13 ? 91  GLN z CG  1 
ATOM   700  C  CD  . GLN A 1 92  ? 7.280   4.895   12.432  1.00 72.13 ? 91  GLN z CD  1 
ATOM   701  O  OE1 . GLN A 1 92  ? 7.562   5.697   11.549  1.00 72.13 ? 91  GLN z OE1 1 
ATOM   702  N  NE2 . GLN A 1 92  ? 8.096   3.924   12.800  1.00 72.13 ? 91  GLN z NE2 1 
ATOM   703  N  N   . VAL A 1 93  ? 2.064   6.703   11.437  1.00 69.62 ? 92  VAL z N   1 
ATOM   704  C  CA  . VAL A 1 93  ? 1.114   6.898   10.355  1.00 69.62 ? 92  VAL z CA  1 
ATOM   705  C  C   . VAL A 1 93  ? 1.870   7.630   9.257   1.00 69.62 ? 92  VAL z C   1 
ATOM   706  O  O   . VAL A 1 93  ? 2.108   8.836   9.354   1.00 69.62 ? 92  VAL z O   1 
ATOM   707  C  CB  . VAL A 1 93  ? -0.122  7.675   10.815  1.00 69.62 ? 92  VAL z CB  1 
ATOM   708  C  CG1 . VAL A 1 93  ? -1.055  7.900   9.660   1.00 69.62 ? 92  VAL z CG1 1 
ATOM   709  C  CG2 . VAL A 1 93  ? -0.831  6.927   11.922  1.00 69.62 ? 92  VAL z CG2 1 
ATOM   710  N  N   . LYS A 1 94  ? 2.265   6.910   8.214   1.00 68.00 ? 93  LYS z N   1 
ATOM   711  C  CA  . LYS A 1 94  ? 3.122   7.479   7.186   1.00 68.00 ? 93  LYS z CA  1 
ATOM   712  C  C   . LYS A 1 94  ? 2.379   7.884   5.925   1.00 68.00 ? 93  LYS z C   1 
ATOM   713  O  O   . LYS A 1 94  ? 3.013   8.362   4.983   1.00 68.00 ? 93  LYS z O   1 
ATOM   714  C  CB  . LYS A 1 94  ? 4.234   6.499   6.823   1.00 68.00 ? 93  LYS z CB  1 
ATOM   715  C  CG  . LYS A 1 94  ? 5.184   6.214   7.952   1.00 68.00 ? 93  LYS z CG  1 
ATOM   716  C  CD  . LYS A 1 94  ? 6.498   5.699   7.435   1.00 68.00 ? 93  LYS z CD  1 
ATOM   717  C  CE  . LYS A 1 94  ? 7.354   5.215   8.566   1.00 68.00 ? 93  LYS z CE  1 
ATOM   718  N  NZ  . LYS A 1 94  ? 8.695   4.829   8.098   1.00 68.00 ? 93  LYS z NZ  1 
ATOM   719  N  N   . GLY A 1 95  ? 1.068   7.719   5.872   1.00 65.97 ? 94  GLY z N   1 
ATOM   720  C  CA  . GLY A 1 95  ? 0.377   8.053   4.648   1.00 65.97 ? 94  GLY z CA  1 
ATOM   721  C  C   . GLY A 1 95  ? -1.007  8.620   4.841   1.00 65.97 ? 94  GLY z C   1 
ATOM   722  O  O   . GLY A 1 95  ? -1.750  8.181   5.715   1.00 65.97 ? 94  GLY z O   1 
ATOM   723  N  N   . TYR A 1 96  ? -1.371  9.574   3.994   1.00 68.49 ? 95  TYR z N   1 
ATOM   724  C  CA  . TYR A 1 96  ? -2.646  10.267  4.110   1.00 68.49 ? 95  TYR z CA  1 
ATOM   725  C  C   . TYR A 1 96  ? -3.124  10.589  2.706   1.00 68.49 ? 95  TYR z C   1 
ATOM   726  O  O   . TYR A 1 96  ? -2.457  11.325  1.979   1.00 68.49 ? 95  TYR z O   1 
ATOM   727  C  CB  . TYR A 1 96  ? -2.484  11.529  4.958   1.00 68.49 ? 95  TYR z CB  1 
ATOM   728  C  CG  . TYR A 1 96  ? -3.471  12.647  4.723   1.00 68.49 ? 95  TYR z CG  1 
ATOM   729  C  CD1 . TYR A 1 96  ? -4.646  12.721  5.441   1.00 68.49 ? 95  TYR z CD1 1 
ATOM   730  C  CD2 . TYR A 1 96  ? -3.190  13.666  3.829   1.00 68.49 ? 95  TYR z CD2 1 
ATOM   731  C  CE1 . TYR A 1 96  ? -5.528  13.752  5.245   1.00 68.49 ? 95  TYR z CE1 1 
ATOM   732  C  CE2 . TYR A 1 96  ? -4.068  14.695  3.625   1.00 68.49 ? 95  TYR z CE2 1 
ATOM   733  C  CZ  . TYR A 1 96  ? -5.232  14.735  4.332   1.00 68.49 ? 95  TYR z CZ  1 
ATOM   734  O  OH  . TYR A 1 96  ? -6.107  15.768  4.125   1.00 68.49 ? 95  TYR z OH  1 
ATOM   735  N  N   . LEU A 1 97  ? -4.254  10.017  2.325   1.00 68.54 ? 96  LEU z N   1 
ATOM   736  C  CA  . LEU A 1 97  ? -4.834  10.225  1.010   1.00 68.54 ? 96  LEU z CA  1 
ATOM   737  C  C   . LEU A 1 97  ? -6.208  10.844  1.170   1.00 68.54 ? 96  LEU z C   1 
ATOM   738  O  O   . LEU A 1 97  ? -6.919  10.556  2.135   1.00 68.54 ? 96  LEU z O   1 
ATOM   739  C  CB  . LEU A 1 97  ? -4.964  8.919   0.232   1.00 68.54 ? 96  LEU z CB  1 
ATOM   740  C  CG  . LEU A 1 97  ? -3.739  8.052   -0.002  1.00 68.54 ? 96  LEU z CG  1 
ATOM   741  C  CD1 . LEU A 1 97  ? -3.861  6.755   0.762   1.00 68.54 ? 96  LEU z CD1 1 
ATOM   742  C  CD2 . LEU A 1 97  ? -3.611  7.791   -1.474  1.00 68.54 ? 96  LEU z CD2 1 
ATOM   743  N  N   . SER A 1 98  ? -6.580  11.693  0.224   1.00 68.45 ? 97  SER z N   1 
ATOM   744  C  CA  . SER A 1 98  ? -7.914  12.258  0.209   1.00 68.45 ? 97  SER z CA  1 
ATOM   745  C  C   . SER A 1 98  ? -8.347  12.433  -1.234  1.00 68.45 ? 97  SER z C   1 
ATOM   746  O  O   . SER A 1 98  ? -7.609  12.115  -2.168  1.00 68.45 ? 97  SER z O   1 
ATOM   747  C  CB  . SER A 1 98  ? -7.968  13.580  0.970   1.00 68.45 ? 97  SER z CB  1 
ATOM   748  O  OG  . SER A 1 98  ? -9.305  14.012  1.117   1.00 68.45 ? 97  SER z OG  1 
ATOM   749  N  N   . LEU A 1 99  ? -9.561  12.942  -1.414  1.00 66.80 ? 98  LEU z N   1 
ATOM   750  C  CA  . LEU A 1 99  ? -10.085 13.123  -2.760  1.00 66.80 ? 98  LEU z CA  1 
ATOM   751  C  C   . LEU A 1 99  ? -9.274  14.148  -3.541  1.00 66.80 ? 98  LEU z C   1 
ATOM   752  O  O   . LEU A 1 99  ? -9.274  14.123  -4.776  1.00 66.80 ? 98  LEU z O   1 
ATOM   753  C  CB  . LEU A 1 99  ? -11.557 13.522  -2.696  1.00 66.80 ? 98  LEU z CB  1 
ATOM   754  C  CG  . LEU A 1 99  ? -12.456 12.619  -1.850  1.00 66.80 ? 98  LEU z CG  1 
ATOM   755  C  CD1 . LEU A 1 99  ? -13.900 13.032  -1.952  1.00 66.80 ? 98  LEU z CD1 1 
ATOM   756  C  CD2 . LEU A 1 99  ? -12.307 11.175  -2.247  1.00 66.80 ? 98  LEU z CD2 1 
ATOM   757  N  N   . GLN A 1 100 ? -8.578  15.052  -2.856  1.00 69.37 ? 99  GLN z N   1 
ATOM   758  C  CA  . GLN A 1 100 ? -7.789  16.075  -3.534  1.00 69.37 ? 99  GLN z CA  1 
ATOM   759  C  C   . GLN A 1 100 ? -6.317  15.689  -3.632  1.00 69.37 ? 99  GLN z C   1 
ATOM   760  O  O   . GLN A 1 100 ? -5.762  15.601  -4.729  1.00 69.37 ? 99  GLN z O   1 
ATOM   761  C  CB  . GLN A 1 100 ? -7.937  17.411  -2.812  1.00 69.37 ? 99  GLN z CB  1 
ATOM   762  C  CG  . GLN A 1 100 ? -9.344  17.935  -2.787  1.00 69.37 ? 99  GLN z CG  1 
ATOM   763  C  CD  . GLN A 1 100 ? -9.815  18.366  -4.148  1.00 69.37 ? 99  GLN z CD  1 
ATOM   764  O  OE1 . GLN A 1 100 ? -9.018  18.528  -5.068  1.00 69.37 ? 99  GLN z OE1 1 
ATOM   765  N  NE2 . GLN A 1 100 ? -11.118 18.558  -4.289  1.00 69.37 ? 99  GLN z NE2 1 
ATOM   766  N  N   . HIS A 1 101 ? -5.682  15.456  -2.494  1.00 72.47 ? 100 HIS z N   1 
ATOM   767  C  CA  . HIS A 1 101 ? -4.276  15.069  -2.423  1.00 72.47 ? 100 HIS z CA  1 
ATOM   768  C  C   . HIS A 1 101 ? -4.235  13.553  -2.553  1.00 72.47 ? 100 HIS z C   1 
ATOM   769  O  O   . HIS A 1 101 ? -4.604  12.821  -1.635  1.00 72.47 ? 100 HIS z O   1 
ATOM   770  C  CB  . HIS A 1 101 ? -3.667  15.571  -1.120  1.00 72.47 ? 100 HIS z CB  1 
ATOM   771  C  CG  . HIS A 1 101 ? -2.511  14.763  -0.621  1.00 72.47 ? 100 HIS z CG  1 
ATOM   772  N  ND1 . HIS A 1 101 ? -1.218  14.976  -1.041  1.00 72.47 ? 100 HIS z ND1 1 
ATOM   773  C  CD2 . HIS A 1 101 ? -2.449  13.771  0.295   1.00 72.47 ? 100 HIS z CD2 1 
ATOM   774  C  CE1 . HIS A 1 101 ? -0.411  14.137  -0.417  1.00 72.47 ? 100 HIS z CE1 1 
ATOM   775  N  NE2 . HIS A 1 101 ? -1.134  13.394  0.399   1.00 72.47 ? 100 HIS z NE2 1 
ATOM   776  N  N   . GLY A 1 102 ? -3.811  13.076  -3.719  1.00 69.47 ? 101 GLY z N   1 
ATOM   777  C  CA  . GLY A 1 102 ? -3.982  11.684  -4.065  1.00 69.47 ? 101 GLY z CA  1 
ATOM   778  C  C   . GLY A 1 102 ? -2.782  10.775  -3.928  1.00 69.47 ? 101 GLY z C   1 
ATOM   779  O  O   . GLY A 1 102 ? -2.931  9.568   -4.140  1.00 69.47 ? 101 GLY z O   1 
ATOM   780  N  N   . LYS A 1 103 ? -1.611  11.285  -3.571  1.00 65.95 ? 102 LYS z N   1 
ATOM   781  C  CA  . LYS A 1 103 ? -0.407  10.467  -3.563  1.00 65.95 ? 102 LYS z CA  1 
ATOM   782  C  C   . LYS A 1 103 ? 0.172   10.370  -2.164  1.00 65.95 ? 102 LYS z C   1 
ATOM   783  O  O   . LYS A 1 103 ? 0.209   11.355  -1.425  1.00 65.95 ? 102 LYS z O   1 
ATOM   784  C  CB  . LYS A 1 103 ? 0.652   11.023  -4.506  1.00 65.95 ? 102 LYS z CB  1 
ATOM   785  C  CG  . LYS A 1 103 ? 0.088   11.700  -5.720  1.00 65.95 ? 102 LYS z CG  1 
ATOM   786  C  CD  . LYS A 1 103 ? 1.084   11.724  -6.843  1.00 65.95 ? 102 LYS z CD  1 
ATOM   787  C  CE  . LYS A 1 103 ? 1.102   10.401  -7.550  1.00 65.95 ? 102 LYS z CE  1 
ATOM   788  N  NZ  . LYS A 1 103 ? 2.028   10.409  -8.702  1.00 65.95 ? 102 LYS z NZ  1 
ATOM   789  N  N   . ALA A 1 104 ? 0.623   9.175   -1.810  1.00 64.41 ? 103 ALA z N   1 
ATOM   790  C  CA  . ALA A 1 104 ? 1.352   8.943   -0.577  1.00 64.41 ? 103 ALA z CA  1 
ATOM   791  C  C   . ALA A 1 104 ? 2.726   8.401   -0.936  1.00 64.41 ? 103 ALA z C   1 
ATOM   792  O  O   . ALA A 1 104 ? 2.953   7.915   -2.044  1.00 64.41 ? 103 ALA z O   1 
ATOM   793  C  CB  . ALA A 1 104 ? 0.608   7.972   0.346   1.00 64.41 ? 103 ALA z CB  1 
ATOM   794  N  N   . TRP A 1 105 ? 3.654   8.492   0.010   1.00 65.29 ? 104 TRP z N   1 
ATOM   795  C  CA  . TRP A 1 105 ? 5.030   8.081   -0.226  1.00 65.29 ? 104 TRP z CA  1 
ATOM   796  C  C   . TRP A 1 105 ? 5.572   7.299   0.959   1.00 65.29 ? 104 TRP z C   1 
ATOM   797  O  O   . TRP A 1 105 ? 6.681   7.559   1.432   1.00 65.29 ? 104 TRP z O   1 
ATOM   798  C  CB  . TRP A 1 105 ? 5.929   9.282   -0.493  1.00 65.29 ? 104 TRP z CB  1 
ATOM   799  C  CG  . TRP A 1 105 ? 5.626   10.078  -1.712  1.00 65.29 ? 104 TRP z CG  1 
ATOM   800  C  CD1 . TRP A 1 105 ? 4.865   11.205  -1.789  1.00 65.29 ? 104 TRP z CD1 1 
ATOM   801  C  CD2 . TRP A 1 105 ? 6.125   9.847   -3.026  1.00 65.29 ? 104 TRP z CD2 1 
ATOM   802  N  NE1 . TRP A 1 105 ? 4.841   11.676  -3.074  1.00 65.29 ? 104 TRP z NE1 1 
ATOM   803  C  CE2 . TRP A 1 105 ? 5.611   10.857  -3.854  1.00 65.29 ? 104 TRP z CE2 1 
ATOM   804  C  CE3 . TRP A 1 105 ? 6.947   8.874   -3.588  1.00 65.29 ? 104 TRP z CE3 1 
ATOM   805  C  CZ2 . TRP A 1 105 ? 5.887   10.919  -5.208  1.00 65.29 ? 104 TRP z CZ2 1 
ATOM   806  C  CZ3 . TRP A 1 105 ? 7.224   8.939   -4.929  1.00 65.29 ? 104 TRP z CZ3 1 
ATOM   807  C  CH2 . TRP A 1 105 ? 6.697   9.953   -5.725  1.00 65.29 ? 104 TRP z CH2 1 
ATOM   808  N  N   . ILE A 1 106 ? 4.806   6.339   1.471   1.00 62.45 ? 105 ILE z N   1 
ATOM   809  C  CA  . ILE A 1 106 ? 5.216   5.650   2.688   1.00 62.45 ? 105 ILE z CA  1 
ATOM   810  C  C   . ILE A 1 106 ? 6.483   4.847   2.433   1.00 62.45 ? 105 ILE z C   1 
ATOM   811  O  O   . ILE A 1 106 ? 6.602   4.140   1.426   1.00 62.45 ? 105 ILE z O   1 
ATOM   812  C  CB  . ILE A 1 106 ? 4.068   4.781   3.224   1.00 62.45 ? 105 ILE z CB  1 
ATOM   813  C  CG1 . ILE A 1 106 ? 4.585   3.432   3.706   1.00 62.45 ? 105 ILE z CG1 1 
ATOM   814  C  CG2 . ILE A 1 106 ? 2.991   4.614   2.188   1.00 62.45 ? 105 ILE z CG2 1 
ATOM   815  C  CD1 . ILE A 1 106 ? 3.670   2.786   4.675   1.00 62.45 ? 105 ILE z CD1 1 
ATOM   816  N  N   . THR A 1 107 ? 7.447   4.979   3.338   1.00 67.14 ? 106 THR z N   1 
ATOM   817  C  CA  . THR A 1 107 ? 8.769   4.384   3.205   1.00 67.14 ? 106 THR z CA  1 
ATOM   818  C  C   . THR A 1 107 ? 9.110   3.623   4.474   1.00 67.14 ? 106 THR z C   1 
ATOM   819  O  O   . THR A 1 107 ? 8.927   4.134   5.581   1.00 67.14 ? 106 THR z O   1 
ATOM   820  C  CB  . THR A 1 107 ? 9.833   5.452   2.934   1.00 67.14 ? 106 THR z CB  1 
ATOM   821  O  OG1 . THR A 1 107 ? 11.118  4.980   3.352   1.00 67.14 ? 106 THR z OG1 1 
ATOM   822  C  CG2 . THR A 1 107 ? 9.512   6.715   3.688   1.00 67.14 ? 106 THR z CG2 1 
ATOM   823  N  N   . LEU A 1 108 ? 9.599   2.404   4.314   1.00 72.70 ? 107 LEU z N   1 
ATOM   824  C  CA  . LEU A 1 108 ? 9.936   1.550   5.438   1.00 72.70 ? 107 LEU z CA  1 
ATOM   825  C  C   . LEU A 1 108 ? 11.430  1.262   5.432   1.00 72.70 ? 107 LEU z C   1 
ATOM   826  O  O   . LEU A 1 108 ? 12.041  1.096   4.377   1.00 72.70 ? 107 LEU z O   1 
ATOM   827  C  CB  . LEU A 1 108 ? 9.145   0.241   5.382   1.00 72.70 ? 107 LEU z CB  1 
ATOM   828  C  CG  . LEU A 1 108 ? 7.681   0.347   4.956   1.00 72.70 ? 107 LEU z CG  1 
ATOM   829  C  CD1 . LEU A 1 108 ? 7.021   -0.999  4.993   1.00 72.70 ? 107 LEU z CD1 1 
ATOM   830  C  CD2 . LEU A 1 108 ? 6.932   1.306   5.840   1.00 72.70 ? 107 LEU z CD2 1 
ATOM   831  N  N   . ASP A 1 109 ? 12.008  1.191   6.618   1.00 82.33 ? 108 ASP z N   1 
ATOM   832  C  CA  . ASP A 1 109 ? 13.440  0.989   6.767   1.00 82.33 ? 108 ASP z CA  1 
ATOM   833  C  C   . ASP A 1 109 ? 13.702  -0.288  7.560   1.00 82.33 ? 108 ASP z C   1 
ATOM   834  O  O   . ASP A 1 109 ? 12.798  -1.083  7.813   1.00 82.33 ? 108 ASP z O   1 
ATOM   835  C  CB  . ASP A 1 109 ? 14.084  2.211   7.413   1.00 82.33 ? 108 ASP z CB  1 
ATOM   836  C  CG  . ASP A 1 109 ? 13.345  2.672   8.642   1.00 82.33 ? 108 ASP z CG  1 
ATOM   837  O  OD1 . ASP A 1 109 ? 12.101  2.577   8.655   1.00 82.33 ? 108 ASP z OD1 1 
ATOM   838  O  OD2 . ASP A 1 109 ? 14.004  3.131   9.597   1.00 82.33 ? 108 ASP z OD2 1 
ATOM   839  N  N   . ALA A 1 110 ? 14.962  -0.478  7.945   1.00 82.75 ? 109 ALA z N   1 
ATOM   840  C  CA  . ALA A 1 110 ? 15.437  -1.783  8.390   1.00 82.75 ? 109 ALA z CA  1 
ATOM   841  C  C   . ALA A 1 110 ? 14.777  -2.263  9.669   1.00 82.75 ? 109 ALA z C   1 
ATOM   842  O  O   . ALA A 1 110 ? 14.756  -3.471  9.917   1.00 82.75 ? 109 ALA z O   1 
ATOM   843  C  CB  . ALA A 1 110 ? 16.949  -1.750  8.585   1.00 82.75 ? 109 ALA z CB  1 
ATOM   844  N  N   . GLU A 1 111 ? 14.255  -1.366  10.492  1.00 87.28 ? 110 GLU z N   1 
ATOM   845  C  CA  . GLU A 1 111 ? 13.589  -1.811  11.705  1.00 87.28 ? 110 GLU z CA  1 
ATOM   846  C  C   . GLU A 1 111 ? 12.138  -2.178  11.453  1.00 87.28 ? 110 GLU z C   1 
ATOM   847  O  O   . GLU A 1 111 ? 11.632  -3.130  12.050  1.00 87.28 ? 110 GLU z O   1 
ATOM   848  C  CB  . GLU A 1 111 ? 13.667  -0.728  12.773  1.00 87.28 ? 110 GLU z CB  1 
ATOM   849  C  CG  . GLU A 1 111 ? 12.834  -1.016  13.995  1.00 87.28 ? 110 GLU z CG  1 
ATOM   850  C  CD  . GLU A 1 111 ? 12.788  0.155   14.948  1.00 87.28 ? 110 GLU z CD  1 
ATOM   851  O  OE1 . GLU A 1 111 ? 13.210  1.261   14.548  1.00 87.28 ? 110 GLU z OE1 1 
ATOM   852  O  OE2 . GLU A 1 111 ? 12.335  -0.027  16.096  1.00 87.28 ? 110 GLU z OE2 1 
ATOM   853  N  N   . GLU A 1 112 ? 11.467  -1.456  10.562  1.00 82.31 ? 111 GLU z N   1 
ATOM   854  C  CA  . GLU A 1 112 ? 10.052  -1.694  10.331  1.00 82.31 ? 111 GLU z CA  1 
ATOM   855  C  C   . GLU A 1 112 ? 9.822   -2.941  9.491   1.00 82.31 ? 111 GLU z C   1 
ATOM   856  O  O   . GLU A 1 112 ? 8.837   -3.655  9.699   1.00 82.31 ? 111 GLU z O   1 
ATOM   857  C  CB  . GLU A 1 112 ? 9.425   -0.476  9.669   1.00 82.31 ? 111 GLU z CB  1 
ATOM   858  C  CG  . GLU A 1 112 ? 9.567   0.776   10.488  1.00 82.31 ? 111 GLU z CG  1 
ATOM   859  C  CD  . GLU A 1 112 ? 9.207   2.014   9.712   1.00 82.31 ? 111 GLU z CD  1 
ATOM   860  O  OE1 . GLU A 1 112 ? 8.936   1.893   8.503   1.00 82.31 ? 111 GLU z OE1 1 
ATOM   861  O  OE2 . GLU A 1 112 ? 9.197   3.114   10.305  1.00 82.31 ? 111 GLU z OE2 1 
ATOM   862  N  N   . LEU A 1 113 ? 10.706  -3.222  8.537   1.00 77.79 ? 112 LEU z N   1 
ATOM   863  C  CA  . LEU A 1 113 ? 10.564  -4.450  7.765   1.00 77.79 ? 112 LEU z CA  1 
ATOM   864  C  C   . LEU A 1 113 ? 10.867  -5.676  8.608   1.00 77.79 ? 112 LEU z C   1 
ATOM   865  O  O   . LEU A 1 113 ? 10.162  -6.683  8.513   1.00 77.79 ? 112 LEU z O   1 
ATOM   866  C  CB  . LEU A 1 113 ? 11.479  -4.423  6.545   1.00 77.79 ? 112 LEU z CB  1 
ATOM   867  C  CG  . LEU A 1 113 ? 11.023  -3.628  5.331   1.00 77.79 ? 112 LEU z CG  1 
ATOM   868  C  CD1 . LEU A 1 113 ? 12.131  -3.554  4.326   1.00 77.79 ? 112 LEU z CD1 1 
ATOM   869  C  CD2 . LEU A 1 113 ? 9.822   -4.289  4.724   1.00 77.79 ? 112 LEU z CD2 1 
ATOM   870  N  N   . ARG A 1 114 ? 11.891  -5.602  9.451   1.00 85.74 ? 113 ARG z N   1 
ATOM   871  C  CA  . ARG A 1 114 ? 12.360  -6.756  10.201  1.00 85.74 ? 113 ARG z CA  1 
ATOM   872  C  C   . ARG A 1 114 ? 11.404  -7.181  11.298  1.00 85.74 ? 113 ARG z C   1 
ATOM   873  O  O   . ARG A 1 114 ? 11.776  -8.012  12.129  1.00 85.74 ? 113 ARG z O   1 
ATOM   874  C  CB  . ARG A 1 114 ? 13.730  -6.460  10.796  1.00 85.74 ? 113 ARG z CB  1 
ATOM   875  C  CG  . ARG A 1 114 ? 14.620  -7.667  10.919  1.00 85.74 ? 113 ARG z CG  1 
ATOM   876  C  CD  . ARG A 1 114 ? 15.972  -7.269  11.468  1.00 85.74 ? 113 ARG z CD  1 
ATOM   877  N  NE  . ARG A 1 114 ? 16.485  -6.079  10.800  1.00 85.74 ? 113 ARG z NE  1 
ATOM   878  C  CZ  . ARG A 1 114 ? 17.154  -6.095  9.652   1.00 85.74 ? 113 ARG z CZ  1 
ATOM   879  N  NH1 . ARG A 1 114 ? 17.585  -4.962  9.117   1.00 85.74 ? 113 ARG z NH1 1 
ATOM   880  N  NH2 . ARG A 1 114 ? 17.391  -7.246  9.038   1.00 85.74 ? 113 ARG z NH2 1 
ATOM   881  N  N   . GLU A 1 115 ? 10.198  -6.629  11.336  1.00 86.00 ? 114 GLU z N   1 
ATOM   882  C  CA  . GLU A 1 115 ? 9.200   -7.044  12.305  1.00 86.00 ? 114 GLU z CA  1 
ATOM   883  C  C   . GLU A 1 115 ? 7.858   -7.350  11.656  1.00 86.00 ? 114 GLU z C   1 
ATOM   884  O  O   . GLU A 1 115 ? 6.898   -7.665  12.366  1.00 86.00 ? 114 GLU z O   1 
ATOM   885  C  CB  . GLU A 1 115 ? 9.028   -5.968  13.374  1.00 86.00 ? 114 GLU z CB  1 
ATOM   886  C  CG  . GLU A 1 115 ? 8.857   -4.581  12.797  1.00 86.00 ? 114 GLU z CG  1 
ATOM   887  C  CD  . GLU A 1 115 ? 8.994   -3.495  13.843  1.00 86.00 ? 114 GLU z CD  1 
ATOM   888  O  OE1 . GLU A 1 115 ? 8.811   -3.794  15.041  1.00 86.00 ? 114 GLU z OE1 1 
ATOM   889  O  OE2 . GLU A 1 115 ? 9.289   -2.342  13.464  1.00 86.00 ? 114 GLU z OE2 1 
ATOM   890  N  N   . GLY A 1 116 ? 7.762   -7.257  10.336  1.00 78.62 ? 115 GLY z N   1 
ATOM   891  C  CA  . GLY A 1 116 ? 6.529   -7.558  9.644   1.00 78.62 ? 115 GLY z CA  1 
ATOM   892  C  C   . GLY A 1 116 ? 5.713   -6.298  9.509   1.00 78.62 ? 115 GLY z C   1 
ATOM   893  O  O   . GLY A 1 116 ? 5.129   -5.829  10.485  1.00 78.62 ? 115 GLY z O   1 
ATOM   894  N  N   . ALA A 1 117 ? 5.655   -5.743  8.313   1.00 69.76 ? 116 ALA z N   1 
ATOM   895  C  CA  . ALA A 1 117 ? 5.061   -4.430  8.104   1.00 69.76 ? 116 ALA z CA  1 
ATOM   896  C  C   . ALA A 1 117 ? 3.593   -4.614  7.750   1.00 69.76 ? 116 ALA z C   1 
ATOM   897  O  O   . ALA A 1 117 ? 3.257   -5.126  6.681   1.00 69.76 ? 116 ALA z O   1 
ATOM   898  C  CB  . ALA A 1 117 ? 5.810   -3.668  7.020   1.00 69.76 ? 116 ALA z CB  1 
ATOM   899  N  N   . VAL A 1 118 ? 2.716   -4.217  8.658   1.00 67.80 ? 117 VAL z N   1 
ATOM   900  C  CA  . VAL A 1 118 ? 1.291   -4.143  8.382   1.00 67.80 ? 117 VAL z CA  1 
ATOM   901  C  C   . VAL A 1 118 ? 0.931   -2.684  8.157   1.00 67.80 ? 117 VAL z C   1 
ATOM   902  O  O   . VAL A 1 118 ? 1.458   -1.792  8.829   1.00 67.80 ? 117 VAL z O   1 
ATOM   903  C  CB  . VAL A 1 118 ? 0.463   -4.756  9.522   1.00 67.80 ? 117 VAL z CB  1 
ATOM   904  C  CG1 . VAL A 1 118 ? 0.657   -6.247  9.561   1.00 67.80 ? 117 VAL z CG1 1 
ATOM   905  C  CG2 . VAL A 1 118 ? 0.863   -4.153  10.845  1.00 67.80 ? 117 VAL z CG2 1 
ATOM   906  N  N   . LEU A 1 119 ? 0.067   -2.438  7.187   1.00 66.66 ? 118 LEU z N   1 
ATOM   907  C  CA  . LEU A 1 119 ? -0.443  -1.114  6.877   1.00 66.66 ? 118 LEU z CA  1 
ATOM   908  C  C   . LEU A 1 119 ? -1.956  -1.209  6.983   1.00 66.66 ? 118 LEU z C   1 
ATOM   909  O  O   . LEU A 1 119 ? -2.622  -1.715  6.080   1.00 66.66 ? 118 LEU z O   1 
ATOM   910  C  CB  . LEU A 1 119 ? -0.017  -0.667  5.488   1.00 66.66 ? 118 LEU z CB  1 
ATOM   911  C  CG  . LEU A 1 119 ? 1.336   -0.018  5.227   1.00 66.66 ? 118 LEU z CG  1 
ATOM   912  C  CD1 . LEU A 1 119 ? 2.476   -0.892  5.673   1.00 66.66 ? 118 LEU z CD1 1 
ATOM   913  C  CD2 . LEU A 1 119 ? 1.437   0.260   3.754   1.00 66.66 ? 118 LEU z CD2 1 
ATOM   914  N  N   . GLY A 1 120 ? -2.494  -0.749  8.100   1.00 64.61 ? 119 GLY z N   1 
ATOM   915  C  CA  . GLY A 1 120 ? -3.925  -0.676  8.247   1.00 64.61 ? 119 GLY z CA  1 
ATOM   916  C  C   . GLY A 1 120 ? -4.468  0.573   7.593   1.00 64.61 ? 119 GLY z C   1 
ATOM   917  O  O   . GLY A 1 120 ? -3.737  1.446   7.133   1.00 64.61 ? 119 GLY z O   1 
ATOM   918  N  N   . ALA A 1 121 ? -5.788  0.671   7.578   1.00 64.36 ? 120 ALA z N   1 
ATOM   919  C  CA  . ALA A 1 121 ? -6.458  1.852   7.065   1.00 64.36 ? 120 ALA z CA  1 
ATOM   920  C  C   . ALA A 1 121 ? -7.382  2.424   8.125   1.00 64.36 ? 120 ALA z C   1 
ATOM   921  O  O   . ALA A 1 121 ? -8.069  1.681   8.829   1.00 64.36 ? 120 ALA z O   1 
ATOM   922  C  CB  . ALA A 1 121 ? -7.252  1.539   5.799   1.00 64.36 ? 120 ALA z CB  1 
ATOM   923  N  N   . VAL A 1 122 ? -7.383  3.746   8.245   1.00 65.19 ? 121 VAL z N   1 
ATOM   924  C  CA  . VAL A 1 122 ? -8.381  4.468   9.023   1.00 65.19 ? 121 VAL z CA  1 
ATOM   925  C  C   . VAL A 1 122 ? -9.030  5.492   8.106   1.00 65.19 ? 121 VAL z C   1 
ATOM   926  O  O   . VAL A 1 122 ? -8.348  6.356   7.554   1.00 65.19 ? 121 VAL z O   1 
ATOM   927  C  CB  . VAL A 1 122 ? -7.764  5.139   10.260  1.00 65.19 ? 121 VAL z CB  1 
ATOM   928  C  CG1 . VAL A 1 122 ? -8.761  6.060   10.902  1.00 65.19 ? 121 VAL z CG1 1 
ATOM   929  C  CG2 . VAL A 1 122 ? -7.326  4.092   11.250  1.00 65.19 ? 121 VAL z CG2 1 
ATOM   930  N  N   . MET A 1 123 ? -10.339 5.399   7.940   1.00 67.27 ? 122 MET z N   1 
ATOM   931  C  CA  . MET A 1 123 ? -11.054 6.208   6.966   1.00 67.27 ? 122 MET z CA  1 
ATOM   932  C  C   . MET A 1 123 ? -12.047 7.106   7.682   1.00 67.27 ? 122 MET z C   1 
ATOM   933  O  O   . MET A 1 123 ? -12.901 6.619   8.426   1.00 67.27 ? 122 MET z O   1 
ATOM   934  C  CB  . MET A 1 123 ? -11.771 5.317   5.951   1.00 67.27 ? 122 MET z CB  1 
ATOM   935  C  CG  . MET A 1 123 ? -12.385 6.083   4.810   1.00 67.27 ? 122 MET z CG  1 
ATOM   936  S  SD  . MET A 1 123 ? -13.177 5.043   3.589   1.00 67.27 ? 122 MET z SD  1 
ATOM   937  C  CE  . MET A 1 123 ? -13.463 6.256   2.315   1.00 67.27 ? 122 MET z CE  1 
ATOM   938  N  N   . TYR A 1 124 ? -11.935 8.409   7.458   1.00 66.72 ? 123 TYR z N   1 
ATOM   939  C  CA  . TYR A 1 124 ? -12.919 9.366   7.944   1.00 66.72 ? 123 TYR z CA  1 
ATOM   940  C  C   . TYR A 1 124 ? -13.790 9.804   6.777   1.00 66.72 ? 123 TYR z C   1 
ATOM   941  O  O   . TYR A 1 124 ? -13.278 10.276  5.761   1.00 66.72 ? 123 TYR z O   1 
ATOM   942  C  CB  . TYR A 1 124 ? -12.247 10.569  8.606   1.00 66.72 ? 123 TYR z CB  1 
ATOM   943  C  CG  . TYR A 1 124 ? -11.589 10.225  9.915   1.00 66.72 ? 123 TYR z CG  1 
ATOM   944  C  CD1 . TYR A 1 124 ? -12.347 9.933   11.031  1.00 66.72 ? 123 TYR z CD1 1 
ATOM   945  C  CD2 . TYR A 1 124 ? -10.216 10.178  10.031  1.00 66.72 ? 123 TYR z CD2 1 
ATOM   946  C  CE1 . TYR A 1 124 ? -11.754 9.609   12.224  1.00 66.72 ? 123 TYR z CE1 1 
ATOM   947  C  CE2 . TYR A 1 124 ? -9.617  9.851   11.220  1.00 66.72 ? 123 TYR z CE2 1 
ATOM   948  C  CZ  . TYR A 1 124 ? -10.394 9.565   12.312  1.00 66.72 ? 123 TYR z CZ  1 
ATOM   949  O  OH  . TYR A 1 124 ? -9.807  9.239   13.505  1.00 66.72 ? 123 TYR z OH  1 
ATOM   950  N  N   . TYR A 1 125 ? -15.100 9.645   6.924   1.00 68.07 ? 124 TYR z N   1 
ATOM   951  C  CA  . TYR A 1 125 ? -15.991 9.725   5.781   1.00 68.07 ? 124 TYR z CA  1 
ATOM   952  C  C   . TYR A 1 125 ? -17.225 10.532  6.132   1.00 68.07 ? 124 TYR z C   1 
ATOM   953  O  O   . TYR A 1 125 ? -17.722 10.502  7.265   1.00 68.07 ? 124 TYR z O   1 
ATOM   954  C  CB  . TYR A 1 125 ? -16.416 8.333   5.316   1.00 68.07 ? 124 TYR z CB  1 
ATOM   955  C  CG  . TYR A 1 125 ? -17.350 7.667   6.284   1.00 68.07 ? 124 TYR z CG  1 
ATOM   956  C  CD1 . TYR A 1 125 ? -16.865 6.958   7.357   1.00 68.07 ? 124 TYR z CD1 1 
ATOM   957  C  CD2 . TYR A 1 125 ? -18.722 7.768   6.137   1.00 68.07 ? 124 TYR z CD2 1 
ATOM   958  C  CE1 . TYR A 1 125 ? -17.717 6.365   8.249   1.00 68.07 ? 124 TYR z CE1 1 
ATOM   959  C  CE2 . TYR A 1 125 ? -19.578 7.181   7.030   1.00 68.07 ? 124 TYR z CE2 1 
ATOM   960  C  CZ  . TYR A 1 125 ? -19.071 6.482   8.080   1.00 68.07 ? 124 TYR z CZ  1 
ATOM   961  O  OH  . TYR A 1 125 ? -19.923 5.887   8.970   1.00 68.07 ? 124 TYR z OH  1 
ATOM   962  N  N   . GLU A 1 126 ? -17.726 11.241  5.125   1.00 68.87 ? 125 GLU z N   1 
ATOM   963  C  CA  . GLU A 1 126 ? -19.075 11.798  5.171   1.00 68.87 ? 125 GLU z CA  1 
ATOM   964  C  C   . GLU A 1 126 ? -19.736 11.550  3.830   1.00 68.87 ? 125 GLU z C   1 
ATOM   965  O  O   . GLU A 1 126 ? -19.248 12.024  2.801   1.00 68.87 ? 125 GLU z O   1 
ATOM   966  C  CB  . GLU A 1 126 ? -19.069 13.288  5.492   1.00 68.87 ? 125 GLU z CB  1 
ATOM   967  C  CG  . GLU A 1 126 ? -20.325 13.982  5.033   1.00 68.87 ? 125 GLU z CG  1 
ATOM   968  C  CD  . GLU A 1 126 ? -20.721 15.117  5.931   1.00 68.87 ? 125 GLU z CD  1 
ATOM   969  O  OE1 . GLU A 1 126 ? -19.858 15.584  6.697   1.00 68.87 ? 125 GLU z OE1 1 
ATOM   970  O  OE2 . GLU A 1 126 ? -21.897 15.537  5.877   1.00 68.87 ? 125 GLU z OE2 1 
ATOM   971  N  N   . VAL A 1 127 ? -20.839 10.815  3.839   1.00 66.93 ? 126 VAL z N   1 
ATOM   972  C  CA  . VAL A 1 127 ? -21.528 10.459  2.606   1.00 66.93 ? 126 VAL z CA  1 
ATOM   973  C  C   . VAL A 1 127 ? -22.336 11.652  2.121   1.00 66.93 ? 126 VAL z C   1 
ATOM   974  O  O   . VAL A 1 127 ? -23.079 12.265  2.892   1.00 66.93 ? 126 VAL z O   1 
ATOM   975  C  CB  . VAL A 1 127 ? -22.422 9.231   2.822   1.00 66.93 ? 126 VAL z CB  1 
ATOM   976  C  CG1 . VAL A 1 127 ? -23.234 8.957   1.589   1.00 66.93 ? 126 VAL z CG1 1 
ATOM   977  C  CG2 . VAL A 1 127 ? -21.582 8.028   3.164   1.00 66.93 ? 126 VAL z CG2 1 
ATOM   978  N  N   . LYS A 1 128 ? -22.190 11.984  0.840   1.00 66.28 ? 127 LYS z N   1 
ATOM   979  C  CA  . LYS A 1 128 ? -22.914 13.103  0.256   1.00 66.28 ? 127 LYS z CA  1 
ATOM   980  C  C   . LYS A 1 128 ? -24.404 12.949  0.513   1.00 66.28 ? 127 LYS z C   1 
ATOM   981  O  O   . LYS A 1 128 ? -24.903 11.848  0.754   1.00 66.28 ? 127 LYS z O   1 
ATOM   982  C  CB  . LYS A 1 128 ? -22.641 13.186  -1.244  1.00 66.28 ? 127 LYS z CB  1 
ATOM   983  C  CG  . LYS A 1 128 ? -22.774 14.567  -1.816  1.00 66.28 ? 127 LYS z CG  1 
ATOM   984  C  CD  . LYS A 1 128 ? -22.071 14.674  -3.146  1.00 66.28 ? 127 LYS z CD  1 
ATOM   985  C  CE  . LYS A 1 128 ? -21.822 16.122  -3.492  1.00 66.28 ? 127 LYS z CE  1 
ATOM   986  N  NZ  . LYS A 1 128 ? -21.034 16.274  -4.735  1.00 66.28 ? 127 LYS z NZ  1 
ATOM   987  N  N   . GLU A 1 129 ? -25.122 14.061  0.465   1.00 69.24 ? 128 GLU z N   1 
ATOM   988  C  CA  . GLU A 1 129 ? -26.475 14.077  0.999   1.00 69.24 ? 128 GLU z CA  1 
ATOM   989  C  C   . GLU A 1 129 ? -27.408 13.231  0.147   1.00 69.24 ? 128 GLU z C   1 
ATOM   990  O  O   . GLU A 1 129 ? -27.726 13.595  -0.989  1.00 69.24 ? 128 GLU z O   1 
ATOM   991  C  CB  . GLU A 1 129 ? -26.988 15.506  1.097   1.00 69.24 ? 128 GLU z CB  1 
ATOM   992  C  CG  . GLU A 1 129 ? -28.100 15.650  2.101   1.00 69.24 ? 128 GLU z CG  1 
ATOM   993  C  CD  . GLU A 1 129 ? -27.745 15.033  3.427   1.00 69.24 ? 128 GLU z CD  1 
ATOM   994  O  OE1 . GLU A 1 129 ? -26.635 15.294  3.929   1.00 69.24 ? 128 GLU z OE1 1 
ATOM   995  O  OE2 . GLU A 1 129 ? -28.569 14.274  3.968   1.00 69.24 ? 128 GLU z OE2 1 
ATOM   996  N  N   . GLY A 1 130 ? -27.846 12.105  0.699   1.00 65.12 ? 129 GLY z N   1 
ATOM   997  C  CA  . GLY A 1 130 ? -28.900 11.312  0.110   1.00 65.12 ? 129 GLY z CA  1 
ATOM   998  C  C   . GLY A 1 130 ? -28.453 10.206  -0.811  1.00 65.12 ? 129 GLY z C   1 
ATOM   999  O  O   . GLY A 1 130 ? -29.302 9.573   -1.443  1.00 65.12 ? 129 GLY z O   1 
ATOM   1000 N  N   . VAL A 1 131 ? -27.166 9.946   -0.909  1.00 60.01 ? 130 VAL z N   1 
ATOM   1001 C  CA  . VAL A 1 131 ? -26.649 9.011   -1.895  1.00 60.01 ? 130 VAL z CA  1 
ATOM   1002 C  C   . VAL A 1 131 ? -26.733 7.598   -1.337  1.00 60.01 ? 130 VAL z C   1 
ATOM   1003 O  O   . VAL A 1 131 ? -26.380 7.348   -0.183  1.00 60.01 ? 130 VAL z O   1 
ATOM   1004 C  CB  . VAL A 1 131 ? -25.213 9.379   -2.297  1.00 60.01 ? 130 VAL z CB  1 
ATOM   1005 C  CG1 . VAL A 1 131 ? -24.513 8.195   -2.904  1.00 60.01 ? 130 VAL z CG1 1 
ATOM   1006 C  CG2 . VAL A 1 131 ? -25.239 10.520  -3.289  1.00 60.01 ? 130 VAL z CG2 1 
ATOM   1007 N  N   . LEU A 1 132 ? -27.211 6.675   -2.165  1.00 55.19 ? 131 LEU z N   1 
ATOM   1008 C  CA  . LEU A 1 132 ? -27.461 5.299   -1.770  1.00 55.19 ? 131 LEU z CA  1 
ATOM   1009 C  C   . LEU A 1 132 ? -26.791 4.406   -2.801  1.00 55.19 ? 131 LEU z C   1 
ATOM   1010 O  O   . LEU A 1 132 ? -27.171 4.426   -3.973  1.00 55.19 ? 131 LEU z O   1 
ATOM   1011 C  CB  . LEU A 1 132 ? -28.967 5.035   -1.705  1.00 55.19 ? 131 LEU z CB  1 
ATOM   1012 C  CG  . LEU A 1 132 ? -29.576 4.021   -0.748  1.00 55.19 ? 131 LEU z CG  1 
ATOM   1013 C  CD1 . LEU A 1 132 ? -29.007 4.187   0.638   1.00 55.19 ? 131 LEU z CD1 1 
ATOM   1014 C  CD2 . LEU A 1 132 ? -31.078 4.215   -0.732  1.00 55.19 ? 131 LEU z CD2 1 
ATOM   1015 N  N   . ALA A 1 133 ? -25.783 3.652   -2.379  1.00 53.21 ? 132 ALA z N   1 
ATOM   1016 C  CA  . ALA A 1 133 ? -25.002 2.842   -3.302  1.00 53.21 ? 132 ALA z CA  1 
ATOM   1017 C  C   . ALA A 1 133 ? -24.832 1.458   -2.705  1.00 53.21 ? 132 ALA z C   1 
ATOM   1018 O  O   . ALA A 1 133 ? -25.302 1.176   -1.602  1.00 53.21 ? 132 ALA z O   1 
ATOM   1019 C  CB  . ALA A 1 133 ? -23.641 3.478   -3.600  1.00 53.21 ? 132 ALA z CB  1 
ATOM   1020 N  N   . SER A 1 134 ? -24.171 0.582   -3.454  1.00 53.64 ? 133 SER z N   1 
ATOM   1021 C  CA  . SER A 1 134 ? -23.852 -0.751  -2.963  1.00 53.64 ? 133 SER z CA  1 
ATOM   1022 C  C   . SER A 1 134 ? -22.554 -1.231  -3.584  1.00 53.64 ? 133 SER z C   1 
ATOM   1023 O  O   . SER A 1 134 ? -22.389 -1.181  -4.804  1.00 53.64 ? 133 SER z O   1 
ATOM   1024 C  CB  . SER A 1 134 ? -24.973 -1.746  -3.265  1.00 53.64 ? 133 SER z CB  1 
ATOM   1025 O  OG  . SER A 1 134 ? -25.955 -1.721  -2.251  1.00 53.64 ? 133 SER z OG  1 
ATOM   1026 N  N   . ARG A 1 135 ? -21.637 -1.686  -2.733  1.00 55.20 ? 134 ARG z N   1 
ATOM   1027 C  CA  . ARG A 1 135 ? -20.392 -2.328  -3.153  1.00 55.20 ? 134 ARG z CA  1 
ATOM   1028 C  C   . ARG A 1 135 ? -19.568 -1.415  -4.052  1.00 55.20 ? 134 ARG z C   1 
ATOM   1029 O  O   . ARG A 1 135 ? -19.131 -1.801  -5.135  1.00 55.20 ? 134 ARG z O   1 
ATOM   1030 C  CB  . ARG A 1 135 ? -20.668 -3.662  -3.837  1.00 55.20 ? 134 ARG z CB  1 
ATOM   1031 C  CG  . ARG A 1 135 ? -21.685 -4.506  -3.111  1.00 55.20 ? 134 ARG z CG  1 
ATOM   1032 C  CD  . ARG A 1 135 ? -21.296 -4.695  -1.673  1.00 55.20 ? 134 ARG z CD  1 
ATOM   1033 N  NE  . ARG A 1 135 ? -20.091 -5.496  -1.553  1.00 55.20 ? 134 ARG z NE  1 
ATOM   1034 C  CZ  . ARG A 1 135 ? -20.099 -6.812  -1.418  1.00 55.20 ? 134 ARG z CZ  1 
ATOM   1035 N  NH1 . ARG A 1 135 ? -18.960 -7.477  -1.312  1.00 55.20 ? 134 ARG z NH1 1 
ATOM   1036 N  NH2 . ARG A 1 135 ? -21.249 -7.461  -1.386  1.00 55.20 ? 134 ARG z NH2 1 
ATOM   1037 N  N   . LEU A 1 136 ? -19.364 -0.194  -3.595  1.00 54.92 ? 135 LEU z N   1 
ATOM   1038 C  CA  . LEU A 1 136 ? -18.527 0.736   -4.326  1.00 54.92 ? 135 LEU z CA  1 
ATOM   1039 C  C   . LEU A 1 136 ? -17.068 0.296   -4.242  1.00 54.92 ? 135 LEU z C   1 
ATOM   1040 O  O   . LEU A 1 136 ? -16.611 -0.148  -3.186  1.00 54.92 ? 135 LEU z O   1 
ATOM   1041 C  CB  . LEU A 1 136 ? -18.699 2.139   -3.754  1.00 54.92 ? 135 LEU z CB  1 
ATOM   1042 C  CG  . LEU A 1 136 ? -18.554 3.364   -4.645  1.00 54.92 ? 135 LEU z CG  1 
ATOM   1043 C  CD1 . LEU A 1 136 ? -19.144 4.534   -3.928  1.00 54.92 ? 135 LEU z CD1 1 
ATOM   1044 C  CD2 . LEU A 1 136 ? -17.115 3.644   -4.937  1.00 54.92 ? 135 LEU z CD2 1 
ATOM   1045 N  N   . PRO A 1 137 ? -16.320 0.379   -5.337  1.00 59.83 ? 136 PRO z N   1 
ATOM   1046 C  CA  . PRO A 1 137 ? -14.915 -0.027  -5.318  1.00 59.83 ? 136 PRO z CA  1 
ATOM   1047 C  C   . PRO A 1 137 ? -13.978 1.096   -4.906  1.00 59.83 ? 136 PRO z C   1 
ATOM   1048 O  O   . PRO A 1 137 ? -14.199 2.273   -5.187  1.00 59.83 ? 136 PRO z O   1 
ATOM   1049 C  CB  . PRO A 1 137 ? -14.668 -0.418  -6.778  1.00 59.83 ? 136 PRO z CB  1 
ATOM   1050 C  CG  . PRO A 1 137 ? -15.506 0.544   -7.522  1.00 59.83 ? 136 PRO z CG  1 
ATOM   1051 C  CD  . PRO A 1 137 ? -16.769 0.679   -6.705  1.00 59.83 ? 136 PRO z CD  1 
ATOM   1052 N  N   . LEU A 1 138 ? -12.903 0.705   -4.235  1.00 63.25 ? 137 LEU z N   1 
ATOM   1053 C  CA  . LEU A 1 138 ? -11.829 1.617   -3.859  1.00 63.25 ? 137 LEU z CA  1 
ATOM   1054 C  C   . LEU A 1 138 ? -10.514 0.931   -4.201  1.00 63.25 ? 137 LEU z C   1 
ATOM   1055 O  O   . LEU A 1 138 ? -10.189 -0.110  -3.622  1.00 63.25 ? 137 LEU z O   1 
ATOM   1056 C  CB  . LEU A 1 138 ? -11.901 1.969   -2.375  1.00 63.25 ? 137 LEU z CB  1 
ATOM   1057 C  CG  . LEU A 1 138 ? -13.182 2.640   -1.884  1.00 63.25 ? 137 LEU z CG  1 
ATOM   1058 C  CD1 . LEU A 1 138 ? -13.326 2.494   -0.392  1.00 63.25 ? 137 LEU z CD1 1 
ATOM   1059 C  CD2 . LEU A 1 138 ? -13.184 4.094   -2.252  1.00 63.25 ? 137 LEU z CD2 1 
ATOM   1060 N  N   . VAL A 1 139 ? -9.761  1.500   -5.138  1.00 64.00 ? 138 VAL z N   1 
ATOM   1061 C  CA  . VAL A 1 139 ? -8.590  0.844   -5.708  1.00 64.00 ? 138 VAL z CA  1 
ATOM   1062 C  C   . VAL A 1 139 ? -7.376  1.752   -5.577  1.00 64.00 ? 138 VAL z C   1 
ATOM   1063 O  O   . VAL A 1 139 ? -7.390  2.889   -6.061  1.00 64.00 ? 138 VAL z O   1 
ATOM   1064 C  CB  . VAL A 1 139 ? -8.818  0.471   -7.179  1.00 64.00 ? 138 VAL z CB  1 
ATOM   1065 C  CG1 . VAL A 1 139 ? -7.573  -0.155  -7.745  1.00 64.00 ? 138 VAL z CG1 1 
ATOM   1066 C  CG2 . VAL A 1 139 ? -9.982  -0.474  -7.292  1.00 64.00 ? 138 VAL z CG2 1 
ATOM   1067 N  N   . PHE A 1 140 ? -6.320  1.236   -4.953  1.00 64.12 ? 139 PHE z N   1 
ATOM   1068 C  CA  . PHE A 1 140 ? -5.100  1.988   -4.701  1.00 64.12 ? 139 PHE z CA  1 
ATOM   1069 C  C   . PHE A 1 140 ? -3.920  1.296   -5.364  1.00 64.12 ? 139 PHE z C   1 
ATOM   1070 O  O   . PHE A 1 140 ? -3.707  0.097   -5.171  1.00 64.12 ? 139 PHE z O   1 
ATOM   1071 C  CB  . PHE A 1 140 ? -4.835  2.133   -3.202  1.00 64.12 ? 139 PHE z CB  1 
ATOM   1072 C  CG  . PHE A 1 140 ? -5.984  2.700   -2.437  1.00 64.12 ? 139 PHE z CG  1 
ATOM   1073 C  CD1 . PHE A 1 140 ? -6.272  4.043   -2.489  1.00 64.12 ? 139 PHE z CD1 1 
ATOM   1074 C  CD2 . PHE A 1 140 ? -6.771  1.889   -1.658  1.00 64.12 ? 139 PHE z CD2 1 
ATOM   1075 C  CE1 . PHE A 1 140 ? -7.328  4.557   -1.783  1.00 64.12 ? 139 PHE z CE1 1 
ATOM   1076 C  CE2 . PHE A 1 140 ? -7.824  2.401   -0.946  1.00 64.12 ? 139 PHE z CE2 1 
ATOM   1077 C  CZ  . PHE A 1 140 ? -8.104  3.732   -1.011  1.00 64.12 ? 139 PHE z CZ  1 
ATOM   1078 N  N   . LYS A 1 141 ? -3.148  2.063   -6.123  1.00 63.07 ? 140 LYS z N   1 
ATOM   1079 C  CA  . LYS A 1 141 ? -2.011  1.546   -6.869  1.00 63.07 ? 140 LYS z CA  1 
ATOM   1080 C  C   . LYS A 1 141 ? -0.761  1.622   -6.003  1.00 63.07 ? 140 LYS z C   1 
ATOM   1081 O  O   . LYS A 1 141 ? -0.369  2.707   -5.569  1.00 63.07 ? 140 LYS z O   1 
ATOM   1082 C  CB  . LYS A 1 141 ? -1.824  2.342   -8.157  1.00 63.07 ? 140 LYS z CB  1 
ATOM   1083 C  CG  . LYS A 1 141 ? -0.670  1.888   -9.006  1.00 63.07 ? 140 LYS z CG  1 
ATOM   1084 C  CD  . LYS A 1 141 ? -0.595  2.683   -10.288 1.00 63.07 ? 140 LYS z CD  1 
ATOM   1085 C  CE  . LYS A 1 141 ? -0.344  4.137   -10.004 1.00 63.07 ? 140 LYS z CE  1 
ATOM   1086 N  NZ  . LYS A 1 141 ? -0.230  4.909   -11.255 1.00 63.07 ? 140 LYS z NZ  1 
ATOM   1087 N  N   . VAL A 1 142 ? -0.136  0.478   -5.758  1.00 61.61 ? 141 VAL z N   1 
ATOM   1088 C  CA  . VAL A 1 142 ? 1.086   0.404   -4.971  1.00 61.61 ? 141 VAL z CA  1 
ATOM   1089 C  C   . VAL A 1 142 ? 2.257   0.286   -5.934  1.00 61.61 ? 141 VAL z C   1 
ATOM   1090 O  O   . VAL A 1 142 ? 2.429   -0.746  -6.591  1.00 61.61 ? 141 VAL z O   1 
ATOM   1091 C  CB  . VAL A 1 142 ? 1.059   -0.774  -3.986  1.00 61.61 ? 141 VAL z CB  1 
ATOM   1092 C  CG1 . VAL A 1 142 ? 2.305   -0.782  -3.142  1.00 61.61 ? 141 VAL z CG1 1 
ATOM   1093 C  CG2 . VAL A 1 142 ? -0.165  -0.704  -3.102  1.00 61.61 ? 141 VAL z CG2 1 
ATOM   1094 N  N   . ARG A 1 143 ? 3.059   1.337   -6.019  1.00 58.94 ? 142 ARG z N   1 
ATOM   1095 C  CA  . ARG A 1 143 ? 4.272   1.342   -6.820  1.00 58.94 ? 142 ARG z CA  1 
ATOM   1096 C  C   . ARG A 1 143 ? 5.468   1.227   -5.896  1.00 58.94 ? 142 ARG z C   1 
ATOM   1097 O  O   . ARG A 1 143 ? 5.600   2.010   -4.952  1.00 58.94 ? 142 ARG z O   1 
ATOM   1098 C  CB  . ARG A 1 143 ? 4.397   2.620   -7.646  1.00 58.94 ? 142 ARG z CB  1 
ATOM   1099 C  CG  . ARG A 1 143 ? 3.642   2.617   -8.932  1.00 58.94 ? 142 ARG z CG  1 
ATOM   1100 C  CD  . ARG A 1 143 ? 3.867   3.914   -9.666  1.00 58.94 ? 142 ARG z CD  1 
ATOM   1101 N  NE  . ARG A 1 143 ? 5.282   4.235   -9.763  1.00 58.94 ? 142 ARG z NE  1 
ATOM   1102 C  CZ  . ARG A 1 143 ? 6.078   3.789   -10.721 1.00 58.94 ? 142 ARG z CZ  1 
ATOM   1103 N  NH1 . ARG A 1 143 ? 7.353   4.128   -10.738 1.00 58.94 ? 142 ARG z NH1 1 
ATOM   1104 N  NH2 . ARG A 1 143 ? 5.596   3.004   -11.666 1.00 58.94 ? 142 ARG z NH2 1 
ATOM   1105 N  N   . VAL A 1 144 ? 6.332   0.260   -6.162  1.00 56.31 ? 143 VAL z N   1 
ATOM   1106 C  CA  . VAL A 1 144 ? 7.624   0.179   -5.492  1.00 56.31 ? 143 VAL z CA  1 
ATOM   1107 C  C   . VAL A 1 144 ? 8.599   1.011   -6.316  1.00 56.31 ? 143 VAL z C   1 
ATOM   1108 O  O   . VAL A 1 144 ? 9.025   0.596   -7.395  1.00 56.31 ? 143 VAL z O   1 
ATOM   1109 C  CB  . VAL A 1 144 ? 8.094   -1.269  -5.347  1.00 56.31 ? 143 VAL z CB  1 
ATOM   1110 C  CG1 . VAL A 1 144 ? 9.438   -1.326  -4.669  1.00 56.31 ? 143 VAL z CG1 1 
ATOM   1111 C  CG2 . VAL A 1 144 ? 7.082   -2.065  -4.563  1.00 56.31 ? 143 VAL z CG2 1 
ATOM   1112 N  N   . VAL A 1 145 ? 8.934   2.198   -5.824  1.00 59.29 ? 144 VAL z N   1 
ATOM   1113 C  CA  . VAL A 1 145 ? 9.753   3.115   -6.605  1.00 59.29 ? 144 VAL z CA  1 
ATOM   1114 C  C   . VAL A 1 145 ? 11.237  2.865   -6.380  1.00 59.29 ? 144 VAL z C   1 
ATOM   1115 O  O   . VAL A 1 145 ? 12.012  2.840   -7.336  1.00 59.29 ? 144 VAL z O   1 
ATOM   1116 C  CB  . VAL A 1 145 ? 9.375   4.577   -6.303  1.00 59.29 ? 144 VAL z CB  1 
ATOM   1117 C  CG1 . VAL A 1 145 ? 9.900   5.483   -7.388  1.00 59.29 ? 144 VAL z CG1 1 
ATOM   1118 C  CG2 . VAL A 1 145 ? 7.886   4.723   -6.211  1.00 59.29 ? 144 VAL z CG2 1 
ATOM   1119 N  N   . GLU A 1 146 ? 11.618  2.601   -5.156  1.00 60.39 ? 145 GLU z N   1 
ATOM   1120 C  CA  . GLU A 1 146 ? 13.019  2.419   -4.940  1.00 60.39 ? 145 GLU z CA  1 
ATOM   1121 C  C   . GLU A 1 146 ? 13.258  1.462   -3.824  1.00 60.39 ? 145 GLU z C   1 
ATOM   1122 O  O   . GLU A 1 146 ? 12.808  1.683   -2.711  1.00 60.39 ? 145 GLU z O   1 
ATOM   1123 C  CB  . GLU A 1 146 ? 13.641  3.760   -4.615  1.00 60.39 ? 145 GLU z CB  1 
ATOM   1124 C  CG  . GLU A 1 146 ? 14.322  4.438   -5.777  1.00 60.39 ? 145 GLU z CG  1 
ATOM   1125 C  CD  . GLU A 1 146 ? 14.510  5.909   -5.518  1.00 60.39 ? 145 GLU z CD  1 
ATOM   1126 O  OE1 . GLU A 1 146 ? 15.052  6.251   -4.452  1.00 60.39 ? 145 GLU z OE1 1 
ATOM   1127 O  OE2 . GLU A 1 146 ? 14.109  6.720   -6.372  1.00 60.39 ? 145 GLU z OE2 1 
ATOM   1128 N  N   . THR A 1 147 ? 13.940  0.376   -4.099  1.00 62.24 ? 146 THR z N   1 
ATOM   1129 C  CA  . THR A 1 147 ? 14.281  -0.511  -3.011  1.00 62.24 ? 146 THR z CA  1 
ATOM   1130 C  C   . THR A 1 147 ? 15.784  -0.650  -2.903  1.00 62.24 ? 146 THR z C   1 
ATOM   1131 O  O   . THR A 1 147 ? 16.518  -0.287  -3.820  1.00 62.24 ? 146 THR z O   1 
ATOM   1132 C  CB  . THR A 1 147 ? 13.634  -1.878  -3.177  1.00 62.24 ? 146 THR z CB  1 
ATOM   1133 O  OG1 . THR A 1 147 ? 14.020  -2.714  -2.081  1.00 62.24 ? 146 THR z OG1 1 
ATOM   1134 C  CG2 . THR A 1 147 ? 14.081  -2.514  -4.471  1.00 62.24 ? 146 THR z CG2 1 
ATOM   1135 N  N   . GLY A 1 148 ? 16.253  -1.162  -1.779  1.00 68.05 ? 147 GLY z N   1 
ATOM   1136 C  CA  . GLY A 1 148 ? 17.679  -1.273  -1.571  1.00 68.05 ? 147 GLY z CA  1 
ATOM   1137 C  C   . GLY A 1 148 ? 18.050  -2.414  -0.655  1.00 68.05 ? 147 GLY z C   1 
ATOM   1138 O  O   . GLY A 1 148 ? 19.194  -2.609  -0.273  1.00 68.05 ? 147 GLY z O   1 
ATOM   1139 O  OXT . GLY A 1 148 ? 17.227  -3.207  -0.266  1.00 68.05 ? 147 GLY z OXT 1 
HETATM 1140 CA CA  . CA  B 2 .   ? 11.972  3.725   10.886  1.00 96.83 ? 201 CA  z CA  1 
HETATM 1141 CA CA  . CA  C 2 .   ? 20.125  -5.484  0.391   1.00 61.98 ? 202 CA  z CA  1 
HETATM 1142 CA CA  . CA  D 2 .   ? 17.877  0.242   -5.761  1.00 96.83 ? 203 CA  z CA  1 
# 
